data_2R65
#
_entry.id   2R65
#
_cell.length_a   110.471
_cell.length_b   219.485
_cell.length_c   146.692
_cell.angle_alpha   90.00
_cell.angle_beta   90.00
_cell.angle_gamma   90.00
#
_symmetry.space_group_name_H-M   'C 2 2 21'
#
loop_
_entity.id
_entity.type
_entity.pdbx_description
1 polymer 'Cell division protease ftsH homolog'
2 non-polymer "ADENOSINE-5'-DIPHOSPHATE"
#
_entity_poly.entity_id   1
_entity_poly.type   'polypeptide(L)'
_entity_poly.pdbx_seq_one_letter_code
;INAEKPNVRFKDMAGNEEAKEEVVEIVDFLKYPERYANLGAKIPKGVLLVGPPGTGKTLLAKAVAGEAHVPFFSMGGSSF
IEMFVGLGASRVRDLFETAKKQAPSIIFIDEIDAIGKSRAAGGVVSGNDEREQTLNQLLAEMDGFGSENAPVIVLAATNR
PEILDPALMRPGRFDRQVLVDKPDFNGRVEILKVHIKGVKLANDVNLQEVAKLTAGLAGADLANIINEAALLAGRNNQKE
VRQQHLKEAVERGIAGLEKKLEHHHHHH
;
_entity_poly.pdbx_strand_id   A,B,C,D,E
#
loop_
_chem_comp.id
_chem_comp.type
_chem_comp.name
_chem_comp.formula
ADP non-polymer ADENOSINE-5'-DIPHOSPHATE 'C10 H15 N5 O10 P2'
#
# COMPACT_ATOMS: atom_id res chain seq x y z
N ILE A 1 -56.12 -29.21 21.57
CA ILE A 1 -55.32 -29.10 20.30
C ILE A 1 -54.48 -27.81 20.25
N ASN A 2 -55.13 -26.68 20.01
CA ASN A 2 -54.48 -25.38 19.87
C ASN A 2 -55.38 -24.20 20.27
N ALA A 3 -55.40 -23.89 21.58
CA ALA A 3 -56.09 -22.69 22.09
C ALA A 3 -55.92 -22.66 23.59
N GLU A 4 -55.48 -21.51 24.11
CA GLU A 4 -55.27 -21.31 25.55
C GLU A 4 -55.16 -19.84 25.88
N LYS A 5 -56.29 -19.20 26.11
CA LYS A 5 -56.37 -17.78 26.43
C LYS A 5 -55.76 -17.50 27.81
N PRO A 6 -54.86 -16.49 27.90
CA PRO A 6 -54.19 -16.32 29.18
C PRO A 6 -55.01 -15.43 30.10
N ASN A 7 -54.88 -15.68 31.39
CA ASN A 7 -55.58 -14.93 32.45
C ASN A 7 -54.59 -14.07 33.26
N VAL A 8 -53.29 -14.24 32.96
CA VAL A 8 -52.25 -13.33 33.42
C VAL A 8 -52.61 -11.93 32.93
N ARG A 9 -52.23 -10.90 33.70
CA ARG A 9 -52.29 -9.53 33.19
C ARG A 9 -51.05 -8.79 33.67
N PHE A 10 -50.74 -7.65 33.08
CA PHE A 10 -49.48 -6.98 33.37
C PHE A 10 -49.12 -6.94 34.85
N LYS A 11 -50.11 -6.80 35.74
CA LYS A 11 -49.80 -6.62 37.16
C LYS A 11 -48.98 -7.77 37.70
N ASP A 12 -49.38 -8.98 37.32
CA ASP A 12 -48.72 -10.20 37.81
C ASP A 12 -47.19 -10.18 37.75
N MET A 13 -46.66 -9.27 36.94
CA MET A 13 -45.24 -9.11 36.81
C MET A 13 -44.83 -7.88 37.61
N ALA A 14 -43.75 -8.02 38.37
CA ALA A 14 -43.24 -6.94 39.23
C ALA A 14 -41.85 -6.53 38.81
N GLY A 15 -41.57 -5.23 38.97
CA GLY A 15 -40.41 -4.62 38.33
C GLY A 15 -40.66 -4.55 36.83
N ASN A 16 -39.60 -4.26 36.07
CA ASN A 16 -39.67 -4.31 34.61
C ASN A 16 -40.68 -3.36 33.97
N GLU A 17 -41.14 -2.36 34.72
CA GLU A 17 -42.13 -1.42 34.20
C GLU A 17 -41.63 -0.74 32.92
N GLU A 18 -40.31 -0.52 32.82
CA GLU A 18 -39.74 -0.05 31.55
C GLU A 18 -39.82 -1.17 30.52
N ALA A 19 -39.28 -2.35 30.86
CA ALA A 19 -39.34 -3.52 30.00
C ALA A 19 -40.72 -3.70 29.39
N LYS A 20 -41.77 -3.46 30.19
CA LYS A 20 -43.11 -3.69 29.68
C LYS A 20 -43.67 -2.55 28.84
N GLU A 21 -43.24 -1.31 29.11
CA GLU A 21 -43.60 -0.19 28.24
C GLU A 21 -43.30 -0.61 26.80
N GLU A 22 -42.16 -1.30 26.68
CA GLU A 22 -41.60 -1.71 25.40
C GLU A 22 -42.49 -2.71 24.68
N VAL A 23 -43.46 -3.29 25.40
CA VAL A 23 -44.40 -4.24 24.80
C VAL A 23 -45.85 -3.73 24.84
N VAL A 24 -46.04 -2.49 25.28
CA VAL A 24 -47.38 -1.93 25.33
C VAL A 24 -47.94 -1.76 23.92
N GLU A 25 -47.12 -1.22 23.02
CA GLU A 25 -47.46 -1.15 21.60
C GLU A 25 -48.09 -2.48 21.19
N ILE A 26 -47.36 -3.58 21.40
CA ILE A 26 -47.81 -4.94 21.00
C ILE A 26 -49.26 -5.19 21.41
N VAL A 27 -49.70 -4.62 22.52
CA VAL A 27 -51.08 -4.87 22.94
C VAL A 27 -52.04 -4.02 22.09
N ASP A 28 -51.70 -2.75 21.88
CA ASP A 28 -52.56 -1.91 21.06
C ASP A 28 -52.59 -2.42 19.62
N PHE A 29 -51.60 -3.23 19.23
CA PHE A 29 -51.57 -3.85 17.92
C PHE A 29 -52.56 -4.99 17.80
N LEU A 30 -52.85 -5.64 18.91
CA LEU A 30 -53.78 -6.77 18.89
C LEU A 30 -55.21 -6.33 19.28
N LYS A 31 -55.30 -5.23 20.01
CA LYS A 31 -56.60 -4.78 20.50
C LYS A 31 -57.36 -4.05 19.41
N TYR A 32 -56.70 -3.06 18.80
CA TYR A 32 -57.32 -2.27 17.75
C TYR A 32 -56.45 -2.39 16.50
N PRO A 33 -56.57 -3.52 15.79
CA PRO A 33 -55.61 -3.75 14.72
C PRO A 33 -56.07 -3.07 13.43
N GLU A 34 -57.38 -2.83 13.34
CA GLU A 34 -58.01 -2.14 12.21
C GLU A 34 -57.55 -0.67 12.14
N ARG A 35 -57.21 -0.11 13.30
CA ARG A 35 -56.78 1.28 13.41
C ARG A 35 -55.46 1.58 12.68
N TYR A 36 -54.72 0.53 12.37
CA TYR A 36 -53.49 0.69 11.62
C TYR A 36 -53.71 0.30 10.15
N ALA A 37 -54.59 -0.67 9.92
CA ALA A 37 -54.99 -1.09 8.56
C ALA A 37 -55.74 0.05 7.85
N ASN A 38 -56.65 0.68 8.58
CA ASN A 38 -57.38 1.84 8.12
C ASN A 38 -56.54 3.11 8.22
N LEU A 39 -55.26 3.03 7.87
CA LEU A 39 -54.31 4.14 8.05
C LEU A 39 -52.99 3.78 7.40
N GLY A 40 -52.82 2.49 7.12
CA GLY A 40 -51.66 1.98 6.40
C GLY A 40 -50.42 2.08 7.23
N ALA A 41 -50.33 1.20 8.24
CA ALA A 41 -49.10 1.04 9.01
C ALA A 41 -48.39 -0.24 8.56
N LYS A 42 -47.78 -0.97 9.49
CA LYS A 42 -47.13 -2.25 9.22
C LYS A 42 -46.72 -2.84 10.56
N ILE A 43 -47.68 -3.42 11.27
CA ILE A 43 -47.40 -3.96 12.59
C ILE A 43 -46.20 -4.91 12.49
N PRO A 44 -45.20 -4.73 13.37
CA PRO A 44 -44.07 -5.65 13.41
C PRO A 44 -44.59 -7.05 13.58
N LYS A 45 -43.74 -8.03 13.32
CA LYS A 45 -44.17 -9.42 13.35
C LYS A 45 -43.14 -10.20 14.11
N GLY A 46 -43.17 -10.07 15.42
CA GLY A 46 -42.20 -10.75 16.26
C GLY A 46 -41.25 -9.83 17.01
N VAL A 47 -41.43 -9.82 18.34
CA VAL A 47 -40.55 -9.14 19.29
C VAL A 47 -39.74 -10.19 20.03
N LEU A 48 -38.44 -9.97 20.13
CA LEU A 48 -37.57 -10.84 20.95
C LEU A 48 -37.60 -10.43 22.43
N LEU A 49 -37.19 -11.36 23.29
CA LEU A 49 -37.11 -11.17 24.74
C LEU A 49 -35.80 -11.79 25.23
N VAL A 50 -35.00 -11.02 25.97
CA VAL A 50 -33.71 -11.56 26.42
C VAL A 50 -33.39 -11.21 27.87
N GLY A 51 -33.16 -12.28 28.64
CA GLY A 51 -32.69 -12.22 30.03
C GLY A 51 -32.26 -13.60 30.55
N PRO A 52 -31.69 -13.64 31.78
CA PRO A 52 -31.39 -14.88 32.51
C PRO A 52 -32.64 -15.73 32.73
N PRO A 53 -32.48 -16.98 33.19
CA PRO A 53 -33.61 -17.88 33.48
C PRO A 53 -34.65 -17.33 34.46
N GLY A 54 -35.91 -17.74 34.26
CA GLY A 54 -37.03 -17.44 35.16
C GLY A 54 -37.16 -16.00 35.62
N THR A 55 -37.66 -15.13 34.74
CA THR A 55 -37.55 -13.69 34.94
C THR A 55 -38.70 -12.94 34.31
N GLY A 56 -39.48 -13.63 33.49
CA GLY A 56 -40.72 -13.06 32.99
C GLY A 56 -40.85 -13.20 31.50
N LYS A 57 -39.73 -13.48 30.83
CA LYS A 57 -39.71 -13.69 29.38
C LYS A 57 -41.01 -14.39 28.98
N THR A 58 -41.37 -15.48 29.67
CA THR A 58 -42.62 -16.15 29.37
C THR A 58 -43.80 -15.36 29.89
N LEU A 59 -43.76 -15.03 31.17
CA LEU A 59 -44.87 -14.35 31.85
C LEU A 59 -45.29 -13.08 31.11
N LEU A 60 -44.29 -12.33 30.66
CA LEU A 60 -44.53 -11.07 29.98
C LEU A 60 -45.26 -11.33 28.68
N ALA A 61 -44.76 -12.27 27.88
CA ALA A 61 -45.47 -12.74 26.67
C ALA A 61 -46.96 -12.99 26.96
N LYS A 62 -47.23 -13.89 27.91
CA LYS A 62 -48.58 -14.19 28.38
C LYS A 62 -49.35 -12.99 28.92
N ALA A 63 -48.64 -12.01 29.45
CA ALA A 63 -49.32 -10.84 29.97
C ALA A 63 -49.92 -10.09 28.82
N VAL A 64 -49.08 -9.86 27.81
CA VAL A 64 -49.46 -9.19 26.54
C VAL A 64 -50.69 -9.84 25.90
N ALA A 65 -50.53 -11.08 25.46
CA ALA A 65 -51.67 -11.88 25.10
C ALA A 65 -52.87 -11.58 26.04
N GLY A 66 -52.67 -11.79 27.34
CA GLY A 66 -53.75 -11.71 28.34
C GLY A 66 -54.48 -10.37 28.42
N GLU A 67 -53.72 -9.27 28.41
CA GLU A 67 -54.32 -7.95 28.44
C GLU A 67 -55.16 -7.72 27.21
N ALA A 68 -54.59 -8.12 26.06
CA ALA A 68 -55.21 -7.95 24.74
C ALA A 68 -56.46 -8.82 24.53
N HIS A 69 -56.57 -9.88 25.33
CA HIS A 69 -57.70 -10.84 25.30
C HIS A 69 -57.56 -11.81 24.13
N VAL A 70 -56.37 -11.80 23.54
CA VAL A 70 -56.11 -12.63 22.37
C VAL A 70 -55.43 -13.96 22.75
N PRO A 71 -55.78 -15.06 22.05
CA PRO A 71 -55.18 -16.38 22.27
C PRO A 71 -53.66 -16.38 22.38
N PHE A 72 -53.10 -17.41 22.99
CA PHE A 72 -51.68 -17.50 23.17
C PHE A 72 -51.25 -18.90 22.78
N PHE A 73 -50.15 -19.01 22.05
CA PHE A 73 -49.67 -20.30 21.55
C PHE A 73 -48.22 -20.52 21.93
N SER A 74 -47.97 -21.63 22.60
CA SER A 74 -46.65 -21.96 23.09
C SER A 74 -45.89 -22.74 22.04
N MET A 75 -44.56 -22.68 22.09
CA MET A 75 -43.70 -23.51 21.25
C MET A 75 -42.61 -24.17 22.09
N GLY A 76 -42.69 -25.49 22.19
CA GLY A 76 -41.67 -26.28 22.89
C GLY A 76 -40.31 -25.98 22.32
N GLY A 77 -39.52 -25.22 23.07
CA GLY A 77 -38.14 -24.93 22.69
C GLY A 77 -37.30 -26.19 22.58
N SER A 78 -37.34 -27.01 23.64
CA SER A 78 -36.53 -28.22 23.72
C SER A 78 -37.25 -29.45 23.12
N SER A 79 -38.41 -29.20 22.52
CA SER A 79 -39.23 -30.27 21.94
C SER A 79 -38.73 -30.69 20.56
N PHE A 80 -38.18 -29.73 19.81
CA PHE A 80 -37.63 -29.98 18.47
C PHE A 80 -36.11 -30.16 18.49
N ILE A 81 -35.62 -30.80 19.56
CA ILE A 81 -34.21 -31.23 19.65
C ILE A 81 -34.09 -32.70 20.15
N GLU A 82 -35.25 -33.34 20.34
CA GLU A 82 -35.35 -34.76 20.72
C GLU A 82 -36.01 -35.65 19.66
N MET A 83 -36.33 -35.07 18.51
CA MET A 83 -36.92 -35.80 17.37
C MET A 83 -35.81 -36.46 16.55
N PHE A 84 -36.21 -37.19 15.48
CA PHE A 84 -35.24 -37.81 14.56
C PHE A 84 -35.39 -37.24 13.14
N VAL A 85 -34.78 -37.92 12.16
CA VAL A 85 -34.68 -37.49 10.76
C VAL A 85 -36.04 -37.35 10.01
N GLY A 86 -37.10 -37.93 10.59
CA GLY A 86 -38.43 -37.94 9.96
C GLY A 86 -39.43 -36.93 10.53
N LEU A 87 -40.43 -37.43 11.24
CA LEU A 87 -41.59 -36.65 11.71
C LEU A 87 -41.23 -35.44 12.60
N GLY A 88 -41.05 -34.26 11.99
CA GLY A 88 -40.68 -33.04 12.75
C GLY A 88 -40.91 -31.70 12.05
N ALA A 89 -40.82 -30.61 12.83
CA ALA A 89 -40.91 -29.23 12.33
C ALA A 89 -42.26 -28.82 11.73
N SER A 90 -43.21 -29.77 11.66
CA SER A 90 -44.55 -29.49 11.13
C SER A 90 -45.43 -28.82 12.18
N ARG A 91 -45.02 -28.91 13.45
CA ARG A 91 -45.68 -28.20 14.55
C ARG A 91 -45.49 -26.70 14.40
N VAL A 92 -44.51 -26.31 13.58
CA VAL A 92 -44.31 -24.91 13.23
C VAL A 92 -45.33 -24.56 12.14
N ARG A 93 -45.38 -25.40 11.12
CA ARG A 93 -46.26 -25.19 9.96
C ARG A 93 -47.75 -25.29 10.32
N ASP A 94 -48.02 -25.66 11.57
CA ASP A 94 -49.40 -25.77 12.01
C ASP A 94 -49.70 -24.81 13.16
N LEU A 95 -48.65 -24.43 13.89
CA LEU A 95 -48.80 -23.50 15.00
C LEU A 95 -49.31 -22.15 14.48
N PHE A 96 -48.75 -21.72 13.35
CA PHE A 96 -49.19 -20.48 12.68
C PHE A 96 -50.53 -20.69 11.98
N GLU A 97 -50.75 -21.91 11.49
CA GLU A 97 -51.98 -22.31 10.81
C GLU A 97 -53.17 -22.05 11.73
N THR A 98 -52.99 -22.42 13.00
CA THR A 98 -54.01 -22.22 14.02
C THR A 98 -54.02 -20.78 14.53
N ALA A 99 -52.85 -20.16 14.53
CA ALA A 99 -52.71 -18.77 14.94
C ALA A 99 -53.41 -17.84 13.96
N LYS A 100 -53.15 -18.05 12.67
CA LYS A 100 -53.73 -17.27 11.60
C LYS A 100 -55.26 -17.36 11.55
N LYS A 101 -55.82 -18.53 11.88
CA LYS A 101 -57.27 -18.64 11.89
C LYS A 101 -57.93 -17.95 13.08
N GLN A 102 -57.40 -18.15 14.29
CA GLN A 102 -57.92 -17.43 15.47
C GLN A 102 -57.20 -16.10 15.76
N ALA A 103 -56.62 -15.51 14.71
CA ALA A 103 -56.01 -14.19 14.78
C ALA A 103 -57.05 -13.09 15.04
N PRO A 104 -56.65 -11.99 15.71
CA PRO A 104 -55.34 -11.71 16.33
C PRO A 104 -54.92 -12.75 17.35
N SER A 105 -53.63 -13.02 17.41
CA SER A 105 -53.08 -14.03 18.31
C SER A 105 -51.57 -13.91 18.43
N ILE A 106 -50.95 -14.80 19.21
CA ILE A 106 -49.53 -14.67 19.57
C ILE A 106 -48.82 -16.01 19.66
N ILE A 107 -47.74 -16.19 18.90
CA ILE A 107 -46.86 -17.35 19.09
C ILE A 107 -45.85 -17.00 20.18
N PHE A 108 -45.57 -17.94 21.08
CA PHE A 108 -44.49 -17.77 22.01
C PHE A 108 -43.49 -18.89 21.80
N ILE A 109 -42.23 -18.52 21.60
CA ILE A 109 -41.17 -19.50 21.44
C ILE A 109 -40.17 -19.33 22.59
N ASP A 110 -40.40 -20.03 23.70
CA ASP A 110 -39.41 -20.03 24.78
C ASP A 110 -38.22 -20.83 24.32
N GLU A 111 -37.04 -20.28 24.61
CA GLU A 111 -35.73 -20.86 24.30
C GLU A 111 -35.53 -21.08 22.80
N ILE A 112 -35.64 -19.99 22.04
CA ILE A 112 -35.45 -19.99 20.59
C ILE A 112 -34.00 -20.30 20.22
N ASP A 113 -33.10 -19.80 21.05
CA ASP A 113 -31.68 -20.10 20.96
C ASP A 113 -31.45 -21.57 21.27
N ALA A 114 -32.53 -22.35 21.23
CA ALA A 114 -32.44 -23.80 21.35
C ALA A 114 -32.65 -24.48 20.01
N ILE A 115 -33.29 -23.77 19.09
CA ILE A 115 -33.45 -24.26 17.71
C ILE A 115 -32.92 -23.25 16.67
N GLY A 116 -32.32 -22.16 17.15
CA GLY A 116 -31.70 -21.15 16.28
C GLY A 116 -30.17 -21.09 16.34
N LYS A 117 -29.52 -22.21 15.99
CA LYS A 117 -28.05 -22.34 15.98
C LYS A 117 -27.32 -21.01 15.71
N ASN A 128 -26.74 -34.39 8.54
CA ASN A 128 -28.11 -34.47 9.05
C ASN A 128 -29.14 -33.86 8.10
N ASP A 129 -30.37 -34.40 8.13
CA ASP A 129 -31.52 -33.77 7.45
C ASP A 129 -32.38 -32.95 8.45
N GLU A 130 -32.03 -33.05 9.72
CA GLU A 130 -32.44 -32.09 10.76
C GLU A 130 -31.60 -30.84 10.43
N ARG A 131 -31.08 -30.05 11.37
CA ARG A 131 -31.63 -29.71 12.68
C ARG A 131 -32.09 -28.26 12.50
N GLU A 132 -31.52 -27.64 11.44
CA GLU A 132 -32.04 -26.45 10.78
C GLU A 132 -33.29 -26.84 9.97
N GLN A 133 -33.80 -28.03 10.26
CA GLN A 133 -35.06 -28.55 9.74
C GLN A 133 -36.23 -27.74 10.34
N THR A 134 -36.22 -27.58 11.67
CA THR A 134 -37.23 -26.79 12.38
C THR A 134 -36.98 -25.30 12.15
N LEU A 135 -35.70 -24.91 12.11
CA LEU A 135 -35.33 -23.59 11.62
C LEU A 135 -35.42 -23.62 10.10
N ASN A 136 -35.14 -22.49 9.45
CA ASN A 136 -35.31 -22.33 7.99
C ASN A 136 -36.79 -22.38 7.57
N GLN A 137 -37.59 -23.08 8.40
CA GLN A 137 -39.02 -23.24 8.16
C GLN A 137 -39.77 -22.30 9.08
N LEU A 138 -39.07 -21.78 10.08
CA LEU A 138 -39.63 -20.75 10.92
C LEU A 138 -39.66 -19.44 10.13
N LEU A 139 -38.57 -19.15 9.42
CA LEU A 139 -38.42 -17.93 8.61
C LEU A 139 -39.34 -17.94 7.37
N ALA A 140 -40.06 -19.04 7.18
CA ALA A 140 -41.02 -19.18 6.10
C ALA A 140 -42.38 -18.61 6.50
N GLU A 141 -42.97 -19.20 7.54
CA GLU A 141 -44.28 -18.80 8.07
C GLU A 141 -44.23 -17.40 8.70
N MET A 142 -43.02 -16.90 8.93
CA MET A 142 -42.83 -15.59 9.55
C MET A 142 -42.49 -14.46 8.56
N ASP A 143 -42.24 -14.82 7.29
CA ASP A 143 -42.00 -13.84 6.23
C ASP A 143 -43.31 -13.45 5.52
N GLY A 144 -44.13 -14.46 5.20
CA GLY A 144 -45.40 -14.27 4.42
C GLY A 144 -46.72 -14.58 5.17
N PHE A 145 -47.56 -15.47 4.59
CA PHE A 145 -47.33 -16.06 3.27
C PHE A 145 -48.54 -15.91 2.31
N GLY A 146 -49.74 -16.15 2.84
CA GLY A 146 -50.99 -16.08 2.06
C GLY A 146 -51.91 -14.93 2.44
N SER A 147 -51.61 -14.30 3.59
CA SER A 147 -52.38 -13.15 4.08
C SER A 147 -51.54 -12.22 4.96
N GLU A 148 -51.72 -10.91 4.74
CA GLU A 148 -51.05 -9.89 5.55
C GLU A 148 -52.02 -9.27 6.54
N ASN A 149 -53.33 -9.49 6.30
CA ASN A 149 -54.43 -8.78 6.98
C ASN A 149 -54.61 -9.08 8.48
N ALA A 150 -54.70 -10.37 8.80
CA ALA A 150 -54.82 -10.84 10.18
C ALA A 150 -53.53 -10.61 10.95
N PRO A 151 -53.62 -10.00 12.16
CA PRO A 151 -52.43 -9.64 12.95
C PRO A 151 -51.96 -10.72 13.97
N VAL A 152 -50.82 -11.38 13.68
CA VAL A 152 -50.25 -12.38 14.59
C VAL A 152 -48.81 -12.03 14.91
N ILE A 153 -48.54 -11.91 16.21
CA ILE A 153 -47.21 -11.54 16.70
C ILE A 153 -46.54 -12.72 17.39
N VAL A 154 -45.44 -13.22 16.83
CA VAL A 154 -44.64 -14.21 17.53
C VAL A 154 -43.82 -13.45 18.56
N LEU A 155 -43.60 -14.08 19.71
CA LEU A 155 -42.72 -13.52 20.73
C LEU A 155 -41.78 -14.63 21.18
N ALA A 156 -40.47 -14.43 21.04
CA ALA A 156 -39.52 -15.46 21.42
C ALA A 156 -38.69 -15.03 22.61
N ALA A 157 -38.15 -16.00 23.33
CA ALA A 157 -37.34 -15.69 24.47
C ALA A 157 -36.01 -16.40 24.35
N THR A 158 -34.97 -15.83 24.95
CA THR A 158 -33.66 -16.46 24.91
C THR A 158 -32.78 -16.12 26.12
N ASN A 159 -31.81 -17.05 26.35
CA ASN A 159 -30.85 -16.90 27.44
C ASN A 159 -29.56 -16.23 26.98
N ARG A 160 -28.73 -16.95 26.20
CA ARG A 160 -27.57 -16.31 25.56
C ARG A 160 -27.94 -15.90 24.13
N PRO A 161 -28.29 -14.61 23.94
CA PRO A 161 -28.57 -14.13 22.60
C PRO A 161 -27.25 -13.92 21.83
N GLU A 162 -26.12 -14.29 22.45
CA GLU A 162 -24.83 -14.27 21.79
C GLU A 162 -24.79 -15.32 20.67
N ILE A 163 -25.16 -16.57 20.99
CA ILE A 163 -25.17 -17.66 19.98
C ILE A 163 -26.43 -17.65 19.10
N LEU A 164 -27.31 -16.69 19.34
CA LEU A 164 -28.53 -16.53 18.56
C LEU A 164 -28.16 -16.45 17.09
N ASP A 165 -28.75 -17.35 16.29
CA ASP A 165 -28.60 -17.35 14.83
C ASP A 165 -28.72 -15.94 14.27
N PRO A 166 -27.70 -15.48 13.53
CA PRO A 166 -27.73 -14.16 12.88
C PRO A 166 -28.95 -13.87 11.97
N ALA A 167 -29.52 -14.92 11.36
CA ALA A 167 -30.56 -14.76 10.33
C ALA A 167 -31.88 -14.16 10.84
N LEU A 168 -32.15 -14.37 12.14
CA LEU A 168 -33.46 -14.16 12.77
C LEU A 168 -33.74 -12.72 13.13
N MET A 169 -32.70 -11.90 13.06
CA MET A 169 -32.80 -10.49 13.39
C MET A 169 -32.76 -9.60 12.13
N ARG A 170 -32.73 -10.25 10.95
CA ARG A 170 -32.96 -9.59 9.67
C ARG A 170 -34.39 -9.02 9.68
N PRO A 171 -34.53 -7.70 9.41
CA PRO A 171 -35.81 -7.00 9.55
C PRO A 171 -36.97 -7.75 8.90
N GLY A 172 -38.10 -7.79 9.60
CA GLY A 172 -39.27 -8.55 9.15
C GLY A 172 -39.48 -9.76 10.04
N ARG A 173 -38.39 -10.19 10.67
CA ARG A 173 -38.41 -11.29 11.61
C ARG A 173 -38.37 -10.76 13.04
N PHE A 174 -37.29 -10.99 13.77
CA PHE A 174 -37.17 -10.46 15.13
C PHE A 174 -36.46 -9.11 15.15
N ASP A 175 -37.03 -8.19 14.37
CA ASP A 175 -36.42 -6.91 14.01
C ASP A 175 -36.12 -5.99 15.20
N ARG A 176 -36.83 -6.19 16.31
CA ARG A 176 -36.54 -5.49 17.56
C ARG A 176 -36.42 -6.45 18.74
N GLN A 177 -36.11 -5.89 19.93
CA GLN A 177 -36.14 -6.69 21.16
C GLN A 177 -36.58 -5.89 22.38
N VAL A 178 -36.80 -6.62 23.47
CA VAL A 178 -37.14 -6.06 24.77
C VAL A 178 -36.25 -6.80 25.78
N LEU A 179 -35.21 -6.12 26.24
CA LEU A 179 -34.30 -6.69 27.21
C LEU A 179 -34.89 -6.53 28.63
N VAL A 180 -34.76 -7.60 29.42
CA VAL A 180 -35.10 -7.58 30.84
C VAL A 180 -34.39 -8.69 31.64
N ASP A 181 -33.60 -8.28 32.63
CA ASP A 181 -32.78 -9.21 33.42
C ASP A 181 -33.21 -9.30 34.89
N LYS A 182 -32.45 -10.07 35.68
CA LYS A 182 -32.63 -10.22 37.14
C LYS A 182 -33.14 -8.96 37.83
N PRO A 183 -34.16 -9.08 38.70
CA PRO A 183 -34.52 -7.87 39.44
C PRO A 183 -33.40 -7.39 40.37
N ASP A 184 -33.29 -6.07 40.50
CA ASP A 184 -32.47 -5.44 41.52
C ASP A 184 -33.03 -5.79 42.91
N PHE A 185 -32.63 -5.00 43.92
CA PHE A 185 -33.11 -5.15 45.30
C PHE A 185 -34.61 -4.89 45.37
N ASN A 186 -35.01 -3.68 44.95
CA ASN A 186 -36.42 -3.30 44.83
C ASN A 186 -37.19 -4.13 43.82
N GLY A 187 -36.47 -4.68 42.85
CA GLY A 187 -37.02 -5.77 42.04
C GLY A 187 -37.43 -6.93 42.93
N ARG A 188 -36.49 -7.41 43.75
CA ARG A 188 -36.71 -8.54 44.66
C ARG A 188 -37.83 -8.30 45.66
N VAL A 189 -38.01 -7.05 46.06
CA VAL A 189 -38.99 -6.79 47.08
C VAL A 189 -40.36 -6.97 46.48
N GLU A 190 -40.52 -6.50 45.24
CA GLU A 190 -41.82 -6.48 44.54
C GLU A 190 -42.40 -7.88 44.23
N ILE A 191 -41.58 -8.71 43.56
CA ILE A 191 -41.78 -10.16 43.45
C ILE A 191 -42.11 -10.81 44.80
N LEU A 192 -41.18 -10.64 45.76
CA LEU A 192 -41.30 -11.23 47.09
C LEU A 192 -42.63 -10.83 47.67
N LYS A 193 -43.00 -9.58 47.43
CA LYS A 193 -44.27 -9.06 47.88
C LYS A 193 -45.44 -9.65 47.07
N VAL A 194 -45.24 -9.76 45.74
CA VAL A 194 -46.25 -10.33 44.81
C VAL A 194 -46.67 -11.73 45.25
N HIS A 195 -45.65 -12.59 45.45
CA HIS A 195 -45.81 -14.00 45.80
C HIS A 195 -46.07 -14.30 47.28
N ILE A 196 -45.97 -13.29 48.11
CA ILE A 196 -46.29 -13.44 49.51
C ILE A 196 -47.81 -13.53 49.74
N LYS A 197 -48.60 -12.93 48.83
CA LYS A 197 -50.07 -12.90 48.93
C LYS A 197 -50.64 -14.28 49.14
N GLY A 198 -51.62 -14.40 50.03
CA GLY A 198 -52.25 -15.69 50.24
C GLY A 198 -51.59 -16.57 51.27
N VAL A 199 -50.28 -16.35 51.49
CA VAL A 199 -49.52 -17.03 52.56
C VAL A 199 -49.74 -16.35 53.91
N LYS A 200 -50.06 -17.16 54.93
CA LYS A 200 -50.05 -16.73 56.33
C LYS A 200 -48.64 -16.31 56.71
N LEU A 201 -48.52 -15.16 57.35
CA LEU A 201 -47.19 -14.66 57.67
C LEU A 201 -46.98 -14.35 59.17
N ALA A 202 -45.76 -13.99 59.53
CA ALA A 202 -45.32 -14.15 60.91
C ALA A 202 -45.29 -12.92 61.82
N ASN A 203 -45.50 -11.72 61.27
CA ASN A 203 -45.36 -10.46 62.05
C ASN A 203 -43.93 -10.16 62.43
N ASP A 204 -43.03 -11.10 62.13
CA ASP A 204 -41.59 -10.88 62.19
C ASP A 204 -40.95 -11.20 60.85
N VAL A 205 -41.64 -10.81 59.78
CA VAL A 205 -41.20 -11.06 58.41
C VAL A 205 -40.64 -9.77 57.83
N ASN A 206 -39.33 -9.57 57.99
CA ASN A 206 -38.66 -8.43 57.39
C ASN A 206 -38.42 -8.76 55.92
N LEU A 207 -39.34 -8.31 55.08
CA LEU A 207 -39.35 -8.70 53.68
C LEU A 207 -38.11 -8.19 53.01
N GLN A 208 -37.84 -6.90 53.23
CA GLN A 208 -36.64 -6.26 52.73
C GLN A 208 -35.43 -7.15 53.06
N GLU A 209 -35.45 -7.75 54.24
CA GLU A 209 -34.33 -8.57 54.70
C GLU A 209 -34.03 -9.70 53.71
N VAL A 210 -35.08 -10.39 53.27
CA VAL A 210 -34.92 -11.49 52.30
C VAL A 210 -34.48 -10.97 50.92
N ALA A 211 -35.08 -9.86 50.51
CA ALA A 211 -34.67 -9.19 49.28
C ALA A 211 -33.17 -9.00 49.28
N LYS A 212 -32.57 -9.00 50.48
CA LYS A 212 -31.14 -8.74 50.66
C LYS A 212 -30.25 -9.99 50.75
N LEU A 213 -30.74 -11.04 51.42
CA LEU A 213 -30.04 -12.32 51.43
C LEU A 213 -30.15 -12.96 50.05
N THR A 214 -31.06 -12.40 49.26
CA THR A 214 -31.34 -12.84 47.91
C THR A 214 -30.84 -11.78 46.94
N ALA A 215 -29.79 -12.11 46.20
CA ALA A 215 -29.17 -11.14 45.33
C ALA A 215 -28.60 -11.85 44.12
N GLY A 216 -28.99 -11.39 42.94
CA GLY A 216 -28.67 -12.11 41.71
C GLY A 216 -29.43 -13.42 41.70
N LEU A 217 -30.72 -13.35 42.03
CA LEU A 217 -31.58 -14.51 42.01
C LEU A 217 -32.73 -14.26 41.05
N ALA A 218 -33.11 -15.28 40.30
CA ALA A 218 -34.02 -15.15 39.16
C ALA A 218 -35.36 -14.41 39.35
N GLY A 219 -36.14 -14.76 40.36
CA GLY A 219 -37.53 -14.27 40.38
C GLY A 219 -38.54 -15.40 40.44
N ALA A 220 -38.44 -16.33 39.49
CA ALA A 220 -39.07 -17.66 39.64
C ALA A 220 -38.59 -18.30 40.95
N ASP A 221 -37.26 -18.27 41.12
CA ASP A 221 -36.58 -18.66 42.36
C ASP A 221 -37.08 -17.97 43.63
N LEU A 222 -37.15 -16.64 43.61
CA LEU A 222 -37.77 -15.91 44.70
C LEU A 222 -39.11 -16.56 44.98
N ALA A 223 -39.98 -16.57 43.97
CA ALA A 223 -41.34 -17.10 44.10
C ALA A 223 -41.36 -18.48 44.71
N ASN A 224 -40.25 -19.18 44.52
CA ASN A 224 -40.09 -20.54 44.95
C ASN A 224 -39.70 -20.59 46.39
N ILE A 225 -38.62 -19.86 46.69
CA ILE A 225 -38.18 -19.58 48.05
C ILE A 225 -39.39 -19.35 48.98
N ILE A 226 -40.36 -18.53 48.55
CA ILE A 226 -41.54 -18.22 49.33
C ILE A 226 -42.34 -19.50 49.60
N ASN A 227 -42.22 -20.48 48.71
CA ASN A 227 -43.09 -21.63 48.85
C ASN A 227 -42.40 -22.73 49.56
N GLU A 228 -41.11 -22.85 49.28
CA GLU A 228 -40.25 -23.77 50.00
C GLU A 228 -40.27 -23.42 51.49
N ALA A 229 -40.10 -22.12 51.78
CA ALA A 229 -40.43 -21.59 53.10
C ALA A 229 -41.69 -22.28 53.58
N ALA A 230 -42.80 -21.91 52.94
CA ALA A 230 -44.15 -22.19 53.40
C ALA A 230 -44.52 -23.66 53.52
N LEU A 231 -43.77 -24.53 52.88
CA LEU A 231 -44.09 -25.93 52.95
C LEU A 231 -43.29 -26.42 54.08
N LEU A 232 -42.00 -26.06 54.12
CA LEU A 232 -41.18 -26.30 55.32
C LEU A 232 -41.96 -25.99 56.59
N ALA A 233 -42.58 -24.79 56.64
CA ALA A 233 -43.66 -24.51 57.60
C ALA A 233 -44.56 -25.73 57.77
N GLY A 234 -45.70 -25.79 57.08
CA GLY A 234 -46.59 -26.95 57.17
C GLY A 234 -45.95 -28.32 57.38
N ARG A 235 -44.66 -28.44 57.04
CA ARG A 235 -43.88 -29.67 57.22
C ARG A 235 -43.65 -30.00 58.70
N ASN A 236 -43.14 -29.02 59.47
CA ASN A 236 -42.99 -29.15 60.93
C ASN A 236 -44.25 -28.75 61.70
N ASN A 237 -45.34 -28.59 60.96
CA ASN A 237 -46.66 -28.20 61.46
C ASN A 237 -46.88 -26.75 61.90
N GLN A 238 -45.83 -26.05 62.34
CA GLN A 238 -45.95 -24.64 62.73
C GLN A 238 -46.94 -23.86 61.83
N LYS A 239 -47.71 -22.92 62.40
CA LYS A 239 -48.75 -22.25 61.61
C LYS A 239 -48.48 -20.79 61.26
N GLU A 240 -47.20 -20.43 61.14
CA GLU A 240 -46.88 -19.02 60.96
C GLU A 240 -46.19 -18.68 59.64
N VAL A 241 -45.13 -19.40 59.29
CA VAL A 241 -44.18 -18.99 58.23
C VAL A 241 -43.32 -17.81 58.74
N ARG A 242 -42.47 -18.13 59.71
CA ARG A 242 -41.63 -17.12 60.32
C ARG A 242 -40.44 -16.82 59.45
N GLN A 243 -39.99 -15.57 59.52
CA GLN A 243 -38.75 -15.09 58.90
C GLN A 243 -37.60 -16.09 59.01
N GLN A 244 -37.70 -16.98 60.00
CA GLN A 244 -36.74 -18.04 60.19
C GLN A 244 -36.80 -18.99 59.02
N HIS A 245 -38.02 -19.41 58.68
CA HIS A 245 -38.33 -20.28 57.54
C HIS A 245 -37.83 -19.71 56.21
N LEU A 246 -38.11 -18.43 55.95
CA LEU A 246 -37.65 -17.77 54.73
C LEU A 246 -36.15 -17.87 54.65
N LYS A 247 -35.52 -17.55 55.77
CA LYS A 247 -34.09 -17.64 55.92
C LYS A 247 -33.73 -19.09 55.66
N GLU A 248 -34.45 -20.01 56.30
CA GLU A 248 -34.18 -21.43 56.17
C GLU A 248 -34.26 -21.88 54.71
N ALA A 249 -35.25 -21.34 53.98
CA ALA A 249 -35.29 -21.42 52.51
C ALA A 249 -34.12 -20.59 52.09
N VAL A 250 -34.07 -20.14 50.84
CA VAL A 250 -32.84 -19.52 50.36
C VAL A 250 -31.73 -20.56 50.56
N GLU A 251 -32.15 -21.77 50.92
CA GLU A 251 -31.28 -22.92 51.07
C GLU A 251 -31.26 -23.59 49.72
N ARG A 252 -32.41 -23.63 49.05
CA ARG A 252 -32.50 -24.08 47.66
C ARG A 252 -31.73 -23.14 46.72
N GLY A 253 -31.41 -21.93 47.22
CA GLY A 253 -30.56 -20.97 46.52
C GLY A 253 -29.16 -21.56 46.35
N ILE A 254 -29.13 -22.78 45.81
CA ILE A 254 -27.90 -23.51 45.51
C ILE A 254 -28.12 -24.19 44.15
N ALA A 255 -27.56 -23.57 43.11
CA ALA A 255 -27.61 -24.09 41.75
C ALA A 255 -26.88 -25.46 41.60
N GLY A 256 -26.08 -25.83 42.61
CA GLY A 256 -25.40 -27.14 42.65
C GLY A 256 -24.32 -27.40 41.62
N LEU A 257 -23.64 -28.54 41.78
CA LEU A 257 -22.64 -29.02 40.82
C LEU A 257 -23.31 -29.67 39.60
N GLU A 258 -22.79 -29.37 38.41
CA GLU A 258 -23.28 -29.97 37.16
C GLU A 258 -22.11 -30.22 36.19
N LYS A 259 -21.57 -31.44 36.22
CA LYS A 259 -20.37 -31.83 35.46
C LYS A 259 -20.67 -32.75 34.27
N ILE B 1 -32.41 -25.25 -3.80
CA ILE B 1 -33.09 -25.75 -2.56
C ILE B 1 -34.06 -24.69 -1.98
N ASN B 2 -33.51 -23.51 -1.64
CA ASN B 2 -34.30 -22.44 -1.05
C ASN B 2 -34.75 -21.42 -2.12
N ALA B 3 -35.88 -21.79 -2.75
CA ALA B 3 -36.49 -21.03 -3.84
C ALA B 3 -37.22 -19.77 -3.36
N GLU B 4 -37.35 -18.82 -4.29
CA GLU B 4 -37.87 -17.50 -3.96
C GLU B 4 -38.12 -16.76 -5.30
N LYS B 5 -39.38 -16.67 -5.71
CA LYS B 5 -39.74 -16.07 -7.02
C LYS B 5 -40.38 -14.67 -6.86
N PRO B 6 -39.56 -13.61 -6.80
CA PRO B 6 -39.92 -12.31 -6.20
C PRO B 6 -41.12 -11.62 -6.80
N ASN B 7 -41.62 -10.63 -6.07
CA ASN B 7 -42.82 -9.86 -6.43
C ASN B 7 -42.44 -8.41 -6.72
N VAL B 8 -41.14 -8.18 -6.77
CA VAL B 8 -40.58 -6.85 -6.92
C VAL B 8 -40.48 -6.45 -8.41
N ARG B 9 -41.10 -5.32 -8.75
CA ARG B 9 -40.87 -4.67 -10.03
C ARG B 9 -39.98 -3.45 -9.84
N PHE B 10 -39.44 -2.93 -10.95
CA PHE B 10 -38.60 -1.74 -10.91
C PHE B 10 -39.36 -0.48 -10.39
N LYS B 11 -40.69 -0.50 -10.47
CA LYS B 11 -41.48 0.61 -9.96
C LYS B 11 -41.46 0.70 -8.41
N ASP B 12 -40.95 -0.36 -7.78
CA ASP B 12 -40.76 -0.41 -6.32
C ASP B 12 -39.37 0.06 -5.92
N MET B 13 -38.84 0.99 -6.70
CA MET B 13 -37.58 1.67 -6.40
C MET B 13 -37.47 2.90 -7.29
N ALA B 14 -37.52 4.09 -6.65
CA ALA B 14 -37.49 5.36 -7.39
C ALA B 14 -36.07 5.91 -7.58
N GLY B 15 -35.93 6.76 -8.60
CA GLY B 15 -34.62 7.20 -9.05
C GLY B 15 -33.81 6.00 -9.52
N ASN B 16 -32.55 5.97 -9.12
CA ASN B 16 -31.57 5.01 -9.65
C ASN B 16 -31.74 4.67 -11.14
N GLU B 17 -31.92 5.71 -11.95
CA GLU B 17 -32.04 5.58 -13.40
C GLU B 17 -30.82 4.89 -13.99
N GLU B 18 -29.66 5.08 -13.34
CA GLU B 18 -28.37 4.51 -13.76
C GLU B 18 -28.27 3.00 -13.49
N ALA B 19 -28.83 2.57 -12.36
CA ALA B 19 -28.81 1.15 -11.97
C ALA B 19 -29.94 0.42 -12.68
N LYS B 20 -31.12 1.06 -12.72
CA LYS B 20 -32.22 0.60 -13.55
C LYS B 20 -31.92 0.89 -15.04
N GLU B 21 -30.68 0.63 -15.45
CA GLU B 21 -30.29 0.68 -16.85
C GLU B 21 -29.25 -0.38 -17.11
N GLU B 22 -28.11 -0.29 -16.42
CA GLU B 22 -27.09 -1.35 -16.47
C GLU B 22 -27.69 -2.74 -16.23
N VAL B 23 -28.85 -2.77 -15.56
CA VAL B 23 -29.51 -4.03 -15.22
C VAL B 23 -30.63 -4.44 -16.18
N VAL B 24 -31.41 -3.48 -16.68
CA VAL B 24 -32.53 -3.79 -17.57
C VAL B 24 -32.07 -4.63 -18.77
N GLU B 25 -30.81 -4.42 -19.14
CA GLU B 25 -30.07 -5.31 -20.02
C GLU B 25 -30.11 -6.78 -19.54
N ILE B 26 -29.88 -7.00 -18.24
CA ILE B 26 -29.95 -8.35 -17.60
C ILE B 26 -31.35 -8.99 -17.60
N VAL B 27 -32.39 -8.16 -17.45
CA VAL B 27 -33.75 -8.66 -17.43
C VAL B 27 -34.10 -9.37 -18.73
N ASP B 28 -33.76 -8.74 -19.85
CA ASP B 28 -34.08 -9.26 -21.16
C ASP B 28 -33.30 -10.51 -21.51
N PHE B 29 -31.99 -10.53 -21.25
CA PHE B 29 -31.20 -11.77 -21.45
C PHE B 29 -31.89 -12.94 -20.77
N LEU B 30 -32.45 -12.67 -19.61
CA LEU B 30 -33.07 -13.70 -18.83
C LEU B 30 -34.41 -14.10 -19.37
N LYS B 31 -35.17 -13.11 -19.91
CA LYS B 31 -36.46 -13.35 -20.57
C LYS B 31 -36.29 -14.23 -21.82
N TYR B 32 -35.42 -13.79 -22.71
CA TYR B 32 -35.19 -14.52 -23.93
C TYR B 32 -33.73 -14.95 -24.01
N PRO B 33 -33.32 -15.94 -23.19
CA PRO B 33 -31.92 -16.32 -23.15
C PRO B 33 -31.50 -16.87 -24.48
N GLU B 34 -32.47 -17.43 -25.19
CA GLU B 34 -32.27 -18.09 -26.47
C GLU B 34 -31.90 -17.11 -27.60
N ARG B 35 -32.71 -16.04 -27.73
CA ARG B 35 -32.50 -14.99 -28.73
C ARG B 35 -31.08 -14.51 -28.68
N TYR B 36 -30.65 -14.06 -27.48
CA TYR B 36 -29.31 -13.49 -27.25
C TYR B 36 -28.22 -14.49 -27.58
N ALA B 37 -28.39 -15.74 -27.18
CA ALA B 37 -27.36 -16.76 -27.47
C ALA B 37 -27.16 -17.02 -28.96
N ASN B 38 -28.25 -17.07 -29.69
CA ASN B 38 -28.18 -17.35 -31.12
C ASN B 38 -27.41 -16.26 -31.90
N LEU B 39 -27.37 -15.04 -31.35
CA LEU B 39 -26.57 -13.97 -31.96
C LEU B 39 -25.09 -14.10 -31.63
N GLY B 40 -24.76 -15.00 -30.69
CA GLY B 40 -23.42 -15.15 -30.12
C GLY B 40 -23.07 -13.92 -29.30
N ALA B 41 -24.09 -13.30 -28.73
CA ALA B 41 -23.89 -12.19 -27.86
C ALA B 41 -23.61 -12.80 -26.49
N LYS B 42 -22.57 -12.28 -25.85
CA LYS B 42 -22.13 -12.79 -24.57
C LYS B 42 -22.72 -11.95 -23.47
N ILE B 43 -23.41 -12.63 -22.54
CA ILE B 43 -23.88 -12.01 -21.29
C ILE B 43 -23.02 -12.41 -20.10
N PRO B 44 -22.98 -11.57 -19.03
CA PRO B 44 -22.01 -11.73 -17.90
C PRO B 44 -22.50 -12.75 -16.88
N LYS B 45 -21.66 -13.74 -16.55
CA LYS B 45 -22.17 -14.84 -15.72
C LYS B 45 -22.30 -14.44 -14.27
N GLY B 46 -21.71 -13.30 -13.92
CA GLY B 46 -21.80 -12.76 -12.59
C GLY B 46 -21.64 -11.26 -12.55
N VAL B 47 -22.70 -10.59 -12.09
CA VAL B 47 -22.69 -9.14 -11.83
C VAL B 47 -22.62 -8.91 -10.31
N LEU B 48 -22.29 -7.68 -9.92
CA LEU B 48 -22.12 -7.36 -8.51
C LEU B 48 -22.60 -5.95 -8.17
N LEU B 49 -23.58 -5.89 -7.27
CA LEU B 49 -24.06 -4.61 -6.77
C LEU B 49 -23.14 -4.19 -5.64
N VAL B 50 -22.82 -2.90 -5.59
CA VAL B 50 -21.93 -2.38 -4.57
C VAL B 50 -22.42 -1.06 -3.99
N GLY B 51 -22.25 -0.89 -2.68
CA GLY B 51 -22.63 0.34 -2.00
C GLY B 51 -23.09 0.13 -0.56
N PRO B 52 -23.51 1.23 0.13
CA PRO B 52 -24.05 1.20 1.50
C PRO B 52 -25.25 0.23 1.70
N PRO B 53 -25.38 -0.38 2.90
CA PRO B 53 -26.51 -1.28 3.14
C PRO B 53 -27.86 -0.58 3.04
N GLY B 54 -28.86 -1.32 2.59
CA GLY B 54 -30.22 -0.79 2.47
C GLY B 54 -30.26 0.49 1.67
N THR B 55 -29.63 0.47 0.50
CA THR B 55 -29.64 1.62 -0.39
C THR B 55 -30.41 1.28 -1.66
N GLY B 56 -31.03 0.10 -1.63
CA GLY B 56 -31.68 -0.50 -2.77
C GLY B 56 -30.59 -1.31 -3.43
N LYS B 57 -30.54 -2.59 -3.09
CA LYS B 57 -29.59 -3.51 -3.68
C LYS B 57 -30.34 -4.78 -3.87
N THR B 58 -30.49 -5.52 -2.78
CA THR B 58 -31.35 -6.68 -2.74
C THR B 58 -32.69 -6.30 -3.37
N LEU B 59 -33.06 -5.02 -3.24
CA LEU B 59 -34.28 -4.56 -3.87
C LEU B 59 -34.12 -4.85 -5.34
N LEU B 60 -33.16 -4.17 -5.95
CA LEU B 60 -32.88 -4.30 -7.37
C LEU B 60 -32.85 -5.75 -7.76
N ALA B 61 -31.83 -6.45 -7.29
CA ALA B 61 -31.63 -7.85 -7.57
C ALA B 61 -32.92 -8.66 -7.50
N LYS B 62 -33.97 -8.09 -6.94
CA LYS B 62 -35.24 -8.81 -6.83
C LYS B 62 -36.14 -8.36 -7.95
N ALA B 63 -36.22 -7.04 -8.13
CA ALA B 63 -36.90 -6.48 -9.29
C ALA B 63 -36.31 -7.09 -10.59
N VAL B 64 -34.99 -7.20 -10.67
CA VAL B 64 -34.38 -7.85 -11.82
C VAL B 64 -35.04 -9.20 -12.07
N ALA B 65 -35.16 -10.06 -11.07
CA ALA B 65 -35.83 -11.35 -11.26
C ALA B 65 -37.33 -11.18 -11.31
N GLY B 66 -37.75 -9.96 -10.99
CA GLY B 66 -39.16 -9.62 -10.97
C GLY B 66 -39.71 -9.48 -12.37
N GLU B 67 -39.16 -8.52 -13.11
CA GLU B 67 -39.44 -8.40 -14.53
C GLU B 67 -39.10 -9.69 -15.27
N ALA B 68 -37.91 -10.23 -15.02
CA ALA B 68 -37.46 -11.43 -15.70
C ALA B 68 -38.32 -12.67 -15.49
N HIS B 69 -39.27 -12.63 -14.56
CA HIS B 69 -40.02 -13.84 -14.17
C HIS B 69 -39.13 -15.10 -14.05
N VAL B 70 -37.89 -14.89 -13.64
CA VAL B 70 -37.10 -16.01 -13.20
C VAL B 70 -37.20 -16.15 -11.69
N PRO B 71 -37.00 -17.38 -11.17
CA PRO B 71 -36.79 -17.59 -9.74
C PRO B 71 -35.50 -16.95 -9.22
N PHE B 72 -35.53 -16.59 -7.93
CA PHE B 72 -34.51 -15.77 -7.29
C PHE B 72 -33.86 -16.48 -6.12
N PHE B 73 -33.21 -17.64 -6.40
CA PHE B 73 -32.51 -18.44 -5.39
C PHE B 73 -31.49 -17.68 -4.56
N SER B 74 -31.91 -17.30 -3.35
CA SER B 74 -31.06 -16.58 -2.43
C SER B 74 -30.32 -17.58 -1.58
N MET B 75 -29.04 -17.33 -1.39
CA MET B 75 -28.24 -18.09 -0.43
C MET B 75 -27.72 -17.11 0.60
N GLY B 76 -27.81 -17.51 1.86
CA GLY B 76 -27.27 -16.76 2.98
C GLY B 76 -25.82 -16.32 2.78
N GLY B 77 -25.46 -15.19 3.39
CA GLY B 77 -24.09 -14.68 3.33
C GLY B 77 -23.26 -15.34 4.42
N SER B 78 -23.03 -14.60 5.52
CA SER B 78 -22.38 -15.15 6.70
C SER B 78 -23.30 -16.17 7.39
N SER B 79 -23.32 -17.37 6.80
CA SER B 79 -24.02 -18.55 7.34
C SER B 79 -23.36 -19.81 6.76
N PHE B 80 -22.07 -19.69 6.45
CA PHE B 80 -21.25 -20.76 5.85
C PHE B 80 -19.87 -20.79 6.52
N ILE B 81 -19.65 -19.88 7.47
CA ILE B 81 -18.33 -19.69 8.10
C ILE B 81 -18.32 -19.89 9.61
N GLU B 82 -19.48 -19.67 10.24
CA GLU B 82 -19.65 -19.78 11.69
C GLU B 82 -19.96 -21.22 12.17
N MET B 83 -19.61 -22.20 11.35
CA MET B 83 -19.82 -23.62 11.67
C MET B 83 -18.50 -24.41 11.76
N PHE B 84 -18.54 -25.52 12.53
CA PHE B 84 -17.36 -26.36 12.85
C PHE B 84 -16.63 -27.03 11.65
N VAL B 85 -15.72 -27.96 11.98
CA VAL B 85 -14.92 -28.72 11.00
C VAL B 85 -15.77 -29.53 10.01
N GLY B 86 -15.81 -29.07 8.76
CA GLY B 86 -16.58 -29.74 7.71
C GLY B 86 -18.07 -29.76 7.99
N LEU B 87 -18.55 -28.72 8.67
CA LEU B 87 -19.98 -28.51 8.88
C LEU B 87 -20.42 -27.22 8.18
N GLY B 88 -21.22 -27.36 7.13
CA GLY B 88 -21.61 -26.25 6.27
C GLY B 88 -20.59 -26.00 5.17
N ALA B 89 -20.69 -26.79 4.08
CA ALA B 89 -19.66 -26.80 3.03
C ALA B 89 -20.18 -26.84 1.58
N SER B 90 -21.16 -27.69 1.29
CA SER B 90 -21.60 -27.92 -0.10
C SER B 90 -23.00 -27.40 -0.47
N ARG B 91 -23.58 -26.55 0.38
CA ARG B 91 -24.82 -25.87 0.00
C ARG B 91 -24.57 -24.90 -1.16
N VAL B 92 -23.35 -24.35 -1.21
CA VAL B 92 -22.88 -23.53 -2.33
C VAL B 92 -22.68 -24.41 -3.60
N ARG B 93 -22.74 -25.72 -3.45
CA ARG B 93 -22.70 -26.63 -4.59
C ARG B 93 -24.14 -26.91 -5.04
N ASP B 94 -25.03 -27.09 -4.06
CA ASP B 94 -26.44 -27.34 -4.32
C ASP B 94 -27.17 -26.09 -4.81
N LEU B 95 -26.64 -24.92 -4.45
CA LEU B 95 -27.16 -23.63 -4.93
C LEU B 95 -27.00 -23.58 -6.45
N PHE B 96 -25.74 -23.62 -6.90
CA PHE B 96 -25.41 -23.82 -8.29
C PHE B 96 -25.68 -25.27 -8.65
N GLU B 97 -26.94 -25.68 -8.53
CA GLU B 97 -27.37 -27.02 -8.89
C GLU B 97 -28.86 -26.94 -9.11
N THR B 98 -29.56 -26.52 -8.06
CA THR B 98 -31.00 -26.25 -8.14
C THR B 98 -31.26 -24.95 -8.91
N ALA B 99 -30.19 -24.20 -9.16
CA ALA B 99 -30.25 -23.09 -10.10
C ALA B 99 -30.38 -23.68 -11.49
N LYS B 100 -29.31 -24.36 -11.93
CA LYS B 100 -29.26 -25.00 -13.24
C LYS B 100 -30.60 -25.60 -13.68
N LYS B 101 -31.31 -26.25 -12.73
CA LYS B 101 -32.56 -26.96 -13.04
C LYS B 101 -33.64 -26.04 -13.56
N GLN B 102 -34.11 -25.11 -12.74
CA GLN B 102 -35.04 -24.13 -13.26
C GLN B 102 -34.32 -22.86 -13.65
N ALA B 103 -33.20 -23.03 -14.35
CA ALA B 103 -32.59 -21.93 -15.10
C ALA B 103 -33.47 -21.67 -16.34
N PRO B 104 -33.52 -20.41 -16.82
CA PRO B 104 -32.89 -19.17 -16.36
C PRO B 104 -33.23 -18.77 -14.93
N SER B 105 -32.20 -18.53 -14.13
CA SER B 105 -32.39 -18.07 -12.75
C SER B 105 -31.35 -17.04 -12.33
N ILE B 106 -31.75 -16.16 -11.41
CA ILE B 106 -30.81 -15.32 -10.67
C ILE B 106 -30.32 -16.09 -9.42
N ILE B 107 -29.02 -15.97 -9.11
CA ILE B 107 -28.49 -16.42 -7.83
C ILE B 107 -28.06 -15.18 -7.06
N PHE B 108 -28.65 -14.96 -5.88
CA PHE B 108 -28.27 -13.83 -5.07
C PHE B 108 -27.30 -14.24 -4.01
N ILE B 109 -26.54 -13.25 -3.54
CA ILE B 109 -25.48 -13.43 -2.57
C ILE B 109 -25.21 -12.09 -1.90
N ASP B 110 -25.76 -11.98 -0.67
CA ASP B 110 -25.67 -10.77 0.16
C ASP B 110 -24.48 -10.87 1.11
N GLU B 111 -23.75 -9.77 1.26
CA GLU B 111 -22.43 -9.78 1.88
C GLU B 111 -21.59 -10.93 1.30
N ILE B 112 -21.15 -10.75 0.05
CA ILE B 112 -20.31 -11.74 -0.65
C ILE B 112 -18.94 -11.78 -0.01
N ASP B 113 -18.48 -10.61 0.46
CA ASP B 113 -17.34 -10.51 1.37
C ASP B 113 -17.66 -11.25 2.69
N ALA B 114 -17.39 -12.56 2.65
CA ALA B 114 -17.67 -13.47 3.76
C ALA B 114 -16.85 -14.73 3.52
N ILE B 115 -16.60 -15.02 2.25
CA ILE B 115 -15.73 -16.11 1.83
C ILE B 115 -14.88 -15.70 0.62
N GLY B 116 -15.01 -14.45 0.20
CA GLY B 116 -14.26 -13.95 -0.97
C GLY B 116 -13.19 -12.90 -0.68
N LYS B 117 -12.90 -12.71 0.62
CA LYS B 117 -11.93 -11.70 1.11
C LYS B 117 -10.56 -11.85 0.48
N ASN B 128 -9.65 -23.07 12.12
CA ASN B 128 -9.44 -21.64 11.87
C ASN B 128 -9.20 -21.28 10.39
N ASP B 129 -8.72 -22.25 9.59
CA ASP B 129 -8.54 -22.04 8.14
C ASP B 129 -9.82 -22.45 7.36
N GLU B 130 -10.92 -21.80 7.74
CA GLU B 130 -12.21 -22.00 7.07
C GLU B 130 -12.37 -20.96 5.94
N ARG B 131 -13.61 -20.73 5.50
CA ARG B 131 -13.96 -19.61 4.60
C ARG B 131 -13.39 -19.69 3.17
N GLU B 132 -12.30 -20.45 3.00
CA GLU B 132 -11.86 -20.87 1.67
C GLU B 132 -12.12 -22.38 1.51
N GLN B 133 -12.87 -22.92 2.49
CA GLN B 133 -13.44 -24.25 2.43
C GLN B 133 -14.61 -24.25 1.43
N THR B 134 -15.57 -23.33 1.66
CA THR B 134 -16.74 -23.15 0.79
C THR B 134 -16.35 -22.47 -0.53
N LEU B 135 -15.62 -21.36 -0.44
CA LEU B 135 -14.92 -20.78 -1.59
C LEU B 135 -13.92 -21.81 -2.09
N ASN B 136 -13.56 -21.73 -3.37
CA ASN B 136 -12.77 -22.77 -4.03
C ASN B 136 -13.72 -23.79 -4.69
N GLN B 137 -15.02 -23.64 -4.27
CA GLN B 137 -16.12 -24.35 -4.89
C GLN B 137 -16.98 -23.32 -5.61
N LEU B 138 -17.12 -22.15 -4.98
CA LEU B 138 -17.89 -21.04 -5.54
C LEU B 138 -17.35 -20.60 -6.88
N LEU B 139 -16.02 -20.56 -7.01
CA LEU B 139 -15.39 -20.21 -8.27
C LEU B 139 -15.27 -21.44 -9.18
N ALA B 140 -15.43 -22.64 -8.60
CA ALA B 140 -15.35 -23.87 -9.39
C ALA B 140 -16.68 -24.15 -10.09
N GLU B 141 -17.76 -23.66 -9.49
CA GLU B 141 -19.09 -23.70 -10.09
C GLU B 141 -19.27 -22.55 -11.09
N MET B 142 -18.92 -21.33 -10.64
CA MET B 142 -18.97 -20.13 -11.49
C MET B 142 -18.00 -20.14 -12.69
N ASP B 143 -17.33 -21.26 -12.92
CA ASP B 143 -16.41 -21.40 -14.04
C ASP B 143 -17.11 -22.16 -15.16
N GLY B 144 -18.00 -21.47 -15.88
CA GLY B 144 -18.75 -22.04 -17.01
C GLY B 144 -19.52 -23.32 -16.70
N PHE B 145 -18.78 -24.30 -16.17
CA PHE B 145 -19.25 -25.66 -15.81
C PHE B 145 -19.87 -26.44 -16.98
N GLY B 146 -19.85 -25.81 -18.17
CA GLY B 146 -20.44 -26.38 -19.40
C GLY B 146 -21.95 -26.19 -19.46
N SER B 147 -22.40 -24.93 -19.39
CA SER B 147 -23.84 -24.60 -19.39
C SER B 147 -24.53 -24.89 -20.74
N GLU B 148 -23.75 -24.82 -21.83
CA GLU B 148 -24.17 -25.14 -23.22
C GLU B 148 -25.48 -24.48 -23.73
N ASN B 149 -26.13 -23.72 -22.83
CA ASN B 149 -27.37 -22.94 -23.04
C ASN B 149 -27.94 -22.47 -21.70
N ALA B 150 -27.64 -23.24 -20.64
CA ALA B 150 -28.13 -23.03 -19.26
C ALA B 150 -27.71 -21.69 -18.61
N PRO B 151 -28.64 -20.73 -18.55
CA PRO B 151 -28.29 -19.40 -18.08
C PRO B 151 -28.63 -19.12 -16.60
N VAL B 152 -27.62 -18.67 -15.86
CA VAL B 152 -27.77 -18.24 -14.48
C VAL B 152 -26.95 -16.98 -14.27
N ILE B 153 -27.61 -15.84 -14.12
CA ILE B 153 -26.89 -14.61 -13.85
C ILE B 153 -26.89 -14.44 -12.34
N VAL B 154 -25.72 -14.66 -11.74
CA VAL B 154 -25.55 -14.52 -10.28
C VAL B 154 -25.12 -13.11 -9.91
N LEU B 155 -26.08 -12.32 -9.45
CA LEU B 155 -25.78 -10.99 -8.92
C LEU B 155 -25.21 -11.18 -7.50
N ALA B 156 -24.50 -10.16 -7.00
CA ALA B 156 -23.92 -10.20 -5.65
C ALA B 156 -23.86 -8.82 -4.99
N ALA B 157 -24.18 -8.79 -3.70
CA ALA B 157 -24.25 -7.54 -2.98
C ALA B 157 -23.25 -7.48 -1.84
N THR B 158 -22.38 -6.47 -1.89
CA THR B 158 -21.41 -6.25 -0.82
C THR B 158 -21.24 -4.76 -0.50
N ASN B 159 -20.94 -4.48 0.77
CA ASN B 159 -20.85 -3.10 1.28
C ASN B 159 -19.41 -2.62 1.59
N ARG B 160 -18.43 -3.40 1.13
CA ARG B 160 -16.99 -3.06 1.19
C ARG B 160 -16.23 -3.51 -0.10
N PRO B 161 -16.40 -2.76 -1.22
CA PRO B 161 -15.76 -3.15 -2.48
C PRO B 161 -14.24 -3.01 -2.46
N GLU B 162 -13.74 -2.07 -1.65
CA GLU B 162 -12.31 -1.81 -1.54
C GLU B 162 -11.54 -3.02 -1.01
N ILE B 163 -12.10 -3.66 0.03
CA ILE B 163 -11.46 -4.80 0.64
C ILE B 163 -12.06 -6.12 0.16
N LEU B 164 -11.54 -6.61 -0.98
CA LEU B 164 -11.99 -7.86 -1.59
C LEU B 164 -10.94 -8.46 -2.52
N ASP B 165 -10.59 -9.73 -2.26
CA ASP B 165 -9.70 -10.53 -3.14
C ASP B 165 -10.27 -10.56 -4.56
N PRO B 166 -9.58 -9.89 -5.49
CA PRO B 166 -10.10 -9.82 -6.85
C PRO B 166 -9.91 -11.13 -7.66
N ALA B 167 -10.04 -12.28 -6.98
CA ALA B 167 -10.14 -13.59 -7.65
C ALA B 167 -11.58 -13.84 -8.14
N LEU B 168 -12.54 -13.24 -7.42
CA LEU B 168 -13.94 -13.22 -7.83
C LEU B 168 -14.11 -12.24 -8.98
N MET B 169 -13.25 -11.23 -9.01
CA MET B 169 -13.32 -10.17 -10.02
C MET B 169 -12.67 -10.54 -11.35
N ARG B 170 -11.89 -11.62 -11.34
CA ARG B 170 -11.22 -12.09 -12.54
C ARG B 170 -12.25 -12.29 -13.66
N PRO B 171 -12.01 -11.67 -14.83
CA PRO B 171 -12.85 -11.90 -16.02
C PRO B 171 -13.07 -13.38 -16.37
N GLY B 172 -14.35 -13.73 -16.50
CA GLY B 172 -14.82 -15.11 -16.52
C GLY B 172 -15.72 -15.41 -15.32
N ARG B 173 -15.93 -14.38 -14.49
CA ARG B 173 -16.65 -14.50 -13.22
C ARG B 173 -17.54 -13.26 -12.99
N PHE B 174 -17.00 -12.30 -12.24
CA PHE B 174 -17.75 -11.08 -11.91
C PHE B 174 -17.36 -9.91 -12.81
N ASP B 175 -17.62 -10.08 -14.11
CA ASP B 175 -17.16 -9.19 -15.17
C ASP B 175 -17.74 -7.79 -15.18
N ARG B 176 -18.29 -7.34 -14.04
CA ARG B 176 -18.94 -6.03 -13.94
C ARG B 176 -19.60 -5.82 -12.57
N GLN B 177 -19.53 -4.59 -12.09
CA GLN B 177 -20.08 -4.23 -10.79
C GLN B 177 -20.91 -2.93 -10.86
N VAL B 178 -22.21 -3.03 -10.58
CA VAL B 178 -23.06 -1.84 -10.54
C VAL B 178 -22.84 -1.15 -9.20
N LEU B 179 -22.68 0.18 -9.29
CA LEU B 179 -22.50 1.01 -8.12
C LEU B 179 -23.83 1.66 -7.73
N VAL B 180 -24.15 1.58 -6.42
CA VAL B 180 -25.25 2.36 -5.86
C VAL B 180 -24.85 2.92 -4.51
N ASP B 181 -25.24 4.19 -4.29
CA ASP B 181 -24.86 4.91 -3.07
C ASP B 181 -26.11 5.55 -2.44
N LYS B 182 -25.94 6.07 -1.20
CA LYS B 182 -26.96 6.90 -0.55
C LYS B 182 -27.57 7.92 -1.53
N PRO B 183 -28.91 8.11 -1.50
CA PRO B 183 -29.55 9.04 -2.45
C PRO B 183 -29.33 10.48 -2.03
N ASP B 184 -29.86 11.43 -2.80
CA ASP B 184 -29.70 12.86 -2.47
C ASP B 184 -31.00 13.49 -1.97
N PHE B 185 -31.15 14.81 -2.21
CA PHE B 185 -32.38 15.53 -1.85
C PHE B 185 -33.57 15.05 -2.68
N ASN B 186 -33.54 15.31 -3.99
CA ASN B 186 -34.53 14.75 -4.90
C ASN B 186 -34.40 13.22 -4.91
N GLY B 187 -33.30 12.75 -4.29
CA GLY B 187 -33.05 11.34 -4.04
C GLY B 187 -33.69 10.86 -2.75
N ARG B 188 -34.17 11.80 -1.94
CA ARG B 188 -34.95 11.46 -0.77
C ARG B 188 -36.43 11.40 -1.17
N VAL B 189 -36.93 12.48 -1.78
CA VAL B 189 -38.34 12.60 -2.22
C VAL B 189 -38.79 11.43 -3.08
N GLU B 190 -37.87 10.91 -3.88
CA GLU B 190 -38.18 9.77 -4.74
C GLU B 190 -38.50 8.50 -3.94
N ILE B 191 -37.70 8.23 -2.90
CA ILE B 191 -37.87 7.03 -2.08
C ILE B 191 -39.19 7.07 -1.32
N LEU B 192 -39.50 8.23 -0.75
CA LEU B 192 -40.68 8.42 0.11
C LEU B 192 -41.98 8.34 -0.67
N LYS B 193 -42.05 9.08 -1.77
CA LYS B 193 -43.17 9.05 -2.70
C LYS B 193 -43.64 7.61 -2.92
N VAL B 194 -42.67 6.68 -2.99
CA VAL B 194 -42.94 5.24 -3.14
C VAL B 194 -43.58 4.62 -1.89
N HIS B 195 -42.86 4.71 -0.77
CA HIS B 195 -43.29 4.10 0.49
C HIS B 195 -44.42 4.84 1.20
N ILE B 196 -44.75 6.03 0.68
CA ILE B 196 -45.81 6.85 1.24
C ILE B 196 -47.19 6.44 0.71
N LYS B 197 -47.20 5.56 -0.29
CA LYS B 197 -48.43 5.03 -0.86
C LYS B 197 -49.16 4.15 0.17
N GLY B 198 -50.48 4.09 0.06
CA GLY B 198 -51.28 3.25 0.96
C GLY B 198 -51.53 3.86 2.32
N VAL B 199 -50.87 4.99 2.59
CA VAL B 199 -51.03 5.69 3.85
C VAL B 199 -52.12 6.76 3.73
N LYS B 200 -52.88 6.94 4.82
CA LYS B 200 -53.97 7.91 4.92
C LYS B 200 -53.43 9.26 5.37
N LEU B 201 -52.80 9.99 4.45
CA LEU B 201 -52.13 11.27 4.76
C LEU B 201 -53.13 12.42 5.02
N ALA B 202 -52.62 13.64 5.18
CA ALA B 202 -53.42 14.74 5.73
C ALA B 202 -53.43 16.06 4.94
N ASN B 203 -52.93 16.04 3.70
CA ASN B 203 -52.79 17.24 2.85
C ASN B 203 -51.80 18.30 3.39
N ASP B 204 -51.66 18.37 4.73
CA ASP B 204 -50.67 19.26 5.31
C ASP B 204 -49.28 18.60 5.39
N VAL B 205 -49.18 17.41 4.77
CA VAL B 205 -47.95 16.63 4.76
C VAL B 205 -46.95 17.18 3.73
N ASN B 206 -45.97 17.94 4.24
CA ASN B 206 -44.87 18.44 3.41
C ASN B 206 -43.79 17.37 3.25
N LEU B 207 -43.78 16.76 2.07
CA LEU B 207 -42.86 15.69 1.74
C LEU B 207 -41.46 16.21 1.45
N GLN B 208 -41.39 17.44 0.95
CA GLN B 208 -40.11 18.10 0.65
C GLN B 208 -39.38 18.53 1.92
N GLU B 209 -40.16 18.74 3.00
CA GLU B 209 -39.66 19.13 4.34
C GLU B 209 -39.01 17.94 5.04
N VAL B 210 -39.57 16.75 4.79
CA VAL B 210 -38.96 15.50 5.25
C VAL B 210 -37.66 15.30 4.48
N ALA B 211 -37.68 15.61 3.18
CA ALA B 211 -36.52 15.49 2.30
C ALA B 211 -35.33 16.34 2.77
N LYS B 212 -35.64 17.36 3.58
CA LYS B 212 -34.63 18.22 4.20
C LYS B 212 -34.13 17.52 5.46
N LEU B 213 -34.95 17.60 6.51
CA LEU B 213 -34.65 17.01 7.83
C LEU B 213 -33.94 15.69 7.69
N THR B 214 -34.45 14.84 6.81
CA THR B 214 -33.84 13.55 6.55
C THR B 214 -33.01 13.62 5.28
N ALA B 215 -31.71 13.45 5.46
CA ALA B 215 -30.71 13.55 4.41
C ALA B 215 -29.45 12.84 4.84
N GLY B 216 -28.89 12.03 3.95
CA GLY B 216 -27.71 11.21 4.26
C GLY B 216 -28.03 9.79 4.65
N LEU B 217 -29.31 9.56 5.03
CA LEU B 217 -29.74 8.23 5.47
C LEU B 217 -30.20 7.41 4.27
N ALA B 218 -29.91 6.11 4.30
CA ALA B 218 -30.24 5.19 3.19
C ALA B 218 -31.74 5.09 2.88
N GLY B 219 -32.06 4.57 1.70
CA GLY B 219 -33.45 4.38 1.26
C GLY B 219 -34.29 3.47 2.17
N ALA B 220 -33.62 2.57 2.88
CA ALA B 220 -34.28 1.64 3.80
C ALA B 220 -34.77 2.34 5.05
N ASP B 221 -33.95 3.27 5.56
CA ASP B 221 -34.26 4.02 6.79
C ASP B 221 -35.42 4.95 6.55
N LEU B 222 -35.44 5.53 5.35
CA LEU B 222 -36.52 6.38 4.86
C LEU B 222 -37.86 5.66 4.77
N ALA B 223 -37.80 4.37 4.46
CA ALA B 223 -39.00 3.54 4.38
C ALA B 223 -39.57 3.40 5.77
N ASN B 224 -38.69 2.98 6.69
CA ASN B 224 -39.00 2.70 8.10
C ASN B 224 -39.71 3.86 8.78
N ILE B 225 -39.24 5.06 8.46
CA ILE B 225 -39.73 6.30 9.05
C ILE B 225 -41.19 6.58 8.68
N ILE B 226 -41.57 6.27 7.45
CA ILE B 226 -42.95 6.45 6.97
C ILE B 226 -43.92 5.50 7.67
N ASN B 227 -43.39 4.34 8.08
CA ASN B 227 -44.12 3.36 8.85
C ASN B 227 -44.30 3.85 10.28
N GLU B 228 -43.16 4.07 10.93
CA GLU B 228 -43.11 4.63 12.29
C GLU B 228 -44.14 5.74 12.41
N ALA B 229 -44.03 6.76 11.55
CA ALA B 229 -45.01 7.84 11.51
C ALA B 229 -46.44 7.32 11.51
N ALA B 230 -46.77 6.46 10.55
CA ALA B 230 -48.13 5.95 10.40
C ALA B 230 -48.45 4.93 11.49
N LEU B 231 -47.43 4.20 11.93
CA LEU B 231 -47.57 3.22 13.00
C LEU B 231 -47.89 3.97 14.30
N LEU B 232 -46.88 4.69 14.80
CA LEU B 232 -46.98 5.58 15.96
C LEU B 232 -47.99 6.74 15.80
N ALA B 233 -48.77 6.69 14.71
CA ALA B 233 -49.91 7.59 14.51
C ALA B 233 -51.21 6.82 14.79
N GLY B 234 -51.27 5.58 14.33
CA GLY B 234 -52.40 4.68 14.63
C GLY B 234 -52.47 4.34 16.11
N ARG B 235 -51.32 4.43 16.80
CA ARG B 235 -51.20 4.19 18.24
C ARG B 235 -52.13 5.14 18.97
N ASN B 236 -51.90 6.44 18.77
CA ASN B 236 -52.69 7.49 19.40
C ASN B 236 -54.15 7.51 18.95
N ASN B 237 -54.47 6.71 17.94
CA ASN B 237 -55.80 6.64 17.32
C ASN B 237 -56.13 7.91 16.54
N GLN B 238 -55.09 8.66 16.20
CA GLN B 238 -55.26 9.76 15.27
C GLN B 238 -55.49 9.20 13.88
N LYS B 239 -56.73 9.30 13.42
CA LYS B 239 -57.09 8.80 12.10
C LYS B 239 -56.69 9.82 11.03
N GLU B 240 -55.38 9.96 10.77
CA GLU B 240 -54.89 11.06 9.91
C GLU B 240 -53.47 11.03 9.34
N VAL B 241 -52.50 10.52 10.10
CA VAL B 241 -51.04 10.64 9.79
C VAL B 241 -50.65 11.95 9.12
N ARG B 242 -50.30 12.95 9.92
CA ARG B 242 -49.95 14.26 9.37
C ARG B 242 -48.45 14.56 9.48
N GLN B 243 -48.02 15.63 8.83
CA GLN B 243 -46.63 16.10 8.81
C GLN B 243 -46.00 16.13 10.21
N GLN B 244 -46.81 16.46 11.20
CA GLN B 244 -46.40 16.44 12.60
C GLN B 244 -45.77 15.09 12.96
N HIS B 245 -46.45 13.98 12.62
CA HIS B 245 -45.96 12.61 12.85
C HIS B 245 -44.74 12.29 12.00
N LEU B 246 -44.78 12.69 10.74
CA LEU B 246 -43.67 12.51 9.84
C LEU B 246 -42.41 13.01 10.52
N LYS B 247 -42.44 14.27 10.96
CA LYS B 247 -41.32 14.91 11.65
C LYS B 247 -41.15 14.38 13.08
N GLU B 248 -42.25 13.99 13.71
CA GLU B 248 -42.21 13.29 15.00
C GLU B 248 -41.26 12.11 14.92
N ALA B 249 -41.35 11.36 13.82
CA ALA B 249 -40.42 10.28 13.50
C ALA B 249 -38.99 10.83 13.47
N VAL B 250 -38.20 10.40 12.49
CA VAL B 250 -36.79 10.83 12.41
C VAL B 250 -36.26 10.89 13.85
N GLU B 251 -36.55 9.82 14.58
CA GLU B 251 -36.40 9.78 16.03
C GLU B 251 -35.20 8.91 16.30
N ARG B 252 -34.14 9.18 15.54
CA ARG B 252 -33.03 8.26 15.42
C ARG B 252 -31.68 8.95 15.57
N GLY B 253 -30.96 9.06 14.46
CA GLY B 253 -29.53 9.35 14.47
C GLY B 253 -28.79 8.11 14.97
N ILE B 254 -29.42 7.45 15.95
CA ILE B 254 -29.03 6.16 16.54
C ILE B 254 -27.64 6.07 17.21
N ALA B 255 -27.63 5.56 18.44
CA ALA B 255 -26.38 5.22 19.15
C ALA B 255 -25.58 4.20 18.33
N GLY B 256 -26.22 3.06 18.04
CA GLY B 256 -25.61 1.99 17.23
C GLY B 256 -24.34 1.39 17.81
N LEU B 257 -24.07 1.69 19.09
CA LEU B 257 -22.88 1.22 19.79
C LEU B 257 -23.05 -0.24 20.20
N GLU B 258 -22.12 -1.08 19.73
CA GLU B 258 -22.13 -2.52 19.96
C GLU B 258 -21.80 -2.88 21.43
N LYS B 259 -21.32 -4.13 21.63
CA LYS B 259 -20.84 -4.55 22.94
C LYS B 259 -19.34 -4.86 22.90
N ILE C 1 -1.74 -21.59 -2.46
CA ILE C 1 -2.64 -20.41 -2.27
C ILE C 1 -3.23 -19.89 -3.60
N ASN C 2 -2.42 -19.97 -4.68
CA ASN C 2 -2.84 -19.64 -6.06
C ASN C 2 -2.48 -20.78 -7.03
N ALA C 3 -3.30 -20.99 -8.08
CA ALA C 3 -3.07 -22.03 -9.12
C ALA C 3 -3.90 -21.83 -10.40
N GLU C 4 -3.30 -21.28 -11.47
CA GLU C 4 -4.08 -20.95 -12.69
C GLU C 4 -3.39 -21.10 -14.08
N LYS C 5 -3.81 -22.12 -14.85
CA LYS C 5 -3.33 -22.35 -16.22
C LYS C 5 -4.29 -21.62 -17.18
N PRO C 6 -3.77 -20.98 -18.25
CA PRO C 6 -4.65 -20.22 -19.15
C PRO C 6 -4.98 -20.94 -20.46
N ASN C 7 -6.08 -20.52 -21.07
CA ASN C 7 -6.58 -21.15 -22.30
C ASN C 7 -6.27 -20.43 -23.61
N VAL C 8 -6.01 -19.12 -23.53
CA VAL C 8 -5.60 -18.29 -24.69
C VAL C 8 -4.38 -18.82 -25.45
N ARG C 9 -4.36 -18.65 -26.77
CA ARG C 9 -3.14 -18.80 -27.56
C ARG C 9 -2.90 -17.55 -28.42
N PHE C 10 -1.74 -17.43 -29.06
CA PHE C 10 -1.38 -16.20 -29.76
C PHE C 10 -2.39 -15.77 -30.79
N LYS C 11 -2.85 -16.72 -31.58
CA LYS C 11 -3.84 -16.44 -32.61
C LYS C 11 -5.18 -15.93 -32.05
N ASP C 12 -5.23 -15.51 -30.79
CA ASP C 12 -6.41 -14.80 -30.33
C ASP C 12 -6.05 -13.34 -30.31
N MET C 13 -4.80 -13.07 -30.63
CA MET C 13 -4.32 -11.72 -30.58
C MET C 13 -4.06 -11.34 -32.01
N ALA C 14 -4.80 -10.33 -32.44
CA ALA C 14 -4.83 -9.88 -33.83
C ALA C 14 -3.81 -8.81 -34.03
N GLY C 15 -3.00 -8.96 -35.07
CA GLY C 15 -1.95 -8.00 -35.34
C GLY C 15 -0.73 -8.33 -34.52
N ASN C 16 -0.10 -7.30 -33.97
CA ASN C 16 1.13 -7.46 -33.18
C ASN C 16 2.16 -8.45 -33.73
N GLU C 17 2.22 -8.56 -35.06
CA GLU C 17 3.03 -9.57 -35.73
C GLU C 17 4.43 -9.70 -35.12
N GLU C 18 4.94 -8.57 -34.64
CA GLU C 18 6.30 -8.49 -34.08
C GLU C 18 6.29 -8.67 -32.56
N ALA C 19 5.46 -7.87 -31.90
CA ALA C 19 5.25 -7.94 -30.44
C ALA C 19 5.01 -9.36 -29.94
N LYS C 20 4.94 -10.34 -30.83
CA LYS C 20 4.90 -11.73 -30.41
C LYS C 20 6.17 -12.43 -30.85
N GLU C 21 6.82 -11.93 -31.90
CA GLU C 21 8.16 -12.45 -32.22
C GLU C 21 9.05 -12.11 -31.04
N GLU C 22 8.65 -11.06 -30.34
CA GLU C 22 9.32 -10.57 -29.14
C GLU C 22 9.03 -11.39 -27.87
N VAL C 23 7.90 -12.11 -27.80
CA VAL C 23 7.68 -13.06 -26.67
C VAL C 23 7.87 -14.56 -26.97
N VAL C 24 8.31 -14.89 -28.17
CA VAL C 24 8.31 -16.29 -28.64
C VAL C 24 9.32 -17.09 -27.82
N GLU C 25 10.49 -16.47 -27.64
CA GLU C 25 11.63 -17.06 -26.95
C GLU C 25 11.22 -17.41 -25.53
N ILE C 26 10.46 -16.50 -24.91
CA ILE C 26 9.97 -16.67 -23.55
C ILE C 26 9.15 -17.94 -23.45
N VAL C 27 8.68 -18.46 -24.56
CA VAL C 27 7.94 -19.70 -24.48
C VAL C 27 8.96 -20.81 -24.30
N ASP C 28 9.91 -20.93 -25.24
CA ASP C 28 10.93 -21.97 -25.23
C ASP C 28 11.53 -22.16 -23.83
N PHE C 29 11.92 -21.06 -23.19
CA PHE C 29 12.35 -21.05 -21.81
C PHE C 29 11.42 -21.87 -20.93
N LEU C 30 10.13 -21.61 -21.04
CA LEU C 30 9.14 -22.34 -20.24
C LEU C 30 8.89 -23.75 -20.81
N LYS C 31 9.03 -23.92 -22.11
CA LYS C 31 8.78 -25.24 -22.72
C LYS C 31 9.95 -26.19 -22.51
N TYR C 32 11.16 -25.66 -22.65
CA TYR C 32 12.35 -26.48 -22.59
C TYR C 32 13.38 -25.87 -21.65
N PRO C 33 12.99 -25.63 -20.38
CA PRO C 33 13.90 -24.93 -19.45
C PRO C 33 15.24 -25.67 -19.28
N GLU C 34 15.19 -27.00 -19.23
CA GLU C 34 16.36 -27.86 -19.12
C GLU C 34 17.41 -27.47 -20.12
N ARG C 35 17.09 -27.64 -21.41
CA ARG C 35 18.00 -27.29 -22.51
C ARG C 35 18.88 -26.06 -22.21
N TYR C 36 18.27 -25.02 -21.64
CA TYR C 36 18.99 -23.81 -21.25
C TYR C 36 19.82 -23.97 -19.96
N ALA C 37 19.23 -24.51 -18.90
CA ALA C 37 20.01 -24.76 -17.68
C ALA C 37 21.14 -25.76 -17.94
N ASN C 38 20.77 -26.93 -18.46
CA ASN C 38 21.71 -27.95 -18.86
C ASN C 38 22.88 -27.31 -19.61
N LEU C 39 22.60 -26.22 -20.33
CA LEU C 39 23.58 -25.56 -21.18
C LEU C 39 24.36 -24.44 -20.47
N GLY C 40 23.98 -24.17 -19.22
CA GLY C 40 24.59 -23.10 -18.47
C GLY C 40 24.16 -21.68 -18.83
N ALA C 41 23.19 -21.56 -19.71
CA ALA C 41 22.63 -20.26 -20.12
C ALA C 41 21.69 -19.71 -19.06
N LYS C 42 21.87 -18.44 -18.72
CA LYS C 42 20.98 -17.78 -17.79
C LYS C 42 19.95 -17.09 -18.64
N ILE C 43 18.70 -17.49 -18.46
CA ILE C 43 17.59 -16.82 -19.18
C ILE C 43 17.14 -15.53 -18.44
N PRO C 44 16.58 -14.55 -19.19
CA PRO C 44 16.02 -13.38 -18.55
C PRO C 44 14.96 -13.79 -17.55
N LYS C 45 14.49 -12.84 -16.75
CA LYS C 45 13.61 -13.19 -15.66
C LYS C 45 12.55 -12.15 -15.41
N GLY C 46 12.26 -11.37 -16.45
CA GLY C 46 11.24 -10.34 -16.39
C GLY C 46 11.17 -9.63 -17.71
N VAL C 47 9.95 -9.43 -18.20
CA VAL C 47 9.72 -8.63 -19.40
C VAL C 47 8.67 -7.57 -19.12
N LEU C 48 8.97 -6.35 -19.54
CA LEU C 48 8.01 -5.27 -19.40
C LEU C 48 7.14 -5.20 -20.65
N LEU C 49 5.82 -5.25 -20.49
CA LEU C 49 4.93 -5.02 -21.61
C LEU C 49 4.45 -3.60 -21.56
N VAL C 50 5.22 -2.72 -22.20
CA VAL C 50 4.81 -1.33 -22.25
C VAL C 50 3.79 -1.13 -23.37
N GLY C 51 2.62 -0.59 -23.01
CA GLY C 51 1.58 -0.22 -23.99
C GLY C 51 0.29 0.27 -23.34
N PRO C 52 -0.51 1.08 -24.04
CA PRO C 52 -1.70 1.75 -23.50
C PRO C 52 -2.80 0.77 -23.16
N PRO C 53 -3.90 1.21 -22.52
CA PRO C 53 -4.86 0.24 -22.00
C PRO C 53 -5.70 -0.41 -23.08
N GLY C 54 -6.10 -1.65 -22.83
CA GLY C 54 -6.93 -2.41 -23.77
C GLY C 54 -6.16 -2.64 -25.06
N THR C 55 -4.99 -3.26 -24.96
CA THR C 55 -4.12 -3.32 -26.12
C THR C 55 -3.55 -4.74 -26.23
N GLY C 56 -4.19 -5.66 -25.52
CA GLY C 56 -3.82 -7.09 -25.53
C GLY C 56 -2.50 -7.47 -24.89
N LYS C 57 -2.11 -6.75 -23.81
CA LYS C 57 -0.92 -7.04 -22.97
C LYS C 57 -1.20 -8.21 -22.06
N THR C 58 -2.19 -8.06 -21.17
CA THR C 58 -2.58 -9.16 -20.35
C THR C 58 -2.80 -10.36 -21.25
N LEU C 59 -3.34 -10.09 -22.46
CA LEU C 59 -3.67 -11.13 -23.44
C LEU C 59 -2.39 -11.81 -23.88
N LEU C 60 -1.47 -11.04 -24.44
CA LEU C 60 -0.20 -11.60 -24.79
C LEU C 60 0.47 -12.27 -23.56
N ALA C 61 0.38 -11.64 -22.38
CA ALA C 61 0.84 -12.32 -21.18
C ALA C 61 0.19 -13.68 -21.09
N LYS C 62 -1.12 -13.74 -20.78
CA LYS C 62 -1.87 -15.01 -20.74
C LYS C 62 -1.52 -15.91 -21.95
N ALA C 63 -1.27 -15.27 -23.11
CA ALA C 63 -1.01 -15.99 -24.35
C ALA C 63 0.26 -16.80 -24.27
N VAL C 64 1.34 -16.19 -23.76
CA VAL C 64 2.58 -16.93 -23.55
C VAL C 64 2.39 -18.11 -22.60
N ALA C 65 1.69 -17.89 -21.49
CA ALA C 65 1.41 -18.98 -20.59
C ALA C 65 0.60 -20.06 -21.30
N GLY C 66 -0.37 -19.64 -22.11
CA GLY C 66 -1.21 -20.56 -22.88
C GLY C 66 -0.41 -21.36 -23.90
N GLU C 67 0.44 -20.67 -24.66
CA GLU C 67 1.31 -21.33 -25.62
C GLU C 67 2.29 -22.27 -24.93
N ALA C 68 2.48 -22.06 -23.63
CA ALA C 68 3.47 -22.81 -22.87
C ALA C 68 2.86 -23.88 -21.98
N HIS C 69 1.54 -23.82 -21.84
CA HIS C 69 0.83 -24.67 -20.91
C HIS C 69 1.63 -24.65 -19.63
N VAL C 70 1.69 -23.49 -19.02
CA VAL C 70 2.31 -23.35 -17.72
C VAL C 70 1.41 -22.42 -16.94
N PRO C 71 1.35 -22.57 -15.62
CA PRO C 71 0.33 -21.81 -14.87
C PRO C 71 0.54 -20.30 -14.96
N PHE C 72 -0.50 -19.54 -14.71
CA PHE C 72 -0.39 -18.13 -14.92
C PHE C 72 -0.82 -17.52 -13.59
N PHE C 73 0.03 -16.69 -13.01
CA PHE C 73 -0.21 -16.14 -11.68
C PHE C 73 -0.36 -14.64 -11.78
N SER C 74 -1.47 -14.13 -11.29
CA SER C 74 -1.73 -12.73 -11.52
C SER C 74 -1.44 -12.00 -10.25
N MET C 75 -1.07 -10.74 -10.35
CA MET C 75 -1.02 -9.90 -9.17
C MET C 75 -1.49 -8.51 -9.53
N GLY C 76 -2.59 -8.10 -8.92
CA GLY C 76 -3.19 -6.82 -9.27
C GLY C 76 -2.24 -5.68 -8.93
N GLY C 77 -2.03 -4.77 -9.89
CA GLY C 77 -1.28 -3.53 -9.63
C GLY C 77 -1.85 -2.65 -8.51
N SER C 78 -3.11 -2.24 -8.66
CA SER C 78 -3.81 -1.41 -7.66
C SER C 78 -4.33 -2.27 -6.50
N SER C 79 -3.99 -3.57 -6.55
CA SER C 79 -4.33 -4.48 -5.47
C SER C 79 -3.41 -4.28 -4.27
N PHE C 80 -3.14 -3.01 -3.94
CA PHE C 80 -2.25 -2.62 -2.84
C PHE C 80 -2.60 -1.24 -2.23
N ILE C 81 -2.97 -0.27 -3.07
CA ILE C 81 -3.31 1.10 -2.59
C ILE C 81 -4.71 1.24 -1.97
N GLU C 82 -5.00 0.44 -0.94
CA GLU C 82 -6.30 0.48 -0.23
C GLU C 82 -6.34 -0.14 1.18
N MET C 83 -5.17 -0.45 1.75
CA MET C 83 -5.07 -1.14 3.06
C MET C 83 -4.80 -0.18 4.25
N PHE C 84 -3.98 -0.60 5.22
CA PHE C 84 -3.66 0.23 6.40
C PHE C 84 -2.18 0.18 6.82
N VAL C 85 -1.91 0.61 8.06
CA VAL C 85 -0.56 0.65 8.64
C VAL C 85 -0.17 -0.63 9.39
N GLY C 86 0.82 -1.35 8.82
CA GLY C 86 1.29 -2.61 9.41
C GLY C 86 1.41 -3.77 8.42
N LEU C 87 0.40 -3.94 7.55
CA LEU C 87 0.32 -5.14 6.67
C LEU C 87 0.14 -4.90 5.16
N GLY C 88 0.49 -5.99 4.40
CA GLY C 88 0.43 -6.00 2.94
C GLY C 88 1.76 -6.29 2.25
N ALA C 89 2.79 -6.56 3.06
CA ALA C 89 4.17 -6.69 2.56
C ALA C 89 4.50 -8.01 1.87
N SER C 90 4.07 -9.13 2.46
CA SER C 90 4.51 -10.45 2.02
C SER C 90 3.68 -11.04 0.89
N ARG C 91 2.55 -10.38 0.56
CA ARG C 91 1.72 -10.84 -0.55
C ARG C 91 2.51 -10.88 -1.86
N VAL C 92 3.66 -10.22 -1.84
CA VAL C 92 4.62 -10.28 -2.92
C VAL C 92 5.44 -11.57 -2.79
N ARG C 93 5.72 -11.98 -1.56
CA ARG C 93 6.54 -13.18 -1.33
C ARG C 93 5.75 -14.47 -1.57
N ASP C 94 4.51 -14.51 -1.08
CA ASP C 94 3.64 -15.69 -1.21
C ASP C 94 3.33 -16.02 -2.67
N LEU C 95 2.98 -14.97 -3.43
CA LEU C 95 2.75 -15.10 -4.86
C LEU C 95 3.95 -15.76 -5.50
N PHE C 96 5.10 -15.10 -5.37
CA PHE C 96 6.38 -15.58 -5.91
C PHE C 96 6.77 -16.93 -5.31
N GLU C 97 6.29 -17.21 -4.10
CA GLU C 97 6.51 -18.50 -3.42
C GLU C 97 5.86 -19.63 -4.22
N THR C 98 4.55 -19.55 -4.44
CA THR C 98 3.83 -20.60 -5.16
C THR C 98 4.07 -20.58 -6.66
N ALA C 99 4.41 -19.42 -7.22
CA ALA C 99 4.84 -19.36 -8.61
C ALA C 99 6.10 -20.17 -8.79
N LYS C 100 7.04 -19.98 -7.86
CA LYS C 100 8.32 -20.67 -7.84
C LYS C 100 8.14 -22.15 -7.52
N LYS C 101 7.23 -22.42 -6.57
CA LYS C 101 6.84 -23.77 -6.18
C LYS C 101 6.50 -24.64 -7.39
N GLN C 102 5.71 -24.09 -8.32
CA GLN C 102 5.39 -24.79 -9.56
C GLN C 102 5.90 -24.15 -10.86
N ALA C 103 7.19 -23.82 -10.88
CA ALA C 103 7.91 -23.47 -12.10
C ALA C 103 7.86 -24.68 -13.02
N PRO C 104 7.93 -24.49 -14.36
CA PRO C 104 8.02 -23.25 -15.11
C PRO C 104 6.69 -22.53 -15.05
N SER C 105 6.72 -21.21 -14.87
CA SER C 105 5.49 -20.47 -14.63
C SER C 105 5.67 -18.98 -14.88
N ILE C 106 4.55 -18.25 -14.75
CA ILE C 106 4.50 -16.85 -15.13
C ILE C 106 3.83 -16.00 -14.03
N ILE C 107 4.47 -14.90 -13.67
CA ILE C 107 3.86 -13.95 -12.78
C ILE C 107 3.42 -12.76 -13.63
N PHE C 108 2.13 -12.44 -13.61
CA PHE C 108 1.72 -11.29 -14.38
C PHE C 108 1.45 -10.11 -13.46
N ILE C 109 2.15 -9.01 -13.69
CA ILE C 109 1.86 -7.79 -12.92
C ILE C 109 1.31 -6.73 -13.87
N ASP C 110 -0.02 -6.55 -13.84
CA ASP C 110 -0.70 -5.49 -14.57
C ASP C 110 -0.55 -4.24 -13.75
N GLU C 111 -0.26 -3.11 -14.40
CA GLU C 111 -0.11 -1.85 -13.69
C GLU C 111 1.09 -1.95 -12.73
N ILE C 112 2.24 -2.35 -13.28
CA ILE C 112 3.46 -2.42 -12.50
C ILE C 112 3.80 -1.01 -11.99
N ASP C 113 3.43 0.01 -12.77
CA ASP C 113 3.60 1.41 -12.39
C ASP C 113 2.58 1.87 -11.33
N ALA C 114 2.24 0.99 -10.41
CA ALA C 114 1.49 1.36 -9.20
C ALA C 114 2.29 0.89 -8.00
N ILE C 115 3.48 0.40 -8.28
CA ILE C 115 4.47 0.11 -7.25
C ILE C 115 5.84 0.68 -7.62
N GLY C 116 6.01 1.12 -8.88
CA GLY C 116 7.29 1.71 -9.33
C GLY C 116 7.38 3.24 -9.30
N LYS C 117 7.55 3.81 -8.11
CA LYS C 117 7.54 5.26 -7.95
C LYS C 117 8.65 5.74 -6.99
N ASN C 128 7.45 9.09 5.61
CA ASN C 128 7.01 7.94 6.39
C ASN C 128 7.75 6.68 5.92
N ASP C 129 7.08 5.52 5.97
CA ASP C 129 7.51 4.30 5.27
C ASP C 129 6.28 3.49 4.83
N GLU C 130 6.10 3.42 3.50
CA GLU C 130 4.97 2.67 2.95
C GLU C 130 5.41 1.81 1.77
N ARG C 131 4.81 2.07 0.60
CA ARG C 131 4.90 1.24 -0.61
C ARG C 131 6.25 0.52 -0.85
N GLU C 132 7.35 1.12 -0.40
CA GLU C 132 8.67 0.44 -0.42
C GLU C 132 8.61 -0.96 0.23
N GLN C 133 7.58 -1.20 1.05
CA GLN C 133 7.25 -2.55 1.53
C GLN C 133 7.02 -3.45 0.34
N THR C 134 6.03 -3.07 -0.48
CA THR C 134 5.56 -3.83 -1.65
C THR C 134 6.60 -3.92 -2.79
N LEU C 135 7.13 -2.78 -3.23
CA LEU C 135 8.34 -2.81 -4.04
C LEU C 135 9.49 -3.16 -3.09
N ASN C 136 10.71 -3.27 -3.62
CA ASN C 136 11.85 -3.79 -2.85
C ASN C 136 11.68 -5.26 -2.54
N GLN C 137 10.47 -5.62 -2.12
CA GLN C 137 10.05 -7.02 -2.02
C GLN C 137 10.09 -7.62 -3.40
N LEU C 138 9.79 -6.81 -4.41
CA LEU C 138 9.80 -7.27 -5.79
C LEU C 138 11.20 -7.60 -6.20
N LEU C 139 12.02 -6.56 -6.38
CA LEU C 139 13.41 -6.72 -6.81
C LEU C 139 14.14 -7.73 -5.94
N ALA C 140 13.77 -7.79 -4.65
CA ALA C 140 14.28 -8.81 -3.76
C ALA C 140 13.98 -10.20 -4.30
N GLU C 141 12.69 -10.54 -4.45
CA GLU C 141 12.28 -11.84 -4.95
C GLU C 141 12.80 -12.05 -6.36
N MET C 142 13.09 -10.94 -7.04
CA MET C 142 13.49 -10.96 -8.44
C MET C 142 14.98 -10.88 -8.71
N ASP C 143 15.78 -10.62 -7.67
CA ASP C 143 17.22 -10.48 -7.89
C ASP C 143 17.94 -11.82 -8.01
N GLY C 144 17.28 -12.88 -7.55
CA GLY C 144 17.79 -14.26 -7.75
C GLY C 144 17.25 -15.16 -6.65
N PHE C 145 16.91 -14.53 -5.52
CA PHE C 145 16.34 -15.19 -4.32
C PHE C 145 15.59 -16.50 -4.63
N GLY C 146 16.05 -17.68 -4.20
CA GLY C 146 17.41 -17.92 -3.69
C GLY C 146 17.90 -19.23 -4.30
N SER C 147 17.55 -19.46 -5.57
CA SER C 147 17.87 -20.70 -6.31
C SER C 147 18.53 -20.45 -7.68
N GLU C 148 17.87 -19.66 -8.54
CA GLU C 148 18.33 -19.37 -9.93
C GLU C 148 18.34 -20.64 -10.82
N ASN C 149 17.40 -21.55 -10.51
CA ASN C 149 17.29 -22.84 -11.17
C ASN C 149 15.88 -23.03 -11.76
N ALA C 150 14.87 -22.99 -10.87
CA ALA C 150 13.44 -23.13 -11.22
C ALA C 150 12.92 -21.87 -11.93
N PRO C 151 12.61 -22.00 -13.24
CA PRO C 151 12.35 -20.86 -14.11
C PRO C 151 10.94 -20.33 -13.94
N VAL C 152 10.80 -19.21 -13.23
CA VAL C 152 9.52 -18.52 -13.12
C VAL C 152 9.70 -17.15 -13.73
N ILE C 153 9.41 -17.03 -15.04
CA ILE C 153 9.55 -15.76 -15.76
C ILE C 153 8.41 -14.83 -15.39
N VAL C 154 8.73 -13.59 -15.01
CA VAL C 154 7.67 -12.69 -14.58
C VAL C 154 7.40 -11.68 -15.65
N LEU C 155 6.11 -11.43 -15.89
CA LEU C 155 5.65 -10.48 -16.90
C LEU C 155 4.92 -9.30 -16.26
N ALA C 156 5.43 -8.10 -16.54
CA ALA C 156 4.75 -6.91 -16.04
C ALA C 156 4.39 -5.97 -17.17
N ALA C 157 3.27 -5.29 -16.98
CA ALA C 157 2.72 -4.41 -17.96
C ALA C 157 2.51 -3.07 -17.30
N THR C 158 2.95 -2.02 -17.98
CA THR C 158 2.67 -0.66 -17.55
C THR C 158 2.17 0.14 -18.74
N ASN C 159 1.29 1.11 -18.46
CA ASN C 159 0.91 2.11 -19.45
C ASN C 159 1.64 3.43 -19.25
N ARG C 160 2.37 3.52 -18.13
CA ARG C 160 3.19 4.70 -17.84
C ARG C 160 4.61 4.27 -17.49
N PRO C 161 5.43 3.93 -18.50
CA PRO C 161 6.81 3.56 -18.22
C PRO C 161 7.58 4.75 -17.65
N GLU C 162 7.07 5.94 -17.94
CA GLU C 162 7.60 7.20 -17.44
C GLU C 162 7.74 7.09 -15.93
N ILE C 163 6.60 7.10 -15.25
CA ILE C 163 6.54 7.12 -13.79
C ILE C 163 7.16 5.86 -13.18
N LEU C 164 7.42 4.87 -14.03
CA LEU C 164 8.01 3.63 -13.58
C LEU C 164 9.28 3.96 -12.81
N ASP C 165 9.58 3.20 -11.77
CA ASP C 165 10.87 3.37 -11.11
C ASP C 165 12.00 2.94 -12.04
N PRO C 166 12.87 3.88 -12.41
CA PRO C 166 14.09 3.67 -13.22
C PRO C 166 15.07 2.61 -12.72
N ALA C 167 14.82 2.02 -11.54
CA ALA C 167 15.71 0.97 -11.00
C ALA C 167 15.35 -0.42 -11.49
N LEU C 168 14.07 -0.78 -11.35
CA LEU C 168 13.49 -2.08 -11.78
C LEU C 168 13.98 -2.64 -13.13
N MET C 169 14.45 -1.75 -13.98
CA MET C 169 14.83 -2.07 -15.36
C MET C 169 16.32 -2.34 -15.56
N ARG C 170 17.09 -2.21 -14.49
CA ARG C 170 18.51 -2.53 -14.50
C ARG C 170 18.68 -4.02 -14.83
N PRO C 171 19.65 -4.34 -15.70
CA PRO C 171 19.89 -5.72 -16.16
C PRO C 171 19.84 -6.74 -15.03
N GLY C 172 19.20 -7.88 -15.25
CA GLY C 172 19.05 -8.88 -14.20
C GLY C 172 17.67 -8.82 -13.60
N ARG C 173 16.91 -7.81 -13.99
CA ARG C 173 15.49 -7.75 -13.66
C ARG C 173 14.64 -7.47 -14.92
N PHE C 174 13.80 -6.44 -14.89
CA PHE C 174 12.91 -6.18 -16.02
C PHE C 174 13.64 -5.53 -17.21
N ASP C 175 14.60 -6.27 -17.76
CA ASP C 175 15.53 -5.77 -18.79
C ASP C 175 14.89 -5.42 -20.16
N ARG C 176 14.47 -6.46 -20.89
CA ARG C 176 13.76 -6.29 -22.17
C ARG C 176 12.30 -5.89 -21.94
N GLN C 177 11.90 -4.79 -22.57
CA GLN C 177 10.50 -4.44 -22.61
C GLN C 177 10.01 -4.78 -23.99
N VAL C 178 8.71 -4.96 -24.11
CA VAL C 178 8.09 -5.12 -25.42
C VAL C 178 6.88 -4.20 -25.55
N LEU C 179 6.85 -3.48 -26.65
CA LEU C 179 5.87 -2.43 -26.84
C LEU C 179 4.76 -2.95 -27.73
N VAL C 180 3.58 -2.38 -27.52
CA VAL C 180 2.37 -2.80 -28.20
C VAL C 180 1.38 -1.61 -28.18
N ASP C 181 1.04 -1.10 -29.38
CA ASP C 181 0.17 0.07 -29.50
C ASP C 181 -1.25 -0.18 -30.04
N LYS C 182 -2.02 0.89 -30.08
CA LYS C 182 -3.38 0.86 -30.60
C LYS C 182 -3.38 0.46 -32.07
N PRO C 183 -4.46 -0.16 -32.53
CA PRO C 183 -4.44 -0.62 -33.89
C PRO C 183 -4.74 0.50 -34.90
N ASP C 184 -3.96 0.52 -35.99
CA ASP C 184 -4.24 1.27 -37.20
C ASP C 184 -5.48 0.74 -37.94
N PHE C 185 -5.74 1.25 -39.16
CA PHE C 185 -7.02 0.96 -39.84
C PHE C 185 -6.98 -0.48 -40.29
N ASN C 186 -5.89 -0.89 -40.93
CA ASN C 186 -5.90 -2.30 -41.20
C ASN C 186 -5.78 -3.11 -39.92
N GLY C 187 -5.20 -2.49 -38.90
CA GLY C 187 -5.12 -3.09 -37.55
C GLY C 187 -6.47 -3.35 -36.90
N ARG C 188 -7.34 -2.34 -36.89
CA ARG C 188 -8.64 -2.51 -36.27
C ARG C 188 -9.46 -3.59 -36.96
N VAL C 189 -9.31 -3.66 -38.28
CA VAL C 189 -10.12 -4.58 -39.07
C VAL C 189 -9.74 -5.97 -38.68
N GLU C 190 -8.43 -6.25 -38.67
CA GLU C 190 -7.91 -7.51 -38.15
C GLU C 190 -8.48 -7.80 -36.72
N ILE C 191 -8.61 -6.77 -35.85
CA ILE C 191 -9.21 -7.01 -34.52
C ILE C 191 -10.67 -7.48 -34.59
N LEU C 192 -11.47 -6.85 -35.44
CA LEU C 192 -12.92 -7.16 -35.53
C LEU C 192 -13.20 -8.52 -36.18
N LYS C 193 -12.45 -8.84 -37.24
CA LYS C 193 -12.55 -10.14 -37.89
C LYS C 193 -12.39 -11.24 -36.82
N VAL C 194 -11.46 -10.98 -35.88
CA VAL C 194 -11.22 -11.82 -34.68
C VAL C 194 -12.41 -11.89 -33.75
N HIS C 195 -13.01 -10.76 -33.37
CA HIS C 195 -14.07 -10.85 -32.39
C HIS C 195 -15.43 -11.03 -32.98
N ILE C 196 -15.44 -11.26 -34.28
CA ILE C 196 -16.71 -11.29 -35.02
C ILE C 196 -17.17 -12.72 -35.08
N LYS C 197 -16.20 -13.65 -35.01
CA LYS C 197 -16.44 -15.08 -34.84
C LYS C 197 -17.63 -15.30 -33.92
N GLY C 198 -18.49 -16.26 -34.26
CA GLY C 198 -19.59 -16.62 -33.40
C GLY C 198 -20.75 -15.66 -33.36
N VAL C 199 -20.51 -14.40 -33.73
CA VAL C 199 -21.64 -13.49 -33.94
C VAL C 199 -22.29 -13.75 -35.27
N LYS C 200 -23.62 -13.69 -35.25
CA LYS C 200 -24.42 -13.78 -36.46
C LYS C 200 -24.58 -12.38 -37.03
N LEU C 201 -23.77 -12.09 -38.05
CA LEU C 201 -23.78 -10.81 -38.73
C LEU C 201 -24.66 -10.86 -39.97
N ALA C 202 -25.23 -9.69 -40.27
CA ALA C 202 -26.32 -9.55 -41.22
C ALA C 202 -25.99 -8.86 -42.56
N ASN C 203 -25.00 -9.37 -43.31
CA ASN C 203 -24.75 -8.90 -44.68
C ASN C 203 -24.54 -7.39 -44.94
N ASP C 204 -25.46 -6.50 -44.50
CA ASP C 204 -25.14 -5.07 -44.38
C ASP C 204 -23.72 -4.90 -43.89
N VAL C 205 -23.32 -5.84 -43.03
CA VAL C 205 -22.23 -5.62 -42.09
C VAL C 205 -20.97 -5.40 -42.83
N ASN C 206 -20.61 -4.10 -42.78
CA ASN C 206 -19.48 -3.59 -43.50
C ASN C 206 -18.49 -3.22 -42.45
N LEU C 207 -17.41 -4.03 -42.44
CA LEU C 207 -16.41 -3.96 -41.40
C LEU C 207 -15.47 -2.84 -41.64
N GLN C 208 -14.97 -2.63 -42.86
CA GLN C 208 -14.11 -1.49 -43.03
C GLN C 208 -14.90 -0.25 -42.61
N GLU C 209 -16.24 -0.29 -42.78
CA GLU C 209 -17.06 0.84 -42.33
C GLU C 209 -16.71 1.16 -40.89
N VAL C 210 -16.81 0.15 -40.02
CA VAL C 210 -16.53 0.38 -38.60
C VAL C 210 -15.05 0.56 -38.27
N ALA C 211 -14.13 0.02 -39.07
CA ALA C 211 -12.74 0.28 -38.74
C ALA C 211 -12.43 1.77 -38.80
N LYS C 212 -13.21 2.49 -39.58
CA LYS C 212 -13.03 3.92 -39.82
C LYS C 212 -13.52 4.76 -38.59
N LEU C 213 -14.73 4.46 -38.14
CA LEU C 213 -15.45 5.23 -37.10
C LEU C 213 -14.75 5.09 -35.74
N THR C 214 -13.96 4.03 -35.68
CA THR C 214 -13.28 3.56 -34.53
C THR C 214 -11.81 3.79 -34.78
N ALA C 215 -11.31 4.97 -34.40
CA ALA C 215 -9.88 5.25 -34.57
C ALA C 215 -9.26 5.69 -33.27
N GLY C 216 -8.08 5.14 -33.01
CA GLY C 216 -7.40 5.38 -31.75
C GLY C 216 -8.26 4.95 -30.57
N LEU C 217 -9.39 4.32 -30.89
CA LEU C 217 -10.02 3.44 -29.94
C LEU C 217 -8.99 2.37 -29.59
N ALA C 218 -9.13 1.80 -28.41
CA ALA C 218 -8.17 0.79 -28.00
C ALA C 218 -8.27 -0.47 -28.86
N GLY C 219 -9.30 -1.28 -28.65
CA GLY C 219 -9.27 -2.62 -29.25
C GLY C 219 -9.91 -3.59 -28.29
N ALA C 220 -9.76 -3.30 -27.01
CA ALA C 220 -10.46 -4.06 -26.01
C ALA C 220 -11.80 -3.51 -26.29
N ASP C 221 -11.76 -2.25 -26.70
CA ASP C 221 -12.92 -1.51 -27.15
C ASP C 221 -13.56 -2.04 -28.42
N LEU C 222 -12.73 -2.43 -29.39
CA LEU C 222 -13.21 -3.01 -30.64
C LEU C 222 -14.02 -4.25 -30.32
N ALA C 223 -13.38 -5.25 -29.70
CA ALA C 223 -14.10 -6.45 -29.23
C ALA C 223 -15.30 -6.03 -28.39
N ASN C 224 -15.23 -4.89 -27.77
CA ASN C 224 -16.39 -4.53 -27.02
C ASN C 224 -17.51 -4.02 -27.89
N ILE C 225 -17.14 -3.20 -28.88
CA ILE C 225 -18.12 -2.66 -29.86
C ILE C 225 -18.74 -3.90 -30.58
N ILE C 226 -18.00 -4.83 -31.14
CA ILE C 226 -18.68 -6.03 -31.67
C ILE C 226 -19.66 -6.62 -30.68
N ASN C 227 -19.38 -6.49 -29.39
CA ASN C 227 -20.34 -7.20 -28.42
C ASN C 227 -21.47 -6.36 -27.97
N GLU C 228 -21.22 -5.08 -27.59
CA GLU C 228 -22.36 -4.23 -27.23
C GLU C 228 -23.31 -4.00 -28.43
N ALA C 229 -22.75 -4.10 -29.61
CA ALA C 229 -23.32 -4.41 -31.01
C ALA C 229 -24.33 -5.61 -30.79
N ALA C 230 -23.95 -6.90 -31.03
CA ALA C 230 -24.70 -8.21 -30.95
C ALA C 230 -25.67 -7.96 -29.84
N LEU C 231 -25.51 -6.88 -28.64
CA LEU C 231 -26.32 -6.92 -27.53
C LEU C 231 -27.69 -6.32 -27.94
N LEU C 232 -27.37 -5.07 -28.37
CA LEU C 232 -28.20 -4.13 -28.97
C LEU C 232 -29.12 -4.63 -30.07
N ALA C 233 -28.51 -5.39 -30.91
CA ALA C 233 -29.35 -6.08 -31.85
C ALA C 233 -30.44 -6.94 -31.17
N GLY C 234 -29.95 -8.19 -30.86
CA GLY C 234 -30.93 -9.01 -30.12
C GLY C 234 -31.71 -8.43 -28.89
N ARG C 235 -31.29 -7.18 -28.24
CA ARG C 235 -32.07 -6.30 -27.35
C ARG C 235 -33.36 -5.91 -28.10
N ASN C 236 -33.16 -5.33 -29.26
CA ASN C 236 -34.24 -4.91 -30.22
C ASN C 236 -34.90 -5.98 -31.00
N ASN C 237 -34.51 -7.24 -30.71
CA ASN C 237 -35.09 -8.48 -31.32
C ASN C 237 -34.65 -8.86 -32.71
N GLN C 238 -33.92 -7.94 -33.45
CA GLN C 238 -33.27 -8.19 -34.79
C GLN C 238 -32.58 -9.49 -34.37
N LYS C 239 -32.85 -10.68 -35.14
CA LYS C 239 -31.90 -11.73 -34.88
C LYS C 239 -30.96 -11.91 -36.05
N GLU C 240 -30.33 -10.77 -36.34
CA GLU C 240 -29.51 -10.54 -37.51
C GLU C 240 -28.14 -9.88 -37.18
N VAL C 241 -28.10 -8.86 -36.25
CA VAL C 241 -26.82 -8.10 -36.04
C VAL C 241 -26.45 -7.41 -37.35
N ARG C 242 -27.38 -6.37 -37.99
CA ARG C 242 -27.15 -5.66 -39.13
C ARG C 242 -26.15 -4.52 -38.65
N GLN C 243 -25.27 -4.19 -39.50
CA GLN C 243 -24.49 -2.94 -39.32
C GLN C 243 -25.22 -1.83 -38.73
N GLN C 244 -26.52 -1.66 -38.93
CA GLN C 244 -27.14 -0.57 -38.23
C GLN C 244 -26.67 -0.64 -36.75
N HIS C 245 -26.68 -1.87 -36.15
CA HIS C 245 -26.20 -2.16 -34.78
C HIS C 245 -24.66 -1.90 -34.50
N LEU C 246 -23.70 -2.45 -35.32
CA LEU C 246 -22.30 -2.08 -35.13
C LEU C 246 -22.25 -0.52 -35.07
N LYS C 247 -22.88 0.14 -36.02
CA LYS C 247 -22.78 1.61 -36.06
C LYS C 247 -23.48 2.20 -34.87
N GLU C 248 -24.53 1.53 -34.39
CA GLU C 248 -25.38 2.08 -33.28
C GLU C 248 -24.64 1.85 -31.99
N ALA C 249 -23.92 0.70 -31.87
CA ALA C 249 -22.82 0.54 -30.87
C ALA C 249 -21.87 1.69 -31.19
N VAL C 250 -20.55 1.51 -31.12
CA VAL C 250 -19.66 2.66 -31.37
C VAL C 250 -20.36 3.93 -30.84
N GLU C 251 -20.99 3.75 -29.67
CA GLU C 251 -21.76 4.75 -28.92
C GLU C 251 -21.12 4.51 -27.55
N ARG C 252 -19.91 3.99 -27.64
CA ARG C 252 -19.00 3.89 -26.54
C ARG C 252 -18.01 5.03 -26.69
N GLY C 253 -18.29 5.91 -27.66
CA GLY C 253 -17.63 7.20 -27.74
C GLY C 253 -17.92 7.82 -26.39
N ILE C 254 -17.09 7.43 -25.41
CA ILE C 254 -17.22 7.77 -23.97
C ILE C 254 -15.86 7.61 -23.24
N ALA C 255 -15.29 8.75 -22.82
CA ALA C 255 -14.12 8.75 -21.93
C ALA C 255 -14.60 8.81 -20.49
N GLY C 256 -15.79 9.40 -20.30
CA GLY C 256 -16.42 9.51 -18.98
C GLY C 256 -15.55 10.29 -18.02
N LEU C 257 -15.96 11.52 -17.75
CA LEU C 257 -15.25 12.35 -16.78
C LEU C 257 -16.14 12.64 -15.57
N GLU C 258 -15.64 12.25 -14.40
CA GLU C 258 -16.34 12.45 -13.12
C GLU C 258 -15.80 13.67 -12.35
N LYS C 259 -16.54 14.09 -11.32
CA LYS C 259 -16.06 15.16 -10.44
C LYS C 259 -15.45 14.55 -9.16
N ILE D 1 15.37 -2.51 4.20
CA ILE D 1 14.90 -1.17 3.71
C ILE D 1 16.02 -0.40 2.97
N ASN D 2 17.26 -0.75 3.29
CA ASN D 2 18.44 -0.03 2.80
C ASN D 2 19.71 -0.85 3.00
N ALA D 3 19.77 -2.10 2.50
CA ALA D 3 20.98 -2.93 2.68
C ALA D 3 21.26 -3.90 1.51
N GLU D 4 22.49 -4.41 1.44
CA GLU D 4 22.87 -5.40 0.42
C GLU D 4 24.11 -6.19 0.83
N LYS D 5 24.06 -7.52 0.68
CA LYS D 5 25.17 -8.40 1.06
C LYS D 5 25.76 -9.08 -0.19
N PRO D 6 26.51 -8.32 -1.02
CA PRO D 6 26.92 -8.87 -2.31
C PRO D 6 27.69 -10.18 -2.17
N ASN D 7 27.18 -11.24 -2.81
CA ASN D 7 27.86 -12.55 -2.80
C ASN D 7 29.21 -12.44 -3.51
N VAL D 8 29.33 -11.40 -4.33
CA VAL D 8 30.55 -11.06 -5.07
C VAL D 8 31.81 -11.08 -4.19
N ARG D 9 32.93 -11.45 -4.81
CA ARG D 9 34.20 -11.54 -4.14
C ARG D 9 35.25 -11.09 -5.15
N PHE D 10 36.48 -10.90 -4.68
CA PHE D 10 37.50 -10.27 -5.51
C PHE D 10 37.73 -10.95 -6.84
N LYS D 11 37.70 -12.29 -6.85
CA LYS D 11 38.10 -13.05 -8.04
C LYS D 11 37.03 -13.11 -9.16
N ASP D 12 35.92 -12.38 -9.00
CA ASP D 12 34.91 -12.30 -10.06
C ASP D 12 35.32 -11.28 -11.12
N MET D 13 36.18 -10.35 -10.73
CA MET D 13 36.72 -9.37 -11.66
C MET D 13 38.04 -9.88 -12.22
N ALA D 14 38.08 -10.04 -13.53
CA ALA D 14 39.29 -10.51 -14.21
C ALA D 14 40.07 -9.36 -14.84
N GLY D 15 41.32 -9.25 -14.43
CA GLY D 15 42.13 -8.11 -14.80
C GLY D 15 42.01 -7.03 -13.75
N ASN D 16 42.50 -5.85 -14.10
CA ASN D 16 42.57 -4.71 -13.19
C ASN D 16 43.29 -5.02 -11.87
N GLU D 17 44.41 -5.76 -11.99
CA GLU D 17 45.24 -6.14 -10.84
C GLU D 17 45.77 -4.91 -10.11
N GLU D 18 46.23 -3.93 -10.88
CA GLU D 18 46.67 -2.67 -10.32
C GLU D 18 45.47 -1.92 -9.73
N ALA D 19 44.30 -2.06 -10.34
CA ALA D 19 43.09 -1.49 -9.79
C ALA D 19 42.66 -2.33 -8.60
N LYS D 20 43.17 -3.54 -8.51
CA LYS D 20 42.90 -4.38 -7.35
C LYS D 20 43.76 -4.00 -6.13
N GLU D 21 45.04 -3.70 -6.35
CA GLU D 21 45.85 -3.06 -5.31
C GLU D 21 45.14 -1.77 -4.92
N GLU D 22 44.87 -0.94 -5.92
CA GLU D 22 44.33 0.40 -5.72
C GLU D 22 43.04 0.40 -4.92
N VAL D 23 42.54 -0.79 -4.55
CA VAL D 23 41.32 -0.87 -3.73
C VAL D 23 41.42 -1.88 -2.58
N VAL D 24 42.43 -2.75 -2.64
CA VAL D 24 42.70 -3.71 -1.56
C VAL D 24 42.93 -2.93 -0.27
N GLU D 25 43.62 -1.80 -0.40
CA GLU D 25 43.73 -0.85 0.68
C GLU D 25 42.39 -0.74 1.40
N ILE D 26 41.38 -0.25 0.69
CA ILE D 26 40.06 0.11 1.23
C ILE D 26 39.37 -0.97 2.07
N VAL D 27 39.67 -2.23 1.74
CA VAL D 27 39.13 -3.36 2.48
C VAL D 27 39.85 -3.46 3.81
N ASP D 28 41.18 -3.24 3.79
CA ASP D 28 41.99 -3.26 4.99
C ASP D 28 41.42 -2.33 6.03
N PHE D 29 40.66 -1.33 5.57
CA PHE D 29 40.12 -0.30 6.44
C PHE D 29 38.88 -0.78 7.17
N LEU D 30 37.83 -1.08 6.42
CA LEU D 30 36.59 -1.57 6.99
C LEU D 30 36.87 -2.72 7.93
N LYS D 31 37.78 -3.59 7.51
CA LYS D 31 38.00 -4.83 8.24
C LYS D 31 38.85 -4.58 9.48
N TYR D 32 39.86 -3.72 9.36
CA TYR D 32 40.74 -3.39 10.49
C TYR D 32 40.82 -1.87 10.74
N PRO D 33 39.77 -1.29 11.36
CA PRO D 33 39.74 0.16 11.57
C PRO D 33 40.55 0.62 12.77
N GLU D 34 40.75 -0.28 13.74
CA GLU D 34 41.54 -0.03 14.95
C GLU D 34 43.00 0.19 14.57
N ARG D 35 43.53 -0.72 13.75
CA ARG D 35 44.90 -0.66 13.21
C ARG D 35 45.33 0.68 12.59
N TYR D 36 44.38 1.60 12.37
CA TYR D 36 44.67 2.93 11.82
C TYR D 36 44.24 3.97 12.84
N ALA D 37 43.23 3.61 13.64
CA ALA D 37 42.76 4.45 14.75
C ALA D 37 43.76 4.43 15.91
N ASN D 38 44.15 3.22 16.33
CA ASN D 38 45.27 2.99 17.24
C ASN D 38 46.47 3.92 16.91
N LEU D 39 46.76 4.07 15.61
CA LEU D 39 47.89 4.86 15.13
C LEU D 39 47.61 6.35 14.91
N GLY D 40 46.35 6.75 15.02
CA GLY D 40 45.93 8.15 14.79
C GLY D 40 45.93 8.63 13.34
N ALA D 41 45.79 7.69 12.41
CA ALA D 41 45.82 8.02 10.99
C ALA D 41 44.39 8.10 10.47
N LYS D 42 43.99 9.34 10.14
CA LYS D 42 42.67 9.66 9.57
C LYS D 42 42.50 8.96 8.23
N ILE D 43 41.46 8.15 8.10
CA ILE D 43 41.34 7.33 6.90
C ILE D 43 40.48 7.99 5.84
N PRO D 44 40.79 7.72 4.56
CA PRO D 44 40.06 8.20 3.38
C PRO D 44 38.58 7.87 3.44
N LYS D 45 37.73 8.82 3.07
CA LYS D 45 36.30 8.58 3.16
C LYS D 45 35.57 8.52 1.83
N GLY D 46 36.33 8.48 0.73
CA GLY D 46 35.71 8.26 -0.55
C GLY D 46 36.68 8.11 -1.70
N VAL D 47 36.53 7.00 -2.42
CA VAL D 47 37.29 6.84 -3.65
C VAL D 47 36.37 7.06 -4.84
N LEU D 48 36.96 7.62 -5.88
CA LEU D 48 36.37 7.75 -7.17
C LEU D 48 36.83 6.56 -7.96
N LEU D 49 35.89 5.90 -8.62
CA LEU D 49 36.19 4.79 -9.52
C LEU D 49 35.82 5.25 -10.91
N VAL D 50 36.83 5.64 -11.68
CA VAL D 50 36.60 6.24 -12.97
C VAL D 50 37.06 5.32 -14.12
N GLY D 51 36.15 5.19 -15.10
CA GLY D 51 36.39 4.43 -16.34
C GLY D 51 35.09 4.31 -17.14
N PRO D 52 35.19 3.87 -18.41
CA PRO D 52 34.13 3.62 -19.41
C PRO D 52 33.10 2.56 -19.02
N PRO D 53 31.82 2.72 -19.44
CA PRO D 53 30.72 1.85 -19.01
C PRO D 53 30.98 0.40 -19.32
N GLY D 54 30.83 -0.46 -18.32
CA GLY D 54 31.10 -1.88 -18.51
C GLY D 54 32.52 -2.32 -18.21
N THR D 55 33.41 -1.34 -17.95
CA THR D 55 34.71 -1.67 -17.35
C THR D 55 34.58 -2.46 -16.02
N GLY D 56 33.50 -2.29 -15.27
CA GLY D 56 33.31 -3.10 -14.08
C GLY D 56 33.68 -2.43 -12.77
N LYS D 57 33.35 -1.15 -12.70
CA LYS D 57 33.48 -0.37 -11.48
C LYS D 57 32.48 -0.92 -10.45
N THR D 58 31.20 -0.88 -10.81
CA THR D 58 30.17 -1.43 -9.94
C THR D 58 30.56 -2.83 -9.46
N LEU D 59 31.29 -3.60 -10.26
CA LEU D 59 31.69 -4.91 -9.79
C LEU D 59 32.72 -4.75 -8.66
N LEU D 60 33.80 -4.02 -8.96
CA LEU D 60 34.86 -3.75 -8.00
C LEU D 60 34.30 -3.07 -6.74
N ALA D 61 33.46 -2.06 -6.91
CA ALA D 61 32.81 -1.40 -5.78
C ALA D 61 32.28 -2.44 -4.83
N LYS D 62 31.68 -3.49 -5.40
CA LYS D 62 31.03 -4.53 -4.63
C LYS D 62 32.04 -5.54 -4.17
N ALA D 63 33.05 -5.80 -4.99
CA ALA D 63 34.11 -6.72 -4.60
C ALA D 63 34.56 -6.27 -3.23
N VAL D 64 34.89 -4.99 -3.15
CA VAL D 64 35.41 -4.35 -1.95
C VAL D 64 34.49 -4.42 -0.74
N ALA D 65 33.18 -4.57 -0.95
CA ALA D 65 32.31 -4.77 0.20
C ALA D 65 32.24 -6.25 0.52
N GLY D 66 32.23 -7.08 -0.53
CA GLY D 66 32.01 -8.51 -0.39
C GLY D 66 33.28 -9.19 0.03
N GLU D 67 34.30 -8.38 0.29
CA GLU D 67 35.58 -8.86 0.74
C GLU D 67 35.78 -8.54 2.21
N ALA D 68 35.09 -7.50 2.69
CA ALA D 68 35.15 -7.15 4.11
C ALA D 68 33.84 -7.48 4.83
N HIS D 69 33.10 -8.45 4.28
CA HIS D 69 31.75 -8.80 4.75
C HIS D 69 31.05 -7.57 5.35
N VAL D 70 31.15 -6.45 4.65
CA VAL D 70 30.52 -5.17 5.04
C VAL D 70 29.38 -4.81 4.10
N PRO D 71 28.28 -4.27 4.67
CA PRO D 71 27.10 -3.91 3.89
C PRO D 71 27.40 -2.99 2.72
N PHE D 72 26.66 -3.21 1.63
CA PHE D 72 26.66 -2.35 0.43
C PHE D 72 25.45 -1.40 0.40
N PHE D 73 25.65 -0.21 -0.15
CA PHE D 73 24.57 0.73 -0.31
C PHE D 73 24.70 1.36 -1.67
N SER D 74 23.56 1.48 -2.36
CA SER D 74 23.53 1.93 -3.74
C SER D 74 23.02 3.35 -3.86
N MET D 75 23.21 3.90 -5.05
CA MET D 75 22.80 5.25 -5.37
C MET D 75 22.89 5.40 -6.87
N GLY D 76 21.73 5.57 -7.52
CA GLY D 76 21.70 5.84 -8.96
C GLY D 76 21.94 7.31 -9.24
N GLY D 77 22.85 7.61 -10.15
CA GLY D 77 23.09 8.98 -10.51
C GLY D 77 21.84 9.59 -11.11
N SER D 78 21.53 9.17 -12.34
CA SER D 78 20.34 9.62 -13.06
C SER D 78 19.05 9.01 -12.49
N SER D 79 19.15 7.96 -11.67
CA SER D 79 17.98 7.52 -10.92
C SER D 79 17.55 8.62 -9.94
N PHE D 80 18.51 9.41 -9.45
CA PHE D 80 18.27 10.37 -8.40
C PHE D 80 17.49 11.61 -8.87
N ILE D 81 17.58 11.90 -10.17
CA ILE D 81 16.93 13.07 -10.82
C ILE D 81 15.38 13.08 -10.70
N GLU D 82 14.92 12.92 -9.46
CA GLU D 82 13.52 12.63 -9.20
C GLU D 82 13.33 12.46 -7.70
N MET D 83 13.32 13.61 -7.03
CA MET D 83 12.88 13.74 -5.65
C MET D 83 12.02 15.01 -5.55
N PHE D 84 11.13 14.99 -4.55
CA PHE D 84 10.11 16.01 -4.34
C PHE D 84 10.66 17.31 -3.68
N VAL D 85 9.71 18.23 -3.41
CA VAL D 85 9.85 19.49 -2.62
C VAL D 85 9.94 19.25 -1.10
N GLY D 86 11.06 19.65 -0.52
CA GLY D 86 11.39 19.28 0.86
C GLY D 86 11.46 17.77 1.02
N LEU D 87 11.81 17.05 -0.07
CA LEU D 87 11.90 15.57 -0.07
C LEU D 87 13.02 15.05 -0.97
N GLY D 88 13.74 15.95 -1.63
CA GLY D 88 14.84 15.54 -2.50
C GLY D 88 16.08 15.10 -1.76
N ALA D 89 17.21 15.69 -2.19
CA ALA D 89 18.48 15.78 -1.43
C ALA D 89 18.66 14.89 -0.20
N SER D 90 18.58 15.52 0.98
CA SER D 90 18.29 14.92 2.30
C SER D 90 18.07 13.40 2.40
N ARG D 91 17.46 12.79 1.39
CA ARG D 91 17.52 11.34 1.28
C ARG D 91 18.98 10.87 1.29
N VAL D 92 19.87 11.69 0.72
CA VAL D 92 21.31 11.55 0.90
C VAL D 92 21.58 11.40 2.39
N ARG D 93 21.10 12.38 3.15
CA ARG D 93 21.30 12.45 4.58
C ARG D 93 20.68 11.24 5.29
N ASP D 94 19.69 10.60 4.70
CA ASP D 94 19.17 9.34 5.26
C ASP D 94 20.07 8.19 4.91
N LEU D 95 20.52 8.16 3.66
CA LEU D 95 21.38 7.10 3.17
C LEU D 95 22.58 6.99 4.10
N PHE D 96 23.28 8.11 4.32
CA PHE D 96 24.40 8.15 5.27
C PHE D 96 23.97 7.75 6.70
N GLU D 97 22.97 8.43 7.25
CA GLU D 97 22.36 8.05 8.52
C GLU D 97 22.23 6.51 8.67
N THR D 98 21.76 5.83 7.62
CA THR D 98 21.51 4.38 7.70
C THR D 98 22.77 3.58 7.51
N ALA D 99 23.68 4.09 6.67
CA ALA D 99 24.97 3.47 6.39
C ALA D 99 25.99 3.87 7.44
N LYS D 100 25.52 4.59 8.45
CA LYS D 100 26.29 4.90 9.65
C LYS D 100 26.01 3.76 10.65
N LYS D 101 24.81 3.80 11.24
CA LYS D 101 24.38 2.91 12.34
C LYS D 101 24.61 1.40 12.12
N GLN D 102 25.29 1.06 11.02
CA GLN D 102 25.74 -0.30 10.76
C GLN D 102 27.01 -0.27 9.92
N ALA D 103 28.03 0.42 10.46
CA ALA D 103 29.35 0.49 9.82
C ALA D 103 30.33 -0.40 10.59
N PRO D 104 31.51 -0.67 10.03
CA PRO D 104 32.01 -0.25 8.72
C PRO D 104 31.07 -0.66 7.61
N SER D 105 30.90 0.23 6.64
CA SER D 105 30.02 0.01 5.49
C SER D 105 30.49 0.82 4.27
N ILE D 106 30.02 0.41 3.09
CA ILE D 106 30.30 1.14 1.85
C ILE D 106 29.02 1.73 1.25
N ILE D 107 29.05 3.01 0.87
CA ILE D 107 28.02 3.59 0.00
C ILE D 107 28.59 3.65 -1.39
N PHE D 108 27.79 3.26 -2.36
CA PHE D 108 28.18 3.35 -3.78
C PHE D 108 27.30 4.33 -4.55
N ILE D 109 27.92 5.42 -4.98
CA ILE D 109 27.22 6.37 -5.79
C ILE D 109 27.62 6.15 -7.25
N ASP D 110 26.73 5.52 -8.01
CA ASP D 110 27.00 5.31 -9.43
C ASP D 110 26.54 6.54 -10.19
N GLU D 111 27.16 6.79 -11.36
CA GLU D 111 26.80 7.92 -12.20
C GLU D 111 27.02 9.28 -11.51
N ILE D 112 27.60 9.26 -10.32
CA ILE D 112 28.03 10.45 -9.56
C ILE D 112 27.98 11.78 -10.29
N ASP D 113 28.61 11.83 -11.46
CA ASP D 113 28.62 13.00 -12.36
C ASP D 113 27.24 13.40 -12.88
N ALA D 114 26.18 13.16 -12.11
CA ALA D 114 24.86 13.32 -12.64
C ALA D 114 24.30 14.14 -11.58
N ILE D 115 24.96 14.07 -10.42
CA ILE D 115 24.61 14.90 -9.27
C ILE D 115 25.75 15.83 -8.85
N GLY D 116 26.95 15.69 -9.43
CA GLY D 116 28.09 16.59 -9.12
C GLY D 116 28.87 17.29 -10.23
N LYS D 117 28.35 18.39 -10.77
CA LYS D 117 29.01 19.07 -11.92
C LYS D 117 28.96 20.64 -11.87
N ASN D 128 18.81 29.30 -8.93
CA ASN D 128 19.45 28.01 -8.85
C ASN D 128 19.07 27.37 -7.49
N ASP D 129 18.56 26.12 -7.55
CA ASP D 129 18.38 25.15 -6.41
C ASP D 129 18.66 23.71 -6.86
N GLU D 130 17.77 22.77 -6.46
CA GLU D 130 18.00 21.30 -6.49
C GLU D 130 19.19 20.72 -7.27
N ARG D 131 19.32 19.33 -7.26
CA ARG D 131 20.56 18.65 -7.84
C ARG D 131 21.77 19.19 -7.09
N GLU D 132 21.80 20.51 -6.91
CA GLU D 132 22.81 21.11 -6.07
C GLU D 132 22.51 20.86 -4.61
N GLN D 133 21.31 21.27 -4.16
CA GLN D 133 20.81 20.78 -2.89
C GLN D 133 21.29 19.35 -2.63
N THR D 134 21.18 18.49 -3.65
CA THR D 134 21.49 17.06 -3.52
C THR D 134 22.95 16.76 -3.19
N LEU D 135 23.88 17.05 -4.12
CA LEU D 135 25.30 17.29 -3.82
C LEU D 135 25.21 18.25 -2.66
N ASN D 136 26.27 18.97 -2.31
CA ASN D 136 26.23 19.84 -1.09
C ASN D 136 25.93 19.00 0.14
N GLN D 137 24.63 18.70 0.36
CA GLN D 137 24.29 17.70 1.33
C GLN D 137 25.25 16.55 1.25
N LEU D 138 25.67 16.20 0.05
CA LEU D 138 26.57 15.07 -0.10
C LEU D 138 27.89 15.41 0.58
N LEU D 139 28.47 16.55 0.20
CA LEU D 139 29.77 16.97 0.73
C LEU D 139 29.66 17.21 2.23
N ALA D 140 28.58 17.86 2.65
CA ALA D 140 28.24 18.02 4.06
C ALA D 140 28.44 16.69 4.78
N GLU D 141 27.85 15.63 4.24
CA GLU D 141 27.98 14.30 4.82
C GLU D 141 29.41 13.82 4.93
N MET D 142 30.19 14.04 3.89
CA MET D 142 31.54 13.50 3.82
C MET D 142 32.51 14.29 4.68
N ASP D 143 31.97 15.19 5.47
CA ASP D 143 32.77 15.91 6.43
C ASP D 143 32.40 15.48 7.85
N GLY D 144 32.12 14.18 8.00
CA GLY D 144 31.66 13.58 9.26
C GLY D 144 30.29 14.09 9.73
N PHE D 145 29.95 15.31 9.32
CA PHE D 145 28.73 16.04 9.73
C PHE D 145 28.75 16.47 11.22
N GLY D 146 29.95 16.64 11.78
CA GLY D 146 30.10 17.04 13.18
C GLY D 146 30.10 15.87 14.15
N SER D 147 30.60 14.71 13.69
CA SER D 147 30.89 13.54 14.56
C SER D 147 32.21 12.83 14.20
N GLU D 148 32.31 12.37 12.93
CA GLU D 148 33.52 11.73 12.39
C GLU D 148 34.14 10.64 13.32
N ASN D 149 33.43 9.51 13.48
CA ASN D 149 33.87 8.41 14.38
C ASN D 149 33.82 7.00 13.78
N ALA D 150 32.62 6.56 13.41
CA ALA D 150 32.43 5.30 12.71
C ALA D 150 32.91 5.46 11.26
N PRO D 151 33.71 4.49 10.75
CA PRO D 151 34.35 4.62 9.43
C PRO D 151 33.50 4.06 8.31
N VAL D 152 33.03 4.93 7.41
CA VAL D 152 32.17 4.55 6.26
C VAL D 152 32.68 5.13 4.95
N ILE D 153 33.55 4.40 4.27
CA ILE D 153 34.09 4.85 2.99
C ILE D 153 33.01 4.82 1.90
N VAL D 154 33.04 5.80 1.00
CA VAL D 154 32.13 5.79 -0.16
C VAL D 154 32.89 5.73 -1.48
N LEU D 155 32.41 4.87 -2.36
CA LEU D 155 32.97 4.72 -3.68
C LEU D 155 32.00 5.30 -4.74
N ALA D 156 32.56 5.99 -5.74
CA ALA D 156 31.76 6.61 -6.79
C ALA D 156 32.28 6.22 -8.18
N ALA D 157 31.35 5.76 -9.01
CA ALA D 157 31.63 5.49 -10.42
C ALA D 157 31.25 6.70 -11.25
N THR D 158 32.09 6.96 -12.26
CA THR D 158 31.83 7.94 -13.31
C THR D 158 32.66 7.62 -14.53
N ASN D 159 32.34 8.30 -15.62
CA ASN D 159 33.06 8.17 -16.88
C ASN D 159 33.11 9.52 -17.59
N ARG D 160 32.48 10.52 -16.99
CA ARG D 160 32.69 11.88 -17.44
C ARG D 160 33.40 12.69 -16.33
N PRO D 161 34.56 12.19 -15.84
CA PRO D 161 35.19 12.82 -14.67
C PRO D 161 35.72 14.22 -14.94
N GLU D 162 35.60 14.67 -16.21
CA GLU D 162 35.85 16.08 -16.60
C GLU D 162 34.67 17.05 -16.34
N ILE D 163 33.51 16.53 -15.95
CA ILE D 163 32.42 17.40 -15.54
C ILE D 163 32.19 17.41 -14.01
N LEU D 164 33.12 16.85 -13.25
CA LEU D 164 32.96 16.79 -11.79
C LEU D 164 33.29 18.11 -11.16
N ASP D 165 32.30 18.74 -10.54
CA ASP D 165 32.57 19.92 -9.73
C ASP D 165 33.79 19.66 -8.88
N PRO D 166 34.80 20.54 -8.96
CA PRO D 166 36.07 20.26 -8.29
C PRO D 166 35.92 20.11 -6.78
N ALA D 167 34.78 20.53 -6.23
CA ALA D 167 34.48 20.41 -4.80
C ALA D 167 34.56 18.98 -4.26
N LEU D 168 34.52 17.99 -5.14
CA LEU D 168 34.54 16.59 -4.72
C LEU D 168 35.96 16.08 -4.73
N MET D 169 36.88 16.88 -5.24
CA MET D 169 38.31 16.56 -5.13
C MET D 169 39.00 17.50 -4.15
N ARG D 170 39.40 16.91 -3.01
CA ARG D 170 39.85 17.63 -1.83
C ARG D 170 39.76 16.65 -0.65
N PRO D 171 40.84 16.50 0.13
CA PRO D 171 40.84 15.64 1.32
C PRO D 171 39.53 15.72 2.09
N GLY D 172 39.01 14.56 2.50
CA GLY D 172 37.70 14.48 3.13
C GLY D 172 36.61 14.19 2.11
N ARG D 173 36.91 14.47 0.84
CA ARG D 173 36.06 14.08 -0.27
C ARG D 173 36.73 12.97 -1.07
N PHE D 174 36.41 12.94 -2.36
CA PHE D 174 36.93 11.97 -3.31
C PHE D 174 38.23 12.54 -3.82
N ASP D 175 39.29 12.22 -3.09
CA ASP D 175 40.62 12.75 -3.35
C ASP D 175 41.43 11.76 -4.17
N ARG D 176 41.13 10.46 -4.00
CA ARG D 176 41.80 9.45 -4.81
C ARG D 176 40.90 8.77 -5.82
N GLN D 177 41.29 8.89 -7.08
CA GLN D 177 40.64 8.24 -8.20
C GLN D 177 41.29 6.90 -8.40
N VAL D 178 40.52 5.93 -8.90
CA VAL D 178 41.09 4.69 -9.40
C VAL D 178 40.60 4.54 -10.80
N LEU D 179 41.52 4.54 -11.75
CA LEU D 179 41.13 4.29 -13.12
C LEU D 179 40.97 2.82 -13.41
N VAL D 180 40.11 2.52 -14.38
CA VAL D 180 39.84 1.18 -14.87
C VAL D 180 39.28 1.30 -16.28
N ASP D 181 40.06 0.88 -17.28
CA ASP D 181 39.67 1.05 -18.66
C ASP D 181 39.23 -0.25 -19.34
N LYS D 182 38.84 -0.10 -20.61
CA LYS D 182 38.47 -1.20 -21.48
C LYS D 182 39.58 -2.24 -21.48
N PRO D 183 39.22 -3.52 -21.64
CA PRO D 183 40.20 -4.60 -21.60
C PRO D 183 41.10 -4.60 -22.85
N ASP D 184 42.37 -4.95 -22.64
CA ASP D 184 43.29 -5.27 -23.73
C ASP D 184 43.21 -6.78 -23.97
N PHE D 185 43.79 -7.26 -25.06
CA PHE D 185 43.78 -8.69 -25.37
C PHE D 185 43.90 -9.58 -24.11
N ASN D 186 44.98 -9.40 -23.35
CA ASN D 186 45.11 -10.01 -22.03
C ASN D 186 44.08 -9.38 -21.06
N GLY D 187 42.83 -9.76 -21.25
CA GLY D 187 41.75 -9.15 -20.52
C GLY D 187 40.48 -9.79 -21.01
N ARG D 188 39.98 -9.32 -22.17
CA ARG D 188 38.84 -9.98 -22.77
C ARG D 188 38.93 -11.48 -22.54
N VAL D 189 40.10 -12.07 -22.83
CA VAL D 189 40.31 -13.49 -22.55
C VAL D 189 40.05 -13.84 -21.09
N GLU D 190 40.96 -13.43 -20.19
CA GLU D 190 40.84 -13.80 -18.76
C GLU D 190 39.46 -13.48 -18.15
N ILE D 191 38.75 -12.52 -18.76
CA ILE D 191 37.38 -12.15 -18.39
C ILE D 191 36.44 -13.28 -18.80
N LEU D 192 36.51 -13.61 -20.08
CA LEU D 192 35.77 -14.70 -20.66
C LEU D 192 35.86 -15.91 -19.76
N LYS D 193 37.07 -16.27 -19.37
CA LYS D 193 37.33 -17.41 -18.49
C LYS D 193 36.53 -17.35 -17.19
N VAL D 194 36.38 -16.15 -16.62
CA VAL D 194 35.51 -15.97 -15.45
C VAL D 194 34.05 -16.24 -15.87
N HIS D 195 33.63 -15.68 -17.02
CA HIS D 195 32.24 -15.80 -17.45
C HIS D 195 31.88 -17.05 -18.22
N ILE D 196 32.91 -17.88 -18.48
CA ILE D 196 32.73 -19.14 -19.18
C ILE D 196 32.36 -20.26 -18.21
N LYS D 197 32.63 -20.03 -16.93
CA LYS D 197 32.22 -20.95 -15.86
C LYS D 197 30.74 -21.28 -15.91
N GLY D 198 30.37 -22.49 -15.50
CA GLY D 198 28.97 -22.89 -15.52
C GLY D 198 28.36 -23.09 -16.90
N VAL D 199 29.16 -22.95 -17.96
CA VAL D 199 28.69 -23.18 -19.31
C VAL D 199 29.37 -24.42 -19.85
N LYS D 200 28.69 -25.07 -20.82
CA LYS D 200 29.20 -26.23 -21.53
C LYS D 200 29.82 -25.78 -22.86
N LEU D 201 31.02 -26.28 -23.15
CA LEU D 201 31.78 -25.83 -24.33
C LEU D 201 32.30 -27.04 -25.13
N ALA D 202 32.88 -26.81 -26.32
CA ALA D 202 32.56 -27.74 -27.43
C ALA D 202 33.43 -28.87 -28.15
N ASN D 203 34.73 -29.09 -27.90
CA ASN D 203 35.72 -28.26 -27.23
C ASN D 203 36.43 -27.37 -28.26
N ASP D 204 35.70 -26.91 -29.28
CA ASP D 204 36.25 -26.01 -30.31
C ASP D 204 36.20 -24.54 -29.85
N VAL D 205 35.94 -24.36 -28.55
CA VAL D 205 35.90 -23.04 -27.89
C VAL D 205 37.29 -22.65 -27.33
N ASN D 206 38.06 -21.94 -28.16
CA ASN D 206 39.39 -21.44 -27.80
C ASN D 206 39.33 -19.92 -27.57
N LEU D 207 39.22 -19.51 -26.31
CA LEU D 207 38.86 -18.13 -25.94
C LEU D 207 39.83 -17.02 -26.37
N GLN D 208 41.00 -17.40 -26.91
CA GLN D 208 41.95 -16.43 -27.48
C GLN D 208 41.31 -15.76 -28.72
N GLU D 209 40.40 -16.51 -29.30
CA GLU D 209 39.29 -16.04 -30.11
C GLU D 209 38.14 -16.40 -29.18
N VAL D 210 37.22 -15.52 -28.79
CA VAL D 210 36.80 -14.24 -29.36
C VAL D 210 37.65 -12.96 -29.14
N ALA D 211 38.78 -13.06 -28.44
CA ALA D 211 39.59 -11.86 -28.11
C ALA D 211 39.76 -10.91 -29.31
N LYS D 212 40.30 -11.45 -30.40
CA LYS D 212 40.46 -10.71 -31.67
C LYS D 212 39.12 -10.16 -32.19
N LEU D 213 38.08 -10.98 -32.17
CA LEU D 213 36.76 -10.52 -32.59
C LEU D 213 36.15 -9.45 -31.68
N THR D 214 36.80 -9.22 -30.53
CA THR D 214 36.34 -8.23 -29.52
C THR D 214 37.36 -7.12 -29.17
N ALA D 215 37.72 -6.31 -30.17
CA ALA D 215 38.51 -5.13 -29.90
C ALA D 215 37.53 -4.01 -29.59
N GLY D 216 37.93 -3.09 -28.72
CA GLY D 216 37.13 -1.92 -28.38
C GLY D 216 35.77 -2.19 -27.76
N LEU D 217 35.60 -3.35 -27.13
CA LEU D 217 34.37 -3.65 -26.37
C LEU D 217 34.64 -3.45 -24.88
N ALA D 218 33.57 -3.45 -24.09
CA ALA D 218 33.69 -3.29 -22.65
C ALA D 218 34.07 -4.62 -21.99
N GLY D 219 33.19 -5.24 -21.25
CA GLY D 219 33.56 -6.42 -20.48
C GLY D 219 32.27 -7.05 -20.04
N ALA D 220 31.48 -6.32 -19.26
CA ALA D 220 30.06 -6.59 -19.18
C ALA D 220 29.53 -6.85 -20.60
N ASP D 221 30.18 -6.26 -21.60
CA ASP D 221 29.83 -6.50 -23.00
C ASP D 221 29.97 -7.95 -23.39
N LEU D 222 31.21 -8.45 -23.38
CA LEU D 222 31.52 -9.85 -23.60
C LEU D 222 30.74 -10.75 -22.68
N ALA D 223 30.76 -10.44 -21.39
CA ALA D 223 30.06 -11.24 -20.40
C ALA D 223 28.64 -11.53 -20.89
N ASN D 224 28.09 -10.61 -21.70
CA ASN D 224 26.88 -10.88 -22.45
C ASN D 224 27.12 -11.86 -23.59
N ILE D 225 27.95 -11.49 -24.56
CA ILE D 225 28.24 -12.39 -25.67
C ILE D 225 28.14 -13.84 -25.22
N ILE D 226 28.88 -14.18 -24.17
CA ILE D 226 28.95 -15.56 -23.64
C ILE D 226 27.57 -16.15 -23.29
N ASN D 227 26.83 -15.50 -22.41
CA ASN D 227 25.49 -15.98 -22.12
C ASN D 227 24.52 -15.70 -23.28
N GLU D 228 24.91 -14.87 -24.25
CA GLU D 228 24.03 -14.61 -25.40
C GLU D 228 24.16 -15.71 -26.42
N ALA D 229 25.38 -16.22 -26.56
CA ALA D 229 25.65 -17.42 -27.33
C ALA D 229 24.87 -18.62 -26.79
N ALA D 230 24.91 -18.83 -25.47
CA ALA D 230 24.26 -19.98 -24.85
C ALA D 230 22.78 -19.96 -25.14
N LEU D 231 22.14 -18.84 -24.83
CA LEU D 231 20.71 -18.72 -25.10
C LEU D 231 20.42 -19.14 -26.53
N LEU D 232 21.28 -18.72 -27.47
CA LEU D 232 21.10 -19.00 -28.93
C LEU D 232 21.33 -20.45 -29.33
N ALA D 233 22.34 -21.08 -28.76
CA ALA D 233 22.55 -22.51 -28.95
C ALA D 233 21.29 -23.23 -28.47
N GLY D 234 20.95 -23.12 -27.19
CA GLY D 234 19.74 -23.74 -26.67
C GLY D 234 18.44 -23.48 -27.42
N ARG D 235 18.38 -22.36 -28.15
CA ARG D 235 17.16 -21.99 -28.88
C ARG D 235 17.06 -22.84 -30.09
N ASN D 236 18.21 -23.27 -30.59
CA ASN D 236 18.28 -24.23 -31.68
C ASN D 236 18.47 -25.68 -31.17
N ASN D 237 18.25 -25.87 -29.86
CA ASN D 237 18.43 -27.16 -29.20
C ASN D 237 19.76 -27.84 -29.52
N GLN D 238 20.85 -27.05 -29.49
CA GLN D 238 22.17 -27.67 -29.46
C GLN D 238 22.59 -27.91 -28.03
N LYS D 239 23.30 -29.01 -27.82
CA LYS D 239 23.75 -29.40 -26.49
C LYS D 239 25.28 -29.32 -26.36
N GLU D 240 25.83 -28.16 -26.68
CA GLU D 240 27.28 -27.98 -26.67
C GLU D 240 27.82 -26.55 -26.57
N VAL D 241 27.11 -25.58 -27.14
CA VAL D 241 27.66 -24.22 -27.32
C VAL D 241 29.00 -24.30 -28.09
N ARG D 242 28.87 -24.44 -29.41
CA ARG D 242 30.02 -24.50 -30.33
C ARG D 242 30.51 -23.10 -30.66
N GLN D 243 31.80 -23.01 -30.99
CA GLN D 243 32.44 -21.75 -31.38
C GLN D 243 31.54 -20.91 -32.31
N GLN D 244 30.88 -21.59 -33.22
CA GLN D 244 29.92 -20.98 -34.14
C GLN D 244 28.86 -20.14 -33.42
N HIS D 245 28.63 -20.40 -32.13
CA HIS D 245 27.68 -19.61 -31.33
C HIS D 245 28.34 -18.41 -30.64
N LEU D 246 29.54 -18.60 -30.10
CA LEU D 246 30.33 -17.51 -29.52
C LEU D 246 30.58 -16.49 -30.60
N LYS D 247 31.00 -16.97 -31.76
CA LYS D 247 31.23 -16.16 -32.96
C LYS D 247 29.95 -15.54 -33.49
N GLU D 248 28.87 -16.33 -33.52
CA GLU D 248 27.56 -15.91 -34.04
C GLU D 248 26.96 -14.74 -33.28
N ALA D 249 27.25 -14.63 -31.97
CA ALA D 249 27.02 -13.38 -31.23
C ALA D 249 28.01 -12.39 -31.81
N VAL D 250 28.59 -11.53 -30.99
CA VAL D 250 29.49 -10.50 -31.53
C VAL D 250 28.84 -10.00 -32.84
N GLU D 251 27.54 -10.23 -32.91
CA GLU D 251 26.64 -9.59 -33.83
C GLU D 251 25.86 -8.65 -32.90
N ARG D 252 26.40 -8.48 -31.70
CA ARG D 252 25.99 -7.42 -30.80
C ARG D 252 26.52 -6.09 -31.32
N GLY D 253 27.59 -6.15 -32.12
CA GLY D 253 28.12 -4.96 -32.79
C GLY D 253 27.07 -4.44 -33.76
N ILE D 254 26.01 -3.82 -33.23
CA ILE D 254 24.89 -3.32 -34.05
C ILE D 254 24.63 -1.80 -33.88
N ALA D 255 23.47 -1.43 -33.34
CA ALA D 255 23.04 -0.04 -33.25
C ALA D 255 23.74 0.72 -32.11
N GLY D 256 22.99 1.03 -31.06
CA GLY D 256 23.52 1.80 -29.92
C GLY D 256 23.73 3.27 -30.29
N LEU D 257 22.65 3.91 -30.72
CA LEU D 257 22.57 5.35 -31.01
C LEU D 257 21.10 5.73 -30.86
N GLU D 258 20.80 6.93 -30.33
CA GLU D 258 19.39 7.31 -30.13
C GLU D 258 18.94 8.64 -30.76
N LYS D 259 17.71 8.63 -31.25
CA LYS D 259 17.02 9.83 -31.77
C LYS D 259 15.73 10.10 -30.96
N ILE E 1 20.07 29.19 7.75
CA ILE E 1 20.90 29.27 6.50
C ILE E 1 22.41 29.38 6.76
N ASN E 2 22.90 30.54 7.21
CA ASN E 2 24.35 30.72 7.42
C ASN E 2 24.79 30.52 8.89
N ALA E 3 26.00 29.97 9.11
CA ALA E 3 26.67 29.98 10.47
C ALA E 3 27.98 29.18 10.52
N GLU E 4 28.77 29.35 11.60
CA GLU E 4 30.02 28.56 11.84
C GLU E 4 30.93 29.15 12.93
N LYS E 5 31.36 28.30 13.87
CA LYS E 5 32.40 28.64 14.87
C LYS E 5 33.55 27.66 14.66
N PRO E 6 34.71 28.15 14.18
CA PRO E 6 35.71 27.15 13.88
C PRO E 6 36.44 26.74 15.15
N ASN E 7 36.88 25.49 15.24
CA ASN E 7 37.67 25.04 16.39
C ASN E 7 39.14 25.41 16.24
N VAL E 8 39.57 25.68 15.01
CA VAL E 8 40.94 26.07 14.70
C VAL E 8 41.41 27.29 15.54
N ARG E 9 42.66 27.21 16.00
CA ARG E 9 43.29 28.29 16.72
C ARG E 9 44.65 28.56 16.14
N PHE E 10 45.21 29.72 16.48
CA PHE E 10 46.44 30.21 15.89
C PHE E 10 47.64 29.26 15.98
N LYS E 11 47.68 28.46 17.04
CA LYS E 11 48.76 27.51 17.22
C LYS E 11 48.56 26.25 16.37
N ASP E 12 47.64 26.31 15.40
CA ASP E 12 47.49 25.24 14.39
C ASP E 12 48.20 25.66 13.13
N MET E 13 48.35 26.97 12.99
CA MET E 13 48.89 27.61 11.82
C MET E 13 50.38 27.72 12.07
N ALA E 14 51.12 26.62 11.83
CA ALA E 14 52.57 26.58 12.08
C ALA E 14 53.33 27.48 11.13
N GLY E 15 54.36 28.14 11.66
CA GLY E 15 55.12 29.12 10.88
C GLY E 15 54.28 30.36 10.63
N ASN E 16 54.71 31.14 9.62
CA ASN E 16 54.06 32.41 9.29
C ASN E 16 53.92 33.36 10.48
N GLU E 17 55.00 33.54 11.23
CA GLU E 17 54.98 34.45 12.38
C GLU E 17 54.79 35.89 11.92
N GLU E 18 55.03 36.13 10.63
CA GLU E 18 54.72 37.42 10.00
C GLU E 18 53.20 37.68 9.92
N ALA E 19 52.44 36.71 9.41
CA ALA E 19 51.00 36.83 9.23
C ALA E 19 50.25 36.80 10.55
N LYS E 20 50.65 35.88 11.43
CA LYS E 20 50.19 35.83 12.82
C LYS E 20 50.60 37.09 13.62
N GLU E 21 50.65 38.23 12.93
CA GLU E 21 50.92 39.53 13.53
C GLU E 21 50.16 40.55 12.71
N GLU E 22 50.24 40.38 11.39
CA GLU E 22 49.37 41.06 10.45
C GLU E 22 47.93 41.01 10.98
N VAL E 23 47.46 39.80 11.25
CA VAL E 23 46.07 39.62 11.62
C VAL E 23 45.79 39.86 13.10
N VAL E 24 46.81 39.88 13.95
CA VAL E 24 46.55 39.95 15.39
C VAL E 24 45.83 41.25 15.76
N GLU E 25 46.15 42.30 15.02
CA GLU E 25 45.49 43.59 15.19
C GLU E 25 43.99 43.44 14.94
N ILE E 26 43.65 42.50 14.06
CA ILE E 26 42.27 42.23 13.67
C ILE E 26 41.56 41.48 14.77
N VAL E 27 42.23 40.49 15.39
CA VAL E 27 41.56 39.69 16.44
C VAL E 27 41.02 40.50 17.62
N ASP E 28 41.83 41.42 18.13
CA ASP E 28 41.34 42.39 19.08
C ASP E 28 40.27 43.28 18.46
N PHE E 29 40.40 43.60 17.17
CA PHE E 29 39.45 44.48 16.46
C PHE E 29 37.99 43.98 16.53
N LEU E 30 37.83 42.74 17.05
CA LEU E 30 36.59 41.94 17.08
C LEU E 30 36.28 41.43 18.47
N LYS E 31 37.34 41.31 19.30
CA LYS E 31 37.18 40.93 20.69
C LYS E 31 36.56 42.10 21.39
N TYR E 32 37.03 43.31 21.10
CA TYR E 32 36.49 44.48 21.77
C TYR E 32 36.21 45.63 20.80
N PRO E 33 35.32 45.40 19.80
CA PRO E 33 34.96 46.44 18.86
C PRO E 33 34.53 47.62 19.67
N GLU E 34 33.91 47.34 20.82
CA GLU E 34 33.47 48.34 21.81
C GLU E 34 34.54 49.40 22.01
N ARG E 35 35.78 48.95 22.22
CA ARG E 35 36.86 49.80 22.68
C ARG E 35 37.33 50.77 21.65
N TYR E 36 37.85 50.21 20.56
CA TYR E 36 38.42 51.01 19.47
C TYR E 36 37.38 51.89 18.74
N ALA E 37 36.16 51.37 18.64
CA ALA E 37 35.07 52.08 17.97
C ALA E 37 34.70 53.31 18.74
N ASN E 38 34.85 53.18 20.06
CA ASN E 38 34.52 54.21 21.01
C ASN E 38 35.77 54.93 21.46
N LEU E 39 36.56 55.39 20.50
CA LEU E 39 37.92 55.87 20.71
C LEU E 39 38.43 56.47 19.41
N GLY E 40 37.83 56.02 18.31
CA GLY E 40 38.11 56.58 16.99
C GLY E 40 39.13 55.83 16.17
N ALA E 41 39.52 54.63 16.63
CA ALA E 41 40.48 53.78 15.93
C ALA E 41 39.94 53.29 14.57
N LYS E 42 40.82 53.27 13.57
CA LYS E 42 40.39 52.92 12.27
C LYS E 42 40.57 51.43 12.13
N ILE E 43 39.45 50.74 11.90
CA ILE E 43 39.38 49.30 11.60
C ILE E 43 39.32 49.10 10.09
N PRO E 44 40.12 48.16 9.55
CA PRO E 44 40.04 47.74 8.12
C PRO E 44 39.02 46.60 7.85
N LYS E 45 38.10 46.80 6.89
CA LYS E 45 37.07 45.79 6.59
C LYS E 45 37.58 44.67 5.68
N GLY E 46 38.39 45.01 4.69
CA GLY E 46 38.80 44.01 3.73
C GLY E 46 40.24 43.71 3.99
N VAL E 47 40.58 42.42 4.02
CA VAL E 47 41.96 41.99 4.23
C VAL E 47 42.18 40.85 3.31
N LEU E 48 42.87 41.11 2.20
CA LEU E 48 42.97 40.12 1.15
C LEU E 48 44.19 39.25 1.41
N LEU E 49 43.98 37.94 1.50
CA LEU E 49 45.03 37.00 1.77
C LEU E 49 45.51 36.37 0.50
N VAL E 50 46.66 36.77 -0.03
CA VAL E 50 47.15 36.08 -1.23
C VAL E 50 48.35 35.14 -1.05
N GLY E 51 48.19 33.90 -1.48
CA GLY E 51 49.32 32.95 -1.57
C GLY E 51 49.02 31.78 -2.50
N PRO E 52 50.01 30.89 -2.71
CA PRO E 52 49.79 29.71 -3.56
C PRO E 52 48.98 28.63 -2.81
N PRO E 53 48.27 27.77 -3.58
CA PRO E 53 47.20 26.92 -3.04
C PRO E 53 47.70 25.91 -2.04
N GLY E 54 46.97 25.78 -0.93
CA GLY E 54 47.36 24.92 0.18
C GLY E 54 48.55 25.46 0.96
N THR E 55 48.33 26.52 1.72
CA THR E 55 49.43 27.19 2.37
C THR E 55 49.04 27.83 3.73
N GLY E 56 47.83 27.54 4.20
CA GLY E 56 47.37 28.09 5.47
C GLY E 56 46.22 29.08 5.35
N LYS E 57 46.17 29.78 4.22
CA LYS E 57 45.13 30.78 3.95
C LYS E 57 43.78 30.55 4.63
N THR E 58 43.13 29.44 4.35
CA THR E 58 41.78 29.26 4.90
C THR E 58 41.94 29.13 6.40
N LEU E 59 42.99 28.40 6.74
CA LEU E 59 43.35 28.13 8.10
C LEU E 59 43.73 29.41 8.85
N LEU E 60 44.48 30.30 8.20
CA LEU E 60 44.69 31.63 8.79
C LEU E 60 43.36 32.29 9.07
N ALA E 61 42.47 32.26 8.08
CA ALA E 61 41.21 32.97 8.16
C ALA E 61 40.31 32.35 9.24
N LYS E 62 40.44 31.03 9.42
CA LYS E 62 39.63 30.32 10.43
C LYS E 62 40.18 30.57 11.83
N ALA E 63 41.52 30.62 11.90
CA ALA E 63 42.26 30.97 13.09
C ALA E 63 41.68 32.26 13.61
N VAL E 64 41.90 33.37 12.89
CA VAL E 64 41.41 34.67 13.31
C VAL E 64 40.00 34.56 13.84
N ALA E 65 39.26 33.56 13.38
CA ALA E 65 37.89 33.51 13.80
C ALA E 65 37.85 32.86 15.15
N GLY E 66 38.70 31.84 15.31
CA GLY E 66 38.80 31.07 16.55
C GLY E 66 39.24 31.95 17.71
N GLU E 67 40.45 32.50 17.56
CA GLU E 67 40.96 33.48 18.47
C GLU E 67 39.87 34.44 18.84
N ALA E 68 39.22 35.01 17.85
CA ALA E 68 38.15 35.97 18.10
C ALA E 68 36.90 35.39 18.69
N HIS E 69 36.70 34.09 18.61
CA HIS E 69 35.43 33.51 19.06
C HIS E 69 34.26 34.28 18.41
N VAL E 70 34.27 34.30 17.08
CA VAL E 70 33.25 34.94 16.22
C VAL E 70 32.89 33.99 15.06
N PRO E 71 31.63 34.11 14.56
CA PRO E 71 31.07 33.29 13.50
C PRO E 71 31.76 33.53 12.16
N PHE E 72 32.18 32.45 11.51
CA PHE E 72 32.99 32.47 10.29
C PHE E 72 32.07 32.06 9.16
N PHE E 73 31.43 33.06 8.57
CA PHE E 73 30.74 32.91 7.30
C PHE E 73 31.61 32.70 6.06
N SER E 74 31.70 31.47 5.56
CA SER E 74 32.54 31.17 4.42
C SER E 74 31.67 30.93 3.22
N MET E 75 32.04 31.58 2.12
CA MET E 75 31.27 31.49 0.90
C MET E 75 32.29 31.49 -0.22
N GLY E 76 32.58 30.30 -0.76
CA GLY E 76 33.51 30.20 -1.88
C GLY E 76 33.27 31.21 -3.02
N GLY E 77 34.37 31.66 -3.66
CA GLY E 77 34.30 32.57 -4.84
C GLY E 77 33.45 32.02 -5.99
N SER E 78 33.73 30.79 -6.37
CA SER E 78 33.06 30.18 -7.48
C SER E 78 31.67 29.71 -7.10
N SER E 79 30.94 30.43 -6.28
CA SER E 79 29.60 29.97 -5.97
C SER E 79 28.62 31.10 -6.16
N PHE E 80 29.16 32.21 -6.67
CA PHE E 80 28.43 33.43 -6.94
C PHE E 80 28.14 33.45 -8.44
N ILE E 81 29.00 32.72 -9.17
CA ILE E 81 28.99 32.67 -10.62
C ILE E 81 28.46 31.33 -11.16
N GLU E 82 28.73 30.25 -10.43
CA GLU E 82 28.27 28.91 -10.80
C GLU E 82 26.79 28.95 -11.24
N MET E 83 26.12 30.06 -10.90
CA MET E 83 24.67 30.20 -11.09
C MET E 83 24.47 30.41 -12.55
N PHE E 84 23.23 30.74 -12.91
CA PHE E 84 22.89 31.24 -14.24
C PHE E 84 22.05 32.54 -14.08
N VAL E 85 21.77 33.14 -15.24
CA VAL E 85 20.97 34.39 -15.45
C VAL E 85 20.25 35.02 -14.23
N GLY E 86 20.36 36.35 -14.14
CA GLY E 86 19.61 37.12 -13.17
C GLY E 86 20.00 36.88 -11.73
N LEU E 87 20.50 35.67 -11.42
CA LEU E 87 20.86 35.33 -10.02
C LEU E 87 22.37 35.30 -9.71
N GLY E 88 22.69 35.66 -8.44
CA GLY E 88 24.11 35.69 -8.00
C GLY E 88 24.20 36.77 -6.94
N ALA E 89 24.90 37.88 -7.23
CA ALA E 89 24.82 39.15 -6.45
C ALA E 89 23.98 39.03 -5.16
N SER E 90 22.66 39.22 -5.20
CA SER E 90 21.82 38.84 -4.06
C SER E 90 22.45 37.85 -3.05
N ARG E 91 23.18 36.83 -3.53
CA ARG E 91 23.91 35.94 -2.60
C ARG E 91 24.80 36.80 -1.76
N VAL E 92 25.71 37.52 -2.43
CA VAL E 92 26.49 38.58 -1.80
C VAL E 92 25.62 39.37 -0.83
N ARG E 93 24.52 39.95 -1.30
CA ARG E 93 23.69 40.64 -0.33
C ARG E 93 23.31 39.81 0.91
N ASP E 94 23.06 38.52 0.78
CA ASP E 94 22.64 37.77 1.97
C ASP E 94 23.81 37.41 2.87
N LEU E 95 25.00 37.23 2.27
CA LEU E 95 26.23 37.00 3.03
C LEU E 95 26.44 38.15 4.02
N PHE E 96 26.61 39.36 3.50
CA PHE E 96 26.84 40.51 4.34
C PHE E 96 25.68 40.73 5.25
N GLU E 97 24.51 40.32 4.81
CA GLU E 97 23.31 40.62 5.57
C GLU E 97 23.37 39.90 6.89
N THR E 98 23.64 38.61 6.82
CA THR E 98 23.73 37.76 7.99
C THR E 98 24.93 38.17 8.82
N ALA E 99 26.10 38.26 8.18
CA ALA E 99 27.28 38.71 8.89
C ALA E 99 26.86 39.89 9.72
N LYS E 100 26.37 40.94 9.08
CA LYS E 100 25.88 42.07 9.82
C LYS E 100 25.06 41.69 11.06
N LYS E 101 24.07 40.81 10.89
CA LYS E 101 23.14 40.56 11.98
C LYS E 101 23.94 40.06 13.16
N GLN E 102 24.60 38.92 13.04
CA GLN E 102 25.38 38.45 14.17
C GLN E 102 26.83 38.83 14.04
N ALA E 103 27.06 40.12 13.92
CA ALA E 103 28.41 40.64 14.05
C ALA E 103 28.71 40.94 15.54
N PRO E 104 29.98 40.83 15.94
CA PRO E 104 31.15 40.68 15.07
C PRO E 104 31.16 39.33 14.39
N SER E 105 31.82 39.24 13.23
CA SER E 105 31.84 38.07 12.40
C SER E 105 32.84 38.26 11.29
N ILE E 106 33.10 37.21 10.53
CA ILE E 106 34.02 37.25 9.41
C ILE E 106 33.36 36.76 8.13
N ILE E 107 33.55 37.48 7.03
CA ILE E 107 33.14 36.93 5.74
C ILE E 107 34.42 36.42 5.08
N PHE E 108 34.57 35.12 4.94
CA PHE E 108 35.74 34.63 4.26
C PHE E 108 35.31 34.11 2.93
N ILE E 109 35.88 34.72 1.88
CA ILE E 109 35.54 34.44 0.50
C ILE E 109 36.80 33.90 -0.15
N ASP E 110 36.88 32.56 -0.21
CA ASP E 110 37.98 31.89 -0.89
C ASP E 110 37.94 32.10 -2.41
N GLU E 111 39.08 31.97 -3.09
CA GLU E 111 39.07 32.06 -4.55
C GLU E 111 38.36 33.36 -5.01
N ILE E 112 38.32 34.37 -4.14
CA ILE E 112 37.84 35.74 -4.42
C ILE E 112 38.13 36.22 -5.85
N ASP E 113 39.18 35.66 -6.46
CA ASP E 113 39.52 35.87 -7.87
C ASP E 113 38.61 35.09 -8.82
N ALA E 114 37.32 35.39 -8.78
CA ALA E 114 36.32 34.65 -9.54
C ALA E 114 35.10 35.53 -9.60
N ILE E 115 35.19 36.68 -8.95
CA ILE E 115 34.27 37.78 -9.16
C ILE E 115 35.14 39.05 -9.26
N GLY E 116 36.47 38.85 -9.21
CA GLY E 116 37.45 39.92 -9.35
C GLY E 116 37.78 40.24 -10.81
N LYS E 117 38.68 39.45 -11.41
CA LYS E 117 39.01 39.52 -12.84
C LYS E 117 38.78 40.90 -13.49
N ASN E 128 25.83 39.20 -21.46
CA ASN E 128 26.61 38.00 -21.11
C ASN E 128 27.55 38.24 -19.92
N ASP E 129 27.25 39.26 -19.11
CA ASP E 129 28.16 39.71 -18.05
C ASP E 129 27.64 39.58 -16.62
N GLU E 130 27.69 38.34 -16.11
CA GLU E 130 27.35 38.02 -14.71
C GLU E 130 28.36 38.71 -13.80
N ARG E 131 29.44 38.04 -13.42
CA ARG E 131 30.53 38.62 -12.61
C ARG E 131 30.24 40.04 -12.11
N GLU E 132 30.28 41.04 -13.01
CA GLU E 132 29.90 42.41 -12.64
C GLU E 132 28.48 42.54 -12.08
N GLN E 133 27.65 41.51 -12.21
CA GLN E 133 26.43 41.38 -11.40
C GLN E 133 26.92 41.25 -9.96
N THR E 134 27.44 40.05 -9.70
CA THR E 134 28.17 39.66 -8.51
C THR E 134 29.13 40.69 -7.90
N LEU E 135 30.33 40.85 -8.46
CA LEU E 135 31.19 41.96 -8.00
C LEU E 135 30.27 43.17 -7.93
N ASN E 136 30.82 44.33 -7.64
CA ASN E 136 30.05 45.57 -7.86
C ASN E 136 28.97 45.70 -6.81
N GLN E 137 28.43 44.55 -6.43
CA GLN E 137 27.54 44.40 -5.31
C GLN E 137 28.35 44.08 -4.08
N LEU E 138 29.42 43.29 -4.25
CA LEU E 138 30.39 43.03 -3.18
C LEU E 138 30.96 44.39 -2.87
N LEU E 139 31.80 44.93 -3.74
CA LEU E 139 32.29 46.32 -3.55
C LEU E 139 31.23 47.26 -2.96
N ALA E 140 29.99 47.11 -3.40
CA ALA E 140 28.92 47.94 -2.95
C ALA E 140 28.70 47.73 -1.48
N GLU E 141 28.60 46.47 -1.09
CA GLU E 141 28.40 46.06 0.31
C GLU E 141 29.58 46.42 1.21
N MET E 142 30.78 46.22 0.67
CA MET E 142 32.03 46.52 1.35
C MET E 142 32.31 48.00 1.44
N ASP E 143 31.29 48.82 1.14
CA ASP E 143 31.44 50.28 1.15
C ASP E 143 30.55 50.90 2.20
N GLY E 144 30.43 50.21 3.34
CA GLY E 144 29.63 50.71 4.45
C GLY E 144 28.16 50.52 4.15
N PHE E 145 27.83 50.51 2.85
CA PHE E 145 26.46 50.34 2.32
C PHE E 145 25.39 51.10 3.12
N GLY E 146 24.38 50.37 3.59
CA GLY E 146 23.26 50.94 4.33
C GLY E 146 23.58 51.37 5.74
N SER E 147 23.59 50.40 6.66
CA SER E 147 23.75 50.66 8.11
C SER E 147 25.04 51.40 8.51
N GLU E 148 26.15 51.04 7.86
CA GLU E 148 27.47 51.71 7.98
C GLU E 148 28.09 51.69 9.39
N ASN E 149 27.44 50.95 10.29
CA ASN E 149 27.78 50.87 11.71
C ASN E 149 27.98 49.43 12.21
N ALA E 150 28.89 48.68 11.60
CA ALA E 150 29.05 47.26 11.95
C ALA E 150 30.51 46.80 11.93
N PRO E 151 30.88 45.92 12.88
CA PRO E 151 32.20 45.33 12.85
C PRO E 151 32.21 43.98 12.14
N VAL E 152 32.01 43.99 10.82
CA VAL E 152 32.17 42.80 10.00
C VAL E 152 33.47 42.91 9.24
N ILE E 153 34.37 41.95 9.43
CA ILE E 153 35.63 42.01 8.76
C ILE E 153 35.56 40.94 7.69
N VAL E 154 36.04 41.24 6.49
CA VAL E 154 35.87 40.32 5.36
C VAL E 154 37.19 39.95 4.81
N LEU E 155 37.46 38.66 4.79
CA LEU E 155 38.73 38.15 4.29
C LEU E 155 38.47 37.39 3.00
N ALA E 156 39.41 37.46 2.07
CA ALA E 156 39.30 36.80 0.80
C ALA E 156 40.63 36.15 0.51
N ALA E 157 40.67 35.05 -0.22
CA ALA E 157 41.98 34.50 -0.53
C ALA E 157 42.09 34.17 -2.00
N THR E 158 43.20 34.54 -2.62
CA THR E 158 43.36 34.32 -4.04
C THR E 158 44.72 33.78 -4.32
N ASN E 159 44.78 32.80 -5.21
CA ASN E 159 46.09 32.25 -5.54
C ASN E 159 46.54 32.79 -6.88
N ARG E 160 45.63 33.48 -7.56
CA ARG E 160 45.96 34.11 -8.83
C ARG E 160 45.80 35.61 -8.67
N PRO E 161 46.54 36.22 -7.73
CA PRO E 161 46.28 37.61 -7.38
C PRO E 161 46.45 38.52 -8.56
N GLU E 162 47.17 38.00 -9.55
CA GLU E 162 47.59 38.74 -10.74
C GLU E 162 46.56 38.66 -11.88
N ILE E 163 45.28 38.65 -11.52
CA ILE E 163 44.19 38.67 -12.48
C ILE E 163 43.04 39.49 -11.92
N LEU E 164 43.06 39.70 -10.61
CA LEU E 164 42.04 40.45 -9.89
C LEU E 164 41.85 41.86 -10.44
N ASP E 165 40.67 42.41 -10.21
CA ASP E 165 40.34 43.76 -10.65
C ASP E 165 40.82 44.78 -9.62
N PRO E 166 41.61 45.77 -10.07
CA PRO E 166 42.17 46.81 -9.21
C PRO E 166 41.12 47.61 -8.45
N ALA E 167 39.85 47.35 -8.74
CA ALA E 167 38.75 48.08 -8.10
C ALA E 167 38.49 47.62 -6.67
N LEU E 168 38.85 46.36 -6.38
CA LEU E 168 38.87 45.83 -5.01
C LEU E 168 40.03 46.41 -4.20
N MET E 169 41.17 46.60 -4.87
CA MET E 169 42.37 47.10 -4.21
C MET E 169 42.17 48.53 -3.73
N ARG E 170 41.10 49.16 -4.18
CA ARG E 170 40.79 50.56 -3.83
C ARG E 170 40.72 50.69 -2.31
N PRO E 171 41.25 51.78 -1.73
CA PRO E 171 41.09 52.07 -0.29
C PRO E 171 39.65 51.95 0.20
N GLY E 172 39.43 51.28 1.32
CA GLY E 172 38.07 51.05 1.81
C GLY E 172 37.48 49.71 1.38
N ARG E 173 38.20 49.02 0.51
CA ARG E 173 37.85 47.66 0.12
C ARG E 173 38.87 46.74 0.72
N PHE E 174 39.62 46.05 -0.14
CA PHE E 174 40.65 45.12 0.30
C PHE E 174 42.02 45.79 0.35
N ASP E 175 42.18 46.71 1.31
CA ASP E 175 43.40 47.52 1.49
C ASP E 175 44.63 46.65 1.74
N ARG E 176 44.77 46.17 2.97
CA ARG E 176 45.92 45.37 3.35
C ARG E 176 45.91 44.03 2.60
N GLN E 177 47.07 43.41 2.47
CA GLN E 177 47.16 42.18 1.71
C GLN E 177 48.26 41.24 2.16
N VAL E 178 47.92 40.38 3.11
CA VAL E 178 48.82 39.39 3.70
C VAL E 178 49.33 38.31 2.73
N LEU E 179 50.59 38.43 2.31
CA LEU E 179 51.23 37.35 1.53
C LEU E 179 51.57 36.15 2.42
N VAL E 180 51.69 34.98 1.81
CA VAL E 180 51.94 33.72 2.49
C VAL E 180 52.44 32.75 1.45
N ASP E 181 53.58 32.13 1.72
CA ASP E 181 54.20 31.26 0.73
C ASP E 181 54.50 29.87 1.26
N LYS E 182 55.03 29.02 0.37
CA LYS E 182 55.42 27.66 0.73
C LYS E 182 56.49 27.72 1.83
N PRO E 183 56.42 26.80 2.81
CA PRO E 183 57.32 26.85 3.96
C PRO E 183 58.78 26.61 3.56
N ASP E 184 59.70 27.33 4.22
CA ASP E 184 61.14 27.14 4.07
C ASP E 184 61.50 25.76 4.64
N PHE E 185 62.77 25.52 4.97
CA PHE E 185 63.11 24.26 5.63
C PHE E 185 62.58 24.18 7.08
N ASN E 186 62.92 25.18 7.90
CA ASN E 186 62.48 25.23 9.30
C ASN E 186 60.95 25.27 9.43
N GLY E 187 60.32 26.08 8.56
CA GLY E 187 58.87 26.11 8.43
C GLY E 187 58.40 24.67 8.34
N ARG E 188 58.73 24.02 7.23
CA ARG E 188 58.45 22.59 7.01
C ARG E 188 58.65 21.71 8.23
N VAL E 189 59.71 21.99 9.00
CA VAL E 189 60.00 21.25 10.22
C VAL E 189 58.96 21.52 11.31
N GLU E 190 58.52 22.77 11.45
CA GLU E 190 57.47 23.04 12.42
C GLU E 190 56.07 22.73 11.89
N ILE E 191 55.90 22.75 10.55
CA ILE E 191 54.60 22.39 9.97
C ILE E 191 54.33 20.92 10.28
N LEU E 192 55.34 20.08 10.04
CA LEU E 192 55.27 18.65 10.33
C LEU E 192 55.07 18.45 11.82
N LYS E 193 55.65 19.36 12.60
CA LYS E 193 55.59 19.32 14.06
C LYS E 193 54.14 19.32 14.53
N VAL E 194 53.28 20.04 13.82
CA VAL E 194 51.87 20.10 14.21
C VAL E 194 51.18 18.79 13.86
N HIS E 195 51.35 18.33 12.62
CA HIS E 195 50.53 17.23 12.12
C HIS E 195 51.01 15.86 12.54
N ILE E 196 52.24 15.78 13.02
CA ILE E 196 52.76 14.55 13.59
C ILE E 196 52.15 14.27 14.99
N LYS E 197 51.59 15.32 15.60
CA LYS E 197 50.80 15.20 16.84
C LYS E 197 49.59 14.29 16.66
N GLY E 198 49.32 13.44 17.65
CA GLY E 198 48.18 12.52 17.61
C GLY E 198 48.55 11.16 17.04
N VAL E 199 49.74 11.10 16.45
CA VAL E 199 50.22 9.89 15.81
C VAL E 199 51.24 9.15 16.69
N LYS E 200 50.92 7.90 17.01
CA LYS E 200 51.86 6.99 17.62
C LYS E 200 53.12 7.00 16.77
N LEU E 201 54.30 6.99 17.40
CA LEU E 201 55.58 7.05 16.67
C LEU E 201 56.58 5.93 17.07
N ALA E 202 57.84 6.07 16.62
CA ALA E 202 58.81 4.96 16.74
C ALA E 202 60.27 5.39 17.03
N ASN E 203 60.48 6.68 17.26
CA ASN E 203 61.81 7.25 17.51
C ASN E 203 62.75 7.33 16.29
N ASP E 204 62.45 6.58 15.23
CA ASP E 204 63.05 6.81 13.91
C ASP E 204 62.83 8.28 13.60
N VAL E 205 61.52 8.62 13.50
CA VAL E 205 60.97 9.97 13.32
C VAL E 205 61.95 11.14 13.26
N ASN E 206 62.48 11.41 12.08
CA ASN E 206 63.36 12.57 11.88
C ASN E 206 62.81 13.55 10.83
N LEU E 207 62.00 14.49 11.31
CA LEU E 207 61.31 15.46 10.44
C LEU E 207 62.29 16.35 9.67
N GLN E 208 63.59 16.20 9.99
CA GLN E 208 64.65 16.88 9.26
C GLN E 208 64.83 16.27 7.87
N GLU E 209 65.05 14.96 7.82
CA GLU E 209 65.28 14.29 6.53
C GLU E 209 63.98 13.91 5.84
N VAL E 210 63.00 14.82 6.01
CA VAL E 210 61.72 14.71 5.34
C VAL E 210 61.60 16.01 4.57
N ALA E 211 61.50 17.12 5.31
CA ALA E 211 61.52 18.45 4.72
C ALA E 211 62.50 18.52 3.55
N LYS E 212 63.70 17.95 3.75
CA LYS E 212 64.79 17.95 2.78
C LYS E 212 64.36 17.44 1.39
N LEU E 213 63.61 16.33 1.39
CA LEU E 213 63.02 15.79 0.18
C LEU E 213 61.86 16.69 -0.25
N THR E 214 61.00 17.03 0.72
CA THR E 214 59.81 17.85 0.49
C THR E 214 60.12 19.31 0.17
N ALA E 215 60.96 19.49 -0.90
CA ALA E 215 61.32 20.83 -1.38
C ALA E 215 60.22 21.31 -2.31
N GLY E 216 59.55 22.41 -1.93
CA GLY E 216 58.56 23.05 -2.80
C GLY E 216 57.13 22.62 -2.54
N LEU E 217 56.93 21.36 -2.15
CA LEU E 217 55.58 20.87 -1.88
C LEU E 217 54.90 21.66 -0.76
N ALA E 218 53.70 22.15 -1.07
CA ALA E 218 52.90 23.05 -0.21
C ALA E 218 52.60 22.52 1.19
N GLY E 219 52.37 23.43 2.14
CA GLY E 219 52.03 23.06 3.51
C GLY E 219 51.00 21.94 3.60
N ALA E 220 49.89 22.12 2.89
CA ALA E 220 48.81 21.12 2.80
C ALA E 220 49.28 19.74 2.32
N ASP E 221 50.30 19.71 1.46
CA ASP E 221 50.93 18.45 0.99
C ASP E 221 51.66 17.72 2.09
N LEU E 222 52.25 18.50 3.01
CA LEU E 222 52.91 17.94 4.18
C LEU E 222 51.88 17.24 5.03
N ALA E 223 50.96 18.01 5.63
CA ALA E 223 49.97 17.44 6.53
C ALA E 223 49.42 16.16 5.93
N ASN E 224 49.38 16.16 4.61
CA ASN E 224 48.89 15.04 3.81
C ASN E 224 49.89 13.88 3.84
N ILE E 225 51.14 14.15 3.45
CA ILE E 225 52.22 13.16 3.54
C ILE E 225 52.26 12.44 4.90
N ILE E 226 52.05 13.17 6.00
CA ILE E 226 52.04 12.59 7.37
C ILE E 226 51.02 11.49 7.55
N ASN E 227 49.77 11.81 7.21
CA ASN E 227 48.69 10.83 7.31
C ASN E 227 48.81 9.75 6.25
N GLU E 228 49.21 10.14 5.05
CA GLU E 228 49.38 9.18 3.98
C GLU E 228 50.33 8.09 4.42
N ALA E 229 51.43 8.48 5.07
CA ALA E 229 52.39 7.52 5.60
C ALA E 229 51.83 6.81 6.83
N ALA E 230 51.18 7.56 7.74
CA ALA E 230 50.60 6.97 8.93
C ALA E 230 49.57 5.89 8.61
N LEU E 231 48.96 6.00 7.41
CA LEU E 231 48.03 5.00 6.84
C LEU E 231 48.76 3.83 6.19
N LEU E 232 49.97 4.08 5.72
CA LEU E 232 50.84 3.05 5.15
C LEU E 232 51.44 2.19 6.25
N ALA E 233 51.51 2.76 7.45
CA ALA E 233 51.98 2.05 8.63
C ALA E 233 50.97 0.97 8.99
N GLY E 234 49.84 1.39 9.61
CA GLY E 234 48.79 0.46 9.98
C GLY E 234 48.37 -0.54 8.89
N ARG E 235 48.83 -0.29 7.66
CA ARG E 235 48.46 -1.10 6.50
C ARG E 235 48.96 -2.54 6.66
N ASN E 236 50.27 -2.75 6.49
CA ASN E 236 50.92 -4.01 6.90
C ASN E 236 51.10 -4.03 8.41
N ASN E 237 50.13 -4.63 9.09
CA ASN E 237 49.93 -4.48 10.53
C ASN E 237 50.72 -3.31 11.12
N GLN E 238 51.85 -3.60 11.76
CA GLN E 238 52.72 -2.60 12.42
C GLN E 238 51.99 -1.66 13.38
N LYS E 239 52.54 -1.56 14.60
CA LYS E 239 51.99 -0.73 15.67
C LYS E 239 52.85 0.52 15.91
N GLU E 240 53.63 0.93 14.91
CA GLU E 240 54.62 1.98 15.13
C GLU E 240 54.41 3.28 14.35
N VAL E 241 54.64 3.23 13.03
CA VAL E 241 54.76 4.43 12.14
C VAL E 241 56.22 4.91 12.16
N ARG E 242 57.10 4.12 11.60
CA ARG E 242 58.53 4.43 11.57
C ARG E 242 58.87 5.38 10.43
N GLN E 243 59.93 6.16 10.59
CA GLN E 243 60.32 7.18 9.60
C GLN E 243 60.72 6.57 8.26
N GLN E 244 60.64 5.23 8.22
CA GLN E 244 60.73 4.46 7.00
C GLN E 244 59.47 4.77 6.17
N HIS E 245 58.30 4.73 6.83
CA HIS E 245 57.03 4.98 6.19
C HIS E 245 56.90 6.39 5.62
N LEU E 246 57.53 7.36 6.28
CA LEU E 246 57.49 8.75 5.83
C LEU E 246 58.32 8.92 4.58
N LYS E 247 59.47 8.24 4.57
CA LYS E 247 60.34 8.21 3.41
C LYS E 247 59.61 7.50 2.29
N GLU E 248 58.67 6.63 2.67
CA GLU E 248 57.83 5.90 1.73
C GLU E 248 56.78 6.80 1.09
N ALA E 249 56.22 7.72 1.89
CA ALA E 249 55.49 8.87 1.34
C ALA E 249 56.51 9.77 0.65
N VAL E 250 56.11 10.98 0.27
CA VAL E 250 56.93 11.83 -0.63
C VAL E 250 56.91 11.22 -2.05
N GLU E 251 56.14 10.14 -2.20
CA GLU E 251 55.96 9.45 -3.47
C GLU E 251 55.10 10.27 -4.43
N ARG E 252 54.32 11.18 -3.86
CA ARG E 252 53.54 12.11 -4.66
C ARG E 252 54.47 13.15 -5.29
N GLY E 253 55.33 12.66 -6.18
CA GLY E 253 56.07 13.50 -7.11
C GLY E 253 55.26 13.63 -8.38
N ILE E 254 53.96 13.38 -8.24
CA ILE E 254 52.98 13.50 -9.32
C ILE E 254 52.86 14.96 -9.73
N ALA E 255 52.98 15.20 -11.04
CA ALA E 255 52.69 16.50 -11.62
C ALA E 255 51.17 16.71 -11.61
N GLY E 256 50.45 15.73 -12.16
CA GLY E 256 48.99 15.77 -12.22
C GLY E 256 48.45 16.67 -13.32
N LEU E 257 48.69 16.29 -14.58
CA LEU E 257 48.15 17.00 -15.75
C LEU E 257 46.63 16.72 -15.94
N GLU E 258 45.97 17.52 -16.81
CA GLU E 258 44.56 17.24 -17.17
C GLU E 258 44.45 16.53 -18.54
N LYS E 259 44.55 15.19 -18.50
CA LYS E 259 44.63 14.36 -19.71
C LYS E 259 43.28 14.25 -20.45
PB ADP F . -38.53 -17.21 31.60
O1B ADP F . -38.29 -15.83 32.18
O2B ADP F . -37.32 -18.14 31.55
O3B ADP F . -39.34 -17.22 30.33
PA ADP F . -40.71 -17.29 33.47
O1A ADP F . -42.01 -17.83 32.88
O2A ADP F . -40.44 -15.83 33.67
O3A ADP F . -39.45 -17.95 32.71
O5' ADP F . -40.63 -17.92 34.93
C5' ADP F . -41.94 -18.21 35.51
C4' ADP F . -42.09 -17.87 37.02
O4' ADP F . -41.26 -16.83 37.55
C3' ADP F . -43.50 -17.35 37.08
O3' ADP F . -44.33 -18.32 37.72
C2' ADP F . -43.43 -16.04 37.83
O2' ADP F . -44.28 -16.00 38.96
C1' ADP F . -42.03 -15.92 38.33
N9 ADP F . -41.67 -14.52 38.08
C8 ADP F . -40.64 -14.10 37.32
N7 ADP F . -40.56 -12.74 37.28
C5 ADP F . -41.56 -12.28 38.03
C6 ADP F . -42.03 -10.93 38.38
N6 ADP F . -41.39 -9.84 37.90
N1 ADP F . -43.10 -10.85 39.19
C2 ADP F . -43.73 -11.96 39.64
N3 ADP F . -43.34 -13.22 39.34
C4 ADP F . -42.28 -13.44 38.55
PB ADP G . -28.23 -4.59 1.82
O1B ADP G . -28.52 -5.93 1.17
O2B ADP G . -27.52 -4.72 3.16
O3B ADP G . -27.66 -3.55 0.89
PA ADP G . -30.82 -3.96 1.07
O1A ADP G . -30.22 -3.11 -0.05
O2A ADP G . -31.28 -5.40 0.89
O3A ADP G . -29.68 -3.98 2.22
O5' ADP G . -32.10 -3.11 1.58
C5' ADP G . -33.28 -3.30 0.81
C4' ADP G . -34.34 -2.49 1.50
O4' ADP G . -33.99 -1.13 1.35
C3' ADP G . -35.64 -2.70 0.77
O3' ADP G . -36.49 -3.59 1.50
C2' ADP G . -36.24 -1.31 0.58
O2' ADP G . -37.45 -1.06 1.31
C1' ADP G . -35.15 -0.35 1.01
N9 ADP G . -34.86 0.62 -0.10
C8 ADP G . -33.63 0.99 -0.53
N7 ADP G . -33.69 1.88 -1.56
C5 ADP G . -34.98 2.08 -1.82
C6 ADP G . -35.75 2.89 -2.79
N6 ADP G . -35.11 3.67 -3.70
N1 ADP G . -37.10 2.82 -2.74
C2 ADP G . -37.75 2.04 -1.84
N3 ADP G . -37.12 1.29 -0.92
C4 ADP G . -35.76 1.26 -0.86
PB ADP H . -4.09 -4.56 -21.40
O1B ADP H . -3.87 -5.35 -20.14
O2B ADP H . -4.34 -3.11 -21.14
O3B ADP H . -3.18 -4.81 -22.55
PA ADP H . -6.09 -6.49 -22.11
O1A ADP H . -6.90 -6.99 -20.93
O2A ADP H . -4.95 -7.30 -22.68
O3A ADP H . -5.55 -4.98 -21.92
O5' ADP H . -7.23 -6.25 -23.21
C5' ADP H . -7.83 -7.45 -23.61
C4' ADP H . -9.23 -7.37 -24.14
O4' ADP H . -9.34 -6.67 -25.38
C3' ADP H . -9.37 -8.82 -24.47
O3' ADP H . -10.70 -9.23 -24.16
C2' ADP H . -8.99 -8.90 -25.93
O2' ADP H . -9.80 -9.84 -26.59
C1' ADP H . -9.29 -7.54 -26.52
N9 ADP H . -8.10 -7.23 -27.33
C8 ADP H . -7.21 -6.26 -27.05
N7 ADP H . -6.22 -6.22 -27.96
C5 ADP H . -6.47 -7.19 -28.85
C6 ADP H . -5.81 -7.69 -30.06
N6 ADP H . -4.67 -7.15 -30.50
N1 ADP H . -6.38 -8.70 -30.70
C2 ADP H . -7.52 -9.25 -30.27
N3 ADP H . -8.17 -8.84 -29.18
C4 ADP H . -7.70 -7.84 -28.43
PB ADP I . 30.10 -0.12 -14.87
O1B ADP I . 30.46 -0.11 -13.40
O2B ADP I . 31.28 0.22 -15.77
O3B ADP I . 28.75 0.56 -15.23
PA ADP I . 29.39 -2.69 -14.04
O1A ADP I . 28.03 -2.20 -13.64
O2A ADP I . 30.42 -2.91 -12.97
O3A ADP I . 29.98 -1.70 -15.17
O5' ADP I . 29.18 -4.05 -14.86
C5' ADP I . 29.23 -5.23 -14.10
C4' ADP I . 29.31 -6.45 -14.99
O4' ADP I . 30.50 -6.55 -15.78
C3' ADP I . 29.36 -7.60 -14.01
O3' ADP I . 28.07 -8.20 -13.90
C2' ADP I . 30.39 -8.53 -14.56
O2' ADP I . 29.86 -9.83 -14.75
C1' ADP I . 30.90 -7.91 -15.85
N9 ADP I . 32.35 -8.20 -15.76
C8 ADP I . 32.87 -9.37 -16.17
N7 ADP I . 34.20 -9.50 -15.95
C5 ADP I . 34.57 -8.38 -15.38
C6 ADP I . 35.85 -7.88 -14.90
N6 ADP I . 36.96 -8.64 -15.04
N1 ADP I . 35.87 -6.66 -14.34
C2 ADP I . 34.74 -5.93 -14.22
N3 ADP I . 33.51 -6.32 -14.64
C4 ADP I . 33.37 -7.52 -15.23
PB ADP J . 44.45 27.32 0.66
O1B ADP J . 43.46 28.12 1.51
O2B ADP J . 43.83 26.74 -0.62
O3B ADP J . 45.82 27.97 0.54
PA ADP J . 44.27 25.90 3.11
O1A ADP J . 42.82 25.46 3.19
O2A ADP J . 44.58 27.22 3.78
O3A ADP J . 44.73 26.01 1.56
O5' ADP J . 45.16 24.66 3.63
C5' ADP J . 44.35 23.52 4.06
C4' ADP J . 45.18 22.55 4.88
O4' ADP J . 46.59 22.65 4.65
C3' ADP J . 44.97 22.80 6.36
O3' ADP J . 43.90 21.98 6.87
C2' ADP J . 46.31 22.43 7.00
O2' ADP J . 46.27 21.11 7.50
C1' ADP J . 47.33 22.48 5.87
N9 ADP J . 48.26 23.64 6.10
C8 ADP J . 48.61 24.52 5.14
N7 ADP J . 49.44 25.47 5.64
C5 ADP J . 49.63 25.19 6.93
C6 ADP J . 50.40 25.80 8.05
N6 ADP J . 51.12 26.92 7.82
N1 ADP J . 50.34 25.23 9.28
C2 ADP J . 49.59 24.11 9.49
N3 ADP J . 48.87 23.50 8.53
C4 ADP J . 48.85 23.98 7.24
#